data_6R2Q
#
_entry.id   6R2Q
#
_cell.length_a   212.042
_cell.length_b   234.165
_cell.length_c   99.192
_cell.angle_alpha   90.000
_cell.angle_beta   90.000
_cell.angle_gamma   90.000
#
_symmetry.space_group_name_H-M   'C 2 2 21'
#
loop_
_entity.id
_entity.type
_entity.pdbx_description
1 polymer 'Cystathionine beta-synthase'
2 polymer 'Uncharacterized protein'
3 polymer 'Decaheme c-type cytochrome, OmcA/MtrC family'
4 non-polymer 'HEME C'
5 non-polymer 'CALCIUM ION'
6 water water
#
loop_
_entity_poly.entity_id
_entity_poly.type
_entity_poly.pdbx_seq_one_letter_code
_entity_poly.pdbx_strand_id
1 'polypeptide(L)'
;MKNSLKMKNLLPALVITMAMSAVMSLCIAPNAYASKWDAKMTPEQVEATLDKKFAEGNYSPKGADSCLMCHKKSEKVMDL
FKGVHGAIDSSKSPMAGLQCEACHGPLGQHNKGGNEPMITFGKQSTLSAEKQNSVCMSCHQDDKRVSWNGSHHDNADVAC
ASCHQVHVAKDPVLSKNTEMEVCTSCHTKQKADMNKRSSHPLKWAQMTCSDCHNPHGSMTDSDLNKPSINETCYSCHAEK
RGPKLWEHAPVTENCVTCHNPHGSVNDAMLKTRAPQLCQQCHASDGHASNAYLGNTGLGSNVGDNAFTGGRSCLNCHSQV
HGSNHPSGKLLQR
;
A
2 'polypeptide(L)'
;MKFKLNLITLALLANTGFAIAADGYGLANANTEKVKMSAWSCKGCVVETGTSGTVGVGVGYNSEEDIRSANAFGTSNEVA
GKLDADVTFRGEKGYRASVEAYQLGMDGGRLEVNAGKQGQYNVNVNYRQIATYNSNSALTPYSGVGSDNLTLPDNWVTAG
SSSQMPLLMDSLNSLELSLKRERTGLGFDYQGESLWSTHVSYMREEKTGLKKASGGFFNQSMMLAEPVDYTTDSIEAGIK
LKGDNWFTALNYNGSIFKNEYNQLNFDSAFNPTFGAQTSGSIALDPDNQSHTVSLMGQYNDSTNVLSARLLTGQMSQDQA
LVTSGYGYQVPTEALDAKVDLIGLNLKVVSKVTNSLRLSGSYDYNDRDNNTQIEEWTQVSINNVNGKVAYNTPYDNTSQR
FKVAADYRITRGMKLDGGYDFRRDERNYQDRETTDENTVWARFRVNSFETWDMWVKGSYGQRDGSEYQASEWTSSETNSL
LRKYNLANRDRTQVEARVTHSPIESLTIDFGARYALDDYTDTVIGLTESKDTSYDANISYMITDDLLANAFYNYQIIESE
QAGSSNYSTPTWTGFIEDKVDVVGAGISYNNLLENKLRMGLDYTYSDSNSNTQVRQGITGDYGDYFAKVHNINLYAQYQA
TEKMALRFDYKIENYKDNDAANDIAVNGIWNVVGFGDNSHDYTAQMIMLSMSYKI
;
B
3 'polypeptide(L)'
;MMNAQTTKIALLLAASAVTMALTGCGGSDGNDGNPGEPGGEPAPAIQILNFTFDKSVITNGVPSVEFTVTNENDLPVVGL
QKMRFAAAQLIPQGATGAGNASQWQYFGDETCDVAATCPGTFVDQKNGHYSYTFNMNLTANAKITYNDQLAQRVLIRAYN
TPLPDGTQVPNSNAFVDFTADTGAAPTYSRKIVATESCNTCHQDLANVKHGGAYSDVNYCATCHTAGKVGVGKEFNVLVH
AKHKDLTLGSLESCQSCHAANDAAPDWGNWSRIPTAATCGSCHSTVDFAAGKGHSQQLDNSNCIACHNSDWTAELHTGKT
ADKKAVIAQLGMQATLVGQTDDTAVLTVSILDKDGNAIDAATVQDKIKRLETVTNVGPNFPIMGYNKSPGSGAAKIAKDL
VKDGALQAGVTLVDGKLVFTTPALPFGTGDTDTAFTFIGLEMCSTGTSLTACTVDSATTSMKAELAFGTKSGNAPSMRHV
NSVNFSTCQGCHSDTFEIHKGHHSGFVMTEQVSHAKDANGKAIVGVDGCVACHTPDGTYASGANKGAFEMKLHVIHGEQG
VIKECTQCHNDFNLDAFKVKGALATSAGKYTTPITATCTSCHAPESIGHGLENMGAIVNGDYVQANQAAQSETCFYCHKP
TPTDHTQVKM
;
C
#
loop_
_chem_comp.id
_chem_comp.type
_chem_comp.name
_chem_comp.formula
CA non-polymer 'CALCIUM ION' 'Ca 2'
HEC non-polymer 'HEME C' 'C34 H34 Fe N4 O4'
#
# COMPACT_ATOMS: atom_id res chain seq x y z
N LYS A 62 -28.26 -11.97 72.46
CA LYS A 62 -26.91 -12.42 72.14
C LYS A 62 -25.98 -11.21 71.90
N GLY A 63 -25.14 -11.29 70.87
CA GLY A 63 -24.37 -10.16 70.40
C GLY A 63 -22.85 -10.24 70.46
N ALA A 64 -22.29 -10.66 71.59
CA ALA A 64 -20.84 -10.69 71.77
C ALA A 64 -20.22 -9.32 71.47
N ASP A 65 -20.65 -8.32 72.26
CA ASP A 65 -20.22 -6.92 72.18
C ASP A 65 -18.83 -6.69 72.80
N SER A 66 -18.07 -7.75 73.05
CA SER A 66 -16.96 -7.72 74.00
C SER A 66 -15.60 -7.99 73.38
N CYS A 67 -15.54 -8.52 72.17
CA CYS A 67 -14.26 -8.71 71.49
C CYS A 67 -13.57 -7.36 71.36
N LEU A 68 -14.37 -6.29 71.36
CA LEU A 68 -13.88 -4.94 71.15
C LEU A 68 -13.07 -4.42 72.33
N MET A 69 -13.55 -4.64 73.56
CA MET A 69 -12.93 -3.93 74.68
C MET A 69 -11.54 -4.44 75.03
N CYS A 70 -11.24 -5.74 74.82
CA CYS A 70 -9.86 -6.20 74.91
C CYS A 70 -8.94 -5.53 73.90
N HIS A 71 -9.48 -5.10 72.77
CA HIS A 71 -8.65 -4.58 71.69
C HIS A 71 -8.59 -3.06 71.70
N LYS A 72 -7.38 -2.53 71.44
CA LYS A 72 -7.02 -1.13 71.65
C LYS A 72 -8.04 -0.18 71.03
N LYS A 73 -8.87 0.37 71.90
CA LYS A 73 -9.80 1.46 71.63
C LYS A 73 -9.12 2.72 71.10
N MET A 78 -5.66 3.74 65.39
CA MET A 78 -6.16 2.37 65.48
C MET A 78 -7.13 2.09 64.35
N ASP A 79 -7.69 0.87 64.38
CA ASP A 79 -8.63 0.46 63.35
C ASP A 79 -10.03 1.03 63.51
N LEU A 80 -10.11 2.33 63.26
CA LEU A 80 -11.38 3.04 63.19
C LEU A 80 -12.28 2.36 62.17
N PHE A 81 -13.55 2.23 62.50
CA PHE A 81 -14.56 1.62 61.63
C PHE A 81 -15.48 2.74 61.16
N LYS A 82 -14.85 3.81 60.69
CA LYS A 82 -15.54 4.91 60.04
C LYS A 82 -16.08 4.48 58.66
N GLY A 83 -15.60 3.35 58.13
CA GLY A 83 -15.90 2.85 56.79
C GLY A 83 -17.24 2.14 56.64
N VAL A 84 -17.38 1.45 55.48
CA VAL A 84 -18.64 0.79 55.12
C VAL A 84 -18.89 -0.45 55.98
N HIS A 85 -17.84 -1.23 56.29
CA HIS A 85 -17.99 -2.46 57.07
C HIS A 85 -18.07 -2.21 58.58
N GLY A 86 -17.84 -0.96 59.03
CA GLY A 86 -18.15 -0.53 60.38
C GLY A 86 -19.52 0.07 60.57
N ALA A 87 -20.23 0.30 59.48
CA ALA A 87 -21.60 0.78 59.53
C ALA A 87 -22.50 -0.28 60.15
N ILE A 88 -23.73 0.11 60.46
CA ILE A 88 -24.60 -0.68 61.32
C ILE A 88 -26.01 -0.90 60.78
N ASP A 89 -26.50 -0.01 59.92
CA ASP A 89 -27.94 0.02 59.63
C ASP A 89 -28.40 -1.27 58.92
N SER A 90 -27.68 -1.69 57.89
CA SER A 90 -28.21 -2.74 57.03
C SER A 90 -27.94 -4.14 57.57
N SER A 91 -28.70 -5.10 57.03
CA SER A 91 -28.66 -6.49 57.49
C SER A 91 -27.38 -7.21 57.09
N LYS A 92 -26.37 -6.49 56.59
CA LYS A 92 -25.10 -7.07 56.18
C LYS A 92 -23.95 -6.47 56.99
N SER A 93 -22.98 -7.34 57.35
CA SER A 93 -21.81 -7.11 58.21
C SER A 93 -22.28 -7.11 59.67
N PRO A 94 -22.15 -6.03 60.51
CA PRO A 94 -22.32 -6.26 61.95
C PRO A 94 -23.76 -6.51 62.43
N MET A 95 -24.70 -5.60 62.19
CA MET A 95 -26.04 -5.72 62.73
C MET A 95 -26.86 -6.76 61.98
N ALA A 96 -27.71 -7.50 62.71
CA ALA A 96 -28.48 -8.63 62.15
C ALA A 96 -27.58 -9.65 61.45
N GLY A 97 -26.31 -9.63 61.83
CA GLY A 97 -25.27 -10.48 61.27
C GLY A 97 -24.32 -10.84 62.39
N LEU A 98 -23.25 -11.55 62.04
CA LEU A 98 -22.37 -12.18 63.03
C LEU A 98 -21.16 -11.30 63.41
N GLN A 99 -21.19 -9.99 63.14
CA GLN A 99 -20.14 -9.04 63.53
C GLN A 99 -18.76 -9.67 63.36
N CYS A 100 -17.75 -9.28 64.17
CA CYS A 100 -16.36 -9.64 63.87
C CYS A 100 -16.22 -11.16 63.71
N GLU A 101 -17.30 -11.91 63.94
CA GLU A 101 -17.37 -13.34 63.60
C GLU A 101 -17.25 -13.58 62.11
N ALA A 102 -18.09 -12.91 61.31
CA ALA A 102 -18.12 -13.10 59.87
C ALA A 102 -16.74 -13.14 59.21
N CYS A 103 -15.86 -12.21 59.55
CA CYS A 103 -14.53 -12.13 58.96
C CYS A 103 -13.44 -12.81 59.78
N HIS A 104 -13.67 -13.10 61.06
CA HIS A 104 -12.66 -13.71 61.92
C HIS A 104 -13.14 -15.06 62.47
N GLY A 105 -14.07 -15.15 63.46
CA GLY A 105 -14.82 -16.40 63.68
C GLY A 105 -14.93 -17.07 65.07
N PRO A 106 -15.74 -16.51 66.04
CA PRO A 106 -15.79 -17.01 67.46
C PRO A 106 -16.87 -18.01 67.87
N LEU A 107 -16.81 -19.24 67.33
CA LEU A 107 -17.47 -20.34 68.01
C LEU A 107 -16.96 -20.46 69.45
N GLY A 108 -15.62 -20.40 69.61
CA GLY A 108 -14.92 -20.12 70.86
C GLY A 108 -13.66 -19.30 70.59
N GLN A 109 -13.70 -17.99 70.86
CA GLN A 109 -12.74 -17.01 70.32
C GLN A 109 -11.28 -17.30 70.67
N HIS A 110 -10.37 -16.69 69.88
CA HIS A 110 -8.93 -16.98 69.94
C HIS A 110 -8.42 -16.74 71.35
N ASN A 111 -7.19 -17.19 71.62
CA ASN A 111 -6.76 -17.34 73.00
C ASN A 111 -7.67 -18.38 73.64
N LYS A 112 -7.65 -19.58 73.02
CA LYS A 112 -8.63 -20.64 73.24
C LYS A 112 -8.07 -21.83 74.03
N GLU A 116 -6.60 -24.49 64.73
CA GLU A 116 -6.74 -24.13 63.33
C GLU A 116 -8.15 -24.33 62.75
N PRO A 117 -8.77 -25.50 62.99
CA PRO A 117 -10.11 -25.77 62.43
C PRO A 117 -11.29 -25.41 63.35
N MET A 118 -12.17 -24.51 62.89
CA MET A 118 -13.35 -24.08 63.65
C MET A 118 -12.93 -23.15 64.79
N ILE A 119 -11.94 -22.28 64.51
CA ILE A 119 -11.31 -21.46 65.53
C ILE A 119 -11.21 -20.03 65.03
N THR A 120 -11.01 -19.12 65.97
CA THR A 120 -11.24 -17.68 65.78
C THR A 120 -9.97 -16.88 65.52
N PHE A 121 -9.17 -17.27 64.54
CA PHE A 121 -7.86 -16.64 64.33
C PHE A 121 -7.66 -16.33 62.86
N GLY A 122 -8.60 -15.56 62.28
CA GLY A 122 -8.43 -15.23 60.88
C GLY A 122 -7.52 -14.04 60.62
N LYS A 123 -6.22 -14.29 60.45
CA LYS A 123 -5.17 -13.43 59.85
C LYS A 123 -5.69 -12.28 58.99
N GLN A 124 -6.21 -12.59 57.78
CA GLN A 124 -6.68 -11.67 56.72
C GLN A 124 -5.74 -10.70 55.97
N SER A 125 -4.47 -11.00 55.68
CA SER A 125 -3.64 -9.99 54.98
C SER A 125 -2.61 -10.67 54.05
N THR A 126 -1.58 -9.91 53.66
CA THR A 126 -0.44 -10.34 52.83
C THR A 126 0.41 -11.43 53.50
N LEU A 127 0.14 -11.74 54.77
CA LEU A 127 1.06 -12.44 55.68
C LEU A 127 0.94 -13.97 55.74
N SER A 128 -0.03 -14.48 56.50
CA SER A 128 -0.07 -15.90 56.90
C SER A 128 -0.73 -16.95 56.01
N ALA A 129 -2.05 -16.92 55.91
CA ALA A 129 -2.91 -17.83 55.16
C ALA A 129 -2.94 -17.49 53.66
N GLU A 130 -3.50 -18.39 52.87
CA GLU A 130 -3.78 -18.04 51.49
C GLU A 130 -4.85 -18.95 50.90
N LYS A 131 -5.53 -18.42 49.87
CA LYS A 131 -6.92 -18.81 49.56
C LYS A 131 -7.88 -18.57 50.72
N GLN A 132 -7.69 -17.49 51.49
CA GLN A 132 -8.68 -17.09 52.49
C GLN A 132 -9.87 -16.34 51.93
N ASN A 133 -9.80 -15.95 50.66
CA ASN A 133 -10.89 -15.27 49.94
C ASN A 133 -12.28 -15.86 50.15
N SER A 134 -12.34 -17.18 50.39
CA SER A 134 -13.56 -17.90 50.78
C SER A 134 -14.52 -17.04 51.59
N VAL A 135 -13.99 -16.30 52.56
CA VAL A 135 -14.84 -15.58 53.51
C VAL A 135 -15.55 -14.43 52.79
N CYS A 136 -14.80 -13.53 52.14
CA CYS A 136 -15.48 -12.43 51.49
C CYS A 136 -16.30 -12.90 50.29
N MET A 137 -16.09 -14.13 49.82
CA MET A 137 -16.83 -14.63 48.67
C MET A 137 -18.22 -15.12 49.08
N SER A 138 -18.39 -15.61 50.30
CA SER A 138 -19.71 -15.91 50.81
C SER A 138 -20.62 -14.69 50.75
N CYS A 139 -20.04 -13.48 50.65
CA CYS A 139 -20.75 -12.22 50.87
C CYS A 139 -20.83 -11.34 49.63
N HIS A 140 -19.99 -11.55 48.61
CA HIS A 140 -19.74 -10.57 47.55
C HIS A 140 -19.87 -10.99 46.09
N GLN A 141 -20.14 -12.26 45.80
CA GLN A 141 -20.26 -12.65 44.40
C GLN A 141 -21.36 -11.90 43.65
N ASP A 142 -21.15 -10.63 43.25
CA ASP A 142 -22.16 -9.92 42.45
C ASP A 142 -21.87 -10.22 40.97
N ASP A 143 -22.41 -9.40 40.05
CA ASP A 143 -22.14 -9.63 38.63
C ASP A 143 -20.67 -9.42 38.25
N LYS A 144 -19.89 -8.71 39.07
CA LYS A 144 -18.54 -8.32 38.67
C LYS A 144 -17.46 -9.28 39.14
N ARG A 145 -17.71 -10.03 40.22
CA ARG A 145 -16.74 -10.98 40.72
C ARG A 145 -16.90 -12.36 40.08
N VAL A 146 -17.70 -12.48 39.01
CA VAL A 146 -17.74 -13.70 38.23
C VAL A 146 -16.43 -13.89 37.46
N SER A 147 -16.11 -15.14 37.17
CA SER A 147 -14.88 -15.58 36.53
C SER A 147 -13.68 -15.33 37.45
N TRP A 148 -13.91 -14.81 38.66
CA TRP A 148 -12.84 -14.66 39.63
C TRP A 148 -12.21 -15.99 39.98
N ASN A 149 -13.01 -17.06 40.01
CA ASN A 149 -12.52 -18.31 40.58
C ASN A 149 -11.42 -18.95 39.74
N GLY A 150 -11.33 -18.64 38.46
CA GLY A 150 -10.22 -19.06 37.65
C GLY A 150 -9.40 -17.86 37.20
N SER A 151 -9.55 -16.74 37.90
CA SER A 151 -9.01 -15.47 37.44
C SER A 151 -7.49 -15.49 37.52
N HIS A 152 -6.86 -14.70 36.64
CA HIS A 152 -5.40 -14.62 36.62
C HIS A 152 -4.88 -14.21 37.99
N HIS A 153 -5.67 -13.43 38.72
CA HIS A 153 -5.33 -13.02 40.08
C HIS A 153 -5.54 -14.16 41.07
N ASP A 154 -6.69 -14.81 41.04
CA ASP A 154 -6.92 -15.92 41.95
C ASP A 154 -5.86 -17.02 41.76
N ASN A 155 -5.60 -17.41 40.51
CA ASN A 155 -4.55 -18.40 40.24
C ASN A 155 -3.14 -17.87 40.52
N ALA A 156 -2.97 -16.57 40.69
CA ALA A 156 -1.69 -16.01 41.10
C ALA A 156 -1.57 -15.91 42.60
N ASP A 157 -2.47 -16.57 43.34
CA ASP A 157 -2.50 -16.48 44.79
C ASP A 157 -2.54 -15.02 45.24
N VAL A 158 -3.26 -14.21 44.48
CA VAL A 158 -3.54 -12.84 44.90
C VAL A 158 -4.81 -12.90 45.76
N ALA A 159 -4.91 -12.00 46.72
CA ALA A 159 -6.00 -12.01 47.68
C ALA A 159 -6.76 -10.69 47.68
N CYS A 160 -8.06 -10.78 47.99
CA CYS A 160 -8.86 -9.56 48.12
C CYS A 160 -8.22 -8.57 49.08
N ALA A 161 -7.49 -9.08 50.08
CA ALA A 161 -6.84 -8.21 51.07
C ALA A 161 -5.61 -7.49 50.53
N SER A 162 -4.84 -8.09 49.60
CA SER A 162 -3.66 -7.40 49.08
C SER A 162 -4.02 -6.12 48.35
N CYS A 163 -5.19 -6.08 47.74
CA CYS A 163 -5.72 -4.88 47.10
C CYS A 163 -6.46 -4.05 48.14
N HIS A 164 -7.62 -4.53 48.61
CA HIS A 164 -8.45 -3.76 49.52
C HIS A 164 -8.02 -3.84 50.98
N GLN A 165 -8.36 -2.79 51.75
CA GLN A 165 -8.26 -2.81 53.21
C GLN A 165 -9.48 -2.16 53.85
N VAL A 166 -10.04 -2.82 54.87
CA VAL A 166 -11.36 -2.48 55.42
C VAL A 166 -11.23 -1.59 56.66
N HIS A 167 -10.11 -1.70 57.39
CA HIS A 167 -10.01 -1.25 58.77
C HIS A 167 -9.64 0.23 58.82
N VAL A 168 -9.87 0.94 57.70
CA VAL A 168 -9.77 2.39 57.66
C VAL A 168 -10.86 2.92 56.73
N ALA A 169 -11.38 4.11 57.08
CA ALA A 169 -12.58 4.74 56.53
C ALA A 169 -12.90 4.35 55.09
N LYS A 170 -12.33 5.11 54.14
CA LYS A 170 -12.59 5.02 52.70
C LYS A 170 -11.38 4.36 52.04
N ASP A 171 -11.62 3.23 51.36
CA ASP A 171 -10.53 2.39 50.83
C ASP A 171 -9.69 3.13 49.79
N PRO A 172 -8.35 3.11 49.90
CA PRO A 172 -7.51 3.75 48.85
C PRO A 172 -7.72 3.24 47.43
N VAL A 173 -7.98 1.94 47.24
CA VAL A 173 -8.00 1.40 45.89
C VAL A 173 -9.09 2.06 45.07
N LEU A 174 -10.15 2.54 45.71
CA LEU A 174 -11.27 3.09 44.96
C LEU A 174 -11.23 4.61 44.83
N SER A 175 -10.21 5.27 45.38
CA SER A 175 -9.77 6.53 44.81
C SER A 175 -9.24 6.24 43.42
N LYS A 176 -9.65 7.03 42.43
CA LYS A 176 -9.10 6.80 41.11
C LYS A 176 -7.80 7.55 40.87
N ASN A 177 -7.48 8.54 41.71
CA ASN A 177 -6.14 9.13 41.77
C ASN A 177 -5.05 8.10 42.10
N THR A 178 -5.40 6.96 42.74
CA THR A 178 -4.42 6.01 43.25
C THR A 178 -4.48 4.58 42.69
N GLU A 179 -5.60 4.16 42.07
CA GLU A 179 -5.74 2.76 41.62
C GLU A 179 -4.59 2.30 40.71
N MET A 180 -3.83 3.25 40.19
CA MET A 180 -2.67 2.93 39.38
C MET A 180 -1.51 2.49 40.26
N GLU A 181 -1.16 3.34 41.23
CA GLU A 181 0.01 3.04 42.06
C GLU A 181 -0.06 1.63 42.64
N VAL A 182 -1.27 1.18 43.01
CA VAL A 182 -1.48 -0.20 43.46
C VAL A 182 -1.28 -1.21 42.32
N CYS A 183 -1.76 -0.90 41.10
CA CYS A 183 -1.71 -1.95 40.06
C CYS A 183 -0.31 -2.07 39.49
N THR A 184 0.34 -0.94 39.27
CA THR A 184 1.71 -0.88 38.75
C THR A 184 2.76 -1.45 39.71
N SER A 185 2.41 -1.77 40.98
CA SER A 185 3.38 -2.36 41.88
C SER A 185 3.89 -3.69 41.33
N CYS A 186 2.98 -4.51 40.79
CA CYS A 186 3.33 -5.76 40.12
C CYS A 186 3.45 -5.56 38.61
N HIS A 187 2.49 -4.86 38.00
CA HIS A 187 2.50 -4.68 36.54
C HIS A 187 3.40 -3.51 36.19
N THR A 188 4.70 -3.81 36.21
CA THR A 188 5.75 -2.82 36.01
C THR A 188 5.81 -2.39 34.55
N LYS A 189 5.29 -3.21 33.60
CA LYS A 189 5.37 -2.87 32.18
C LYS A 189 4.54 -1.63 31.89
N GLN A 190 3.37 -1.56 32.51
CA GLN A 190 2.45 -0.46 32.23
C GLN A 190 3.04 0.85 32.73
N LYS A 191 3.88 0.78 33.77
CA LYS A 191 4.52 1.98 34.25
C LYS A 191 5.50 2.56 33.22
N ALA A 192 6.13 1.72 32.39
CA ALA A 192 6.81 2.25 31.20
C ALA A 192 5.81 2.81 30.20
N ASP A 193 4.80 2.01 29.85
CA ASP A 193 3.94 2.33 28.72
C ASP A 193 3.23 3.67 28.86
N MET A 194 2.75 4.03 30.05
CA MET A 194 2.07 5.32 30.12
C MET A 194 3.00 6.50 30.32
N ASN A 195 4.31 6.29 30.27
CA ASN A 195 5.27 7.35 30.07
C ASN A 195 5.71 7.50 28.62
N LYS A 196 5.20 6.65 27.72
CA LYS A 196 5.62 6.69 26.33
C LYS A 196 5.06 7.96 25.66
N ARG A 197 5.50 8.21 24.42
CA ARG A 197 5.09 9.41 23.67
C ARG A 197 3.60 9.64 23.64
N SER A 198 2.83 8.62 23.28
CA SER A 198 1.37 8.70 23.20
C SER A 198 0.81 7.64 24.14
N SER A 199 -0.33 7.92 24.76
CA SER A 199 -1.04 6.89 25.51
C SER A 199 -2.23 7.53 26.18
N HIS A 200 -3.07 6.68 26.77
CA HIS A 200 -4.19 7.20 27.52
C HIS A 200 -3.70 7.98 28.73
N PRO A 201 -4.46 8.99 29.12
CA PRO A 201 -4.01 9.96 30.13
C PRO A 201 -4.10 9.43 31.55
N LEU A 202 -3.31 8.40 31.83
CA LEU A 202 -3.25 7.80 33.16
C LEU A 202 -2.20 8.45 34.06
N LYS A 203 -1.14 9.02 33.48
CA LYS A 203 -0.04 9.53 34.28
C LYS A 203 -0.58 10.48 35.34
N TRP A 204 -1.30 11.52 34.92
CA TRP A 204 -1.94 12.44 35.86
C TRP A 204 -3.37 12.06 36.19
N ALA A 205 -3.72 10.78 36.09
CA ALA A 205 -4.89 10.28 36.75
C ALA A 205 -6.16 10.94 36.21
N GLN A 206 -6.19 11.20 34.90
CA GLN A 206 -7.48 11.47 34.30
C GLN A 206 -8.21 10.16 34.03
N MET A 207 -7.46 9.06 33.90
CA MET A 207 -8.00 7.71 33.74
C MET A 207 -7.16 6.69 34.50
N THR A 208 -7.75 5.51 34.69
CA THR A 208 -7.04 4.37 35.26
C THR A 208 -7.56 3.05 34.68
N CYS A 209 -6.87 1.99 35.08
CA CYS A 209 -7.06 0.65 34.54
C CYS A 209 -8.47 0.12 34.75
N SER A 210 -9.20 0.62 35.73
CA SER A 210 -10.57 0.20 35.95
C SER A 210 -11.47 0.59 34.77
N ASP A 211 -11.08 1.64 34.03
CA ASP A 211 -11.86 2.08 32.89
C ASP A 211 -11.95 1.01 31.80
N CYS A 212 -10.88 0.24 31.61
CA CYS A 212 -10.79 -0.81 30.60
C CYS A 212 -10.94 -2.22 31.18
N HIS A 213 -10.27 -2.50 32.29
CA HIS A 213 -10.23 -3.82 32.91
C HIS A 213 -11.18 -3.97 34.09
N ASN A 214 -11.50 -5.23 34.40
CA ASN A 214 -12.03 -5.52 35.71
C ASN A 214 -11.09 -6.44 36.48
N PRO A 215 -10.58 -5.98 37.63
CA PRO A 215 -9.43 -6.65 38.26
C PRO A 215 -9.79 -8.02 38.78
N HIS A 216 -11.08 -8.26 38.99
CA HIS A 216 -11.62 -9.53 39.45
C HIS A 216 -11.75 -10.55 38.32
N GLY A 217 -11.36 -10.19 37.10
CA GLY A 217 -11.43 -11.07 35.96
C GLY A 217 -12.76 -11.05 35.22
N SER A 218 -12.71 -10.93 33.90
CA SER A 218 -13.89 -11.07 33.06
C SER A 218 -13.73 -12.28 32.15
N MET A 219 -14.82 -12.61 31.46
CA MET A 219 -14.85 -13.73 30.54
C MET A 219 -14.09 -13.41 29.28
N THR A 220 -13.73 -12.14 29.09
CA THR A 220 -12.93 -11.67 27.97
C THR A 220 -11.44 -11.82 28.27
N ASP A 221 -10.62 -11.79 27.20
CA ASP A 221 -9.34 -12.49 27.26
C ASP A 221 -8.34 -11.84 28.19
N SER A 222 -8.21 -10.50 28.12
CA SER A 222 -7.32 -9.79 29.02
C SER A 222 -8.09 -9.15 30.16
N ASP A 223 -9.19 -9.79 30.56
CA ASP A 223 -10.00 -9.32 31.68
C ASP A 223 -10.45 -7.88 31.47
N LEU A 224 -11.09 -7.66 30.31
CA LEU A 224 -11.69 -6.39 29.95
C LEU A 224 -13.13 -6.31 30.43
N ASN A 225 -13.54 -5.12 30.82
CA ASN A 225 -14.86 -4.96 31.42
C ASN A 225 -15.99 -5.15 30.41
N LYS A 226 -15.69 -5.20 29.12
CA LYS A 226 -16.73 -5.39 28.11
C LYS A 226 -16.48 -6.68 27.36
N PRO A 227 -17.52 -7.24 26.73
CA PRO A 227 -17.46 -8.63 26.27
C PRO A 227 -16.48 -8.91 25.14
N SER A 228 -15.92 -7.89 24.49
CA SER A 228 -14.92 -8.04 23.44
C SER A 228 -14.06 -6.77 23.41
N ILE A 229 -12.92 -6.82 22.71
CA ILE A 229 -12.02 -5.67 22.68
C ILE A 229 -12.68 -4.45 22.04
N ASN A 230 -13.45 -4.67 20.99
CA ASN A 230 -14.02 -3.50 20.32
C ASN A 230 -15.18 -2.91 21.10
N GLU A 231 -15.96 -3.71 21.80
CA GLU A 231 -17.03 -3.03 22.51
C GLU A 231 -16.52 -2.41 23.80
N THR A 232 -15.36 -2.83 24.31
CA THR A 232 -14.71 -2.04 25.35
C THR A 232 -14.09 -0.75 24.82
N CYS A 233 -13.63 -0.69 23.57
CA CYS A 233 -13.22 0.61 23.02
C CYS A 233 -14.41 1.52 22.76
N TYR A 234 -15.52 0.97 22.25
CA TYR A 234 -16.70 1.76 21.90
C TYR A 234 -17.34 2.45 23.11
N SER A 235 -17.08 2.01 24.34
CA SER A 235 -17.66 2.66 25.51
C SER A 235 -17.21 4.12 25.61
N CYS A 236 -16.10 4.48 24.96
CA CYS A 236 -15.59 5.83 24.97
C CYS A 236 -15.40 6.37 23.55
N HIS A 237 -15.11 5.50 22.58
CA HIS A 237 -14.97 5.94 21.19
C HIS A 237 -16.16 5.48 20.35
N ALA A 238 -17.37 5.91 20.73
CA ALA A 238 -18.57 5.50 20.00
C ALA A 238 -18.61 6.05 18.58
N GLU A 239 -17.95 7.18 18.34
CA GLU A 239 -17.82 7.70 16.97
C GLU A 239 -17.42 6.58 16.02
N LYS A 240 -16.55 5.68 16.47
CA LYS A 240 -15.96 4.67 15.61
C LYS A 240 -16.77 3.38 15.55
N ARG A 241 -17.90 3.29 16.25
CA ARG A 241 -18.67 2.06 16.17
C ARG A 241 -19.41 2.04 14.85
N GLY A 242 -19.62 0.84 14.37
CA GLY A 242 -20.30 0.67 13.14
C GLY A 242 -21.75 1.10 13.23
N PRO A 243 -22.52 0.68 12.23
CA PRO A 243 -21.91 0.20 10.99
C PRO A 243 -21.82 1.27 9.93
N LYS A 244 -20.61 1.40 9.40
CA LYS A 244 -20.40 2.32 8.30
C LYS A 244 -20.60 1.64 6.97
N LEU A 245 -20.80 2.47 5.94
CA LEU A 245 -20.99 1.93 4.60
C LEU A 245 -19.74 1.26 4.09
N TRP A 246 -18.60 1.96 4.12
CA TRP A 246 -17.32 1.41 3.69
C TRP A 246 -16.41 1.31 4.90
N GLU A 247 -16.35 0.14 5.51
CA GLU A 247 -15.51 0.04 6.69
C GLU A 247 -14.22 -0.67 6.32
N HIS A 248 -13.16 -0.24 6.99
CA HIS A 248 -11.86 -0.89 6.96
C HIS A 248 -11.93 -2.19 7.79
N ALA A 249 -11.64 -3.32 7.16
CA ALA A 249 -11.82 -4.61 7.82
C ALA A 249 -11.08 -4.74 9.16
N PRO A 250 -9.80 -4.41 9.26
CA PRO A 250 -9.14 -4.55 10.56
C PRO A 250 -9.80 -3.74 11.67
N VAL A 251 -10.30 -2.56 11.36
CA VAL A 251 -10.89 -1.73 12.40
C VAL A 251 -12.09 -2.42 13.02
N THR A 252 -12.95 -2.97 12.18
CA THR A 252 -14.12 -3.70 12.62
C THR A 252 -13.74 -4.93 13.43
N GLU A 253 -12.73 -5.67 12.95
CA GLU A 253 -12.39 -6.97 13.52
C GLU A 253 -11.83 -6.81 14.92
N ASN A 254 -10.74 -6.07 15.05
CA ASN A 254 -10.02 -5.94 16.32
C ASN A 254 -9.23 -4.63 16.29
N CYS A 255 -9.51 -3.71 17.23
CA CYS A 255 -8.87 -2.39 17.18
C CYS A 255 -7.36 -2.45 17.40
N VAL A 256 -6.86 -3.46 18.11
CA VAL A 256 -5.44 -3.49 18.40
C VAL A 256 -4.71 -4.30 17.35
N THR A 257 -5.34 -4.52 16.20
CA THR A 257 -4.53 -4.89 15.04
C THR A 257 -3.56 -3.80 14.65
N CYS A 258 -3.85 -2.54 15.00
CA CYS A 258 -2.98 -1.38 14.75
C CYS A 258 -2.52 -0.70 16.02
N HIS A 259 -3.39 -0.60 17.03
CA HIS A 259 -3.14 0.21 18.20
C HIS A 259 -2.60 -0.61 19.36
N ASN A 260 -1.75 0.01 20.18
CA ASN A 260 -1.33 -0.54 21.45
C ASN A 260 -2.06 0.17 22.58
N PRO A 261 -2.94 -0.51 23.31
CA PRO A 261 -3.88 0.21 24.20
C PRO A 261 -3.23 0.82 25.41
N HIS A 262 -1.97 0.49 25.71
CA HIS A 262 -1.35 1.10 26.88
C HIS A 262 -0.51 2.31 26.50
N GLY A 263 0.28 2.23 25.45
CA GLY A 263 1.02 3.39 24.98
C GLY A 263 1.96 2.99 23.85
N SER A 264 2.58 4.00 23.26
CA SER A 264 3.49 3.71 22.17
C SER A 264 4.40 4.90 21.93
N VAL A 265 5.61 4.59 21.46
CA VAL A 265 6.52 5.59 20.90
C VAL A 265 5.85 6.39 19.79
N ASN A 266 5.07 5.74 18.92
CA ASN A 266 4.46 6.44 17.81
C ASN A 266 3.20 7.14 18.32
N ASP A 267 2.80 8.20 17.63
CA ASP A 267 1.57 8.87 18.01
C ASP A 267 0.35 7.97 17.78
N ALA A 268 -0.76 8.37 18.41
CA ALA A 268 -2.01 7.63 18.33
C ALA A 268 -1.84 6.16 18.73
N MET A 269 -0.81 5.85 19.49
CA MET A 269 -0.61 4.51 20.02
C MET A 269 -0.63 3.45 18.92
N LEU A 270 0.14 3.68 17.88
CA LEU A 270 0.21 2.73 16.77
C LEU A 270 1.43 1.83 16.93
N LYS A 271 1.24 0.56 16.60
CA LYS A 271 2.35 -0.39 16.64
C LYS A 271 3.40 0.03 15.63
N THR A 272 2.97 0.31 14.40
CA THR A 272 3.73 1.03 13.40
C THR A 272 2.87 2.13 12.77
N ARG A 273 3.53 3.13 12.18
CA ARG A 273 2.83 4.33 11.78
C ARG A 273 2.95 4.58 10.27
N ALA A 274 2.49 5.77 9.86
CA ALA A 274 2.68 6.43 8.56
C ALA A 274 2.64 5.35 7.47
N PRO A 275 3.62 5.25 6.50
CA PRO A 275 3.34 4.35 5.36
C PRO A 275 3.52 2.86 5.68
N GLN A 276 4.54 2.48 6.43
CA GLN A 276 4.86 1.05 6.57
C GLN A 276 3.69 0.28 7.17
N LEU A 277 2.93 0.90 8.07
CA LEU A 277 1.77 0.22 8.62
C LEU A 277 0.88 -0.27 7.50
N CYS A 278 0.43 0.66 6.65
CA CYS A 278 -0.39 0.30 5.50
C CYS A 278 0.32 -0.67 4.58
N GLN A 279 1.62 -0.51 4.38
CA GLN A 279 2.32 -1.40 3.45
C GLN A 279 2.44 -2.82 4.00
N GLN A 280 2.14 -3.03 5.27
CA GLN A 280 2.06 -4.41 5.77
C GLN A 280 0.87 -5.17 5.15
N CYS A 281 -0.24 -4.49 4.88
CA CYS A 281 -1.44 -5.10 4.33
C CYS A 281 -1.65 -4.79 2.85
N HIS A 282 -1.15 -3.66 2.37
CA HIS A 282 -1.40 -3.20 1.00
C HIS A 282 -0.17 -3.42 0.14
N ALA A 283 -0.32 -4.32 -0.83
CA ALA A 283 0.74 -4.74 -1.73
C ALA A 283 0.36 -4.68 -3.22
N SER A 284 -0.65 -3.88 -3.57
CA SER A 284 -1.08 -3.74 -4.96
C SER A 284 -0.03 -3.03 -5.81
N ASP A 285 -0.06 -3.32 -7.11
CA ASP A 285 0.91 -2.66 -7.99
C ASP A 285 0.70 -1.16 -7.86
N GLY A 286 1.80 -0.41 -7.78
CA GLY A 286 1.74 1.03 -7.84
C GLY A 286 2.26 1.70 -6.56
N HIS A 287 1.65 2.85 -6.23
CA HIS A 287 2.14 3.72 -5.16
C HIS A 287 1.96 3.10 -3.79
N ALA A 288 1.15 2.08 -3.66
CA ALA A 288 0.97 1.45 -2.37
C ALA A 288 2.09 0.48 -2.07
N SER A 289 2.81 0.06 -3.10
CA SER A 289 3.76 -1.05 -3.00
C SER A 289 5.18 -0.64 -3.39
N ASN A 290 5.51 0.64 -3.36
CA ASN A 290 6.85 1.11 -3.69
C ASN A 290 7.66 1.29 -2.42
N ALA A 291 8.97 1.38 -2.59
CA ALA A 291 9.90 1.63 -1.50
C ALA A 291 10.05 3.15 -1.28
N TYR A 292 9.76 3.60 -0.07
CA TYR A 292 9.85 5.01 0.29
C TYR A 292 11.05 5.18 1.22
N LEU A 293 12.23 5.34 0.61
CA LEU A 293 13.50 5.29 1.32
C LEU A 293 13.68 6.46 2.29
N GLY A 294 12.91 7.53 2.13
CA GLY A 294 13.01 8.73 2.95
C GLY A 294 14.36 9.39 2.75
N ASN A 295 14.83 10.06 3.80
CA ASN A 295 16.17 10.66 3.87
C ASN A 295 17.21 9.69 3.33
N THR A 296 17.93 10.11 2.28
CA THR A 296 18.73 9.19 1.45
C THR A 296 20.14 9.70 1.14
N GLY A 297 20.43 10.98 1.34
CA GLY A 297 21.68 11.57 0.90
C GLY A 297 21.74 11.83 -0.59
N LEU A 298 21.06 11.02 -1.40
CA LEU A 298 21.07 11.16 -2.85
C LEU A 298 19.94 12.04 -3.36
N GLY A 299 19.19 12.71 -2.49
CA GLY A 299 18.18 13.64 -2.96
C GLY A 299 16.81 13.59 -2.32
N SER A 300 16.40 12.45 -1.79
CA SER A 300 15.05 12.31 -1.25
C SER A 300 15.03 12.60 0.25
N ASN A 301 14.58 13.81 0.60
CA ASN A 301 14.31 14.18 1.99
C ASN A 301 13.01 13.53 2.47
N VAL A 302 12.87 13.41 3.79
CA VAL A 302 11.76 12.64 4.35
C VAL A 302 10.46 13.45 4.39
N GLY A 303 10.53 14.78 4.46
CA GLY A 303 9.32 15.59 4.53
C GLY A 303 8.96 16.35 3.27
N ASP A 304 9.56 15.95 2.16
CA ASP A 304 9.41 16.60 0.86
C ASP A 304 8.44 15.88 -0.06
N ASN A 305 7.66 14.93 0.46
CA ASN A 305 6.72 14.13 -0.30
C ASN A 305 5.52 13.78 0.57
N ALA A 306 4.38 13.54 -0.08
CA ALA A 306 3.15 13.26 0.65
C ALA A 306 3.08 11.84 1.18
N PHE A 307 4.03 10.98 0.78
CA PHE A 307 4.00 9.59 1.19
C PHE A 307 4.71 9.33 2.51
N THR A 308 5.87 9.95 2.76
CA THR A 308 6.53 9.82 4.06
C THR A 308 6.39 11.06 4.94
N GLY A 309 6.23 12.24 4.33
CA GLY A 309 6.03 13.47 5.08
C GLY A 309 4.57 13.73 5.37
N GLY A 310 4.30 14.77 6.14
CA GLY A 310 2.93 15.07 6.58
C GLY A 310 2.34 13.89 7.32
N ARG A 311 1.12 13.51 6.92
CA ARG A 311 0.40 12.36 7.48
C ARG A 311 0.57 11.11 6.61
N SER A 312 1.58 11.08 5.77
CA SER A 312 1.84 9.91 4.93
C SER A 312 0.59 9.60 4.12
N CYS A 313 0.28 8.31 3.98
CA CYS A 313 -0.89 7.86 3.22
C CYS A 313 -2.17 8.57 3.62
N LEU A 314 -2.25 9.16 4.80
CA LEU A 314 -3.53 9.73 5.20
C LEU A 314 -3.73 11.16 4.69
N ASN A 315 -2.74 11.76 4.00
CA ASN A 315 -3.03 13.00 3.30
C ASN A 315 -4.04 12.78 2.18
N CYS A 316 -4.08 11.56 1.62
CA CYS A 316 -5.05 11.26 0.59
C CYS A 316 -6.10 10.23 1.01
N HIS A 317 -5.87 9.47 2.09
CA HIS A 317 -6.79 8.41 2.54
C HIS A 317 -7.10 8.60 4.03
N SER A 318 -7.61 9.79 4.36
CA SER A 318 -7.72 10.25 5.75
C SER A 318 -8.71 9.49 6.59
N GLN A 319 -9.67 8.81 5.97
CA GLN A 319 -10.74 8.11 6.68
C GLN A 319 -10.32 6.67 7.01
N VAL A 320 -9.21 6.56 7.75
CA VAL A 320 -8.67 5.23 8.01
C VAL A 320 -9.59 4.36 8.86
N HIS A 321 -10.56 4.94 9.58
CA HIS A 321 -11.44 4.14 10.42
C HIS A 321 -12.76 3.81 9.70
N GLY A 322 -12.88 4.08 8.40
CA GLY A 322 -14.06 3.80 7.62
C GLY A 322 -14.76 5.06 7.11
N SER A 323 -15.62 4.87 6.10
CA SER A 323 -16.37 5.98 5.56
C SER A 323 -17.83 5.61 5.27
N ASN A 324 -18.70 6.57 5.53
CA ASN A 324 -20.12 6.49 5.22
C ASN A 324 -20.50 7.41 4.05
N HIS A 325 -19.53 7.75 3.19
CA HIS A 325 -19.72 8.49 1.95
C HIS A 325 -20.04 7.55 0.77
N PRO A 326 -21.01 7.84 -0.09
CA PRO A 326 -21.24 6.93 -1.22
C PRO A 326 -19.98 6.60 -1.99
N SER A 327 -19.02 7.51 -2.06
CA SER A 327 -17.75 7.29 -2.78
C SER A 327 -16.60 7.08 -1.80
N GLY A 328 -16.84 6.46 -0.66
CA GLY A 328 -15.81 6.34 0.35
C GLY A 328 -15.02 5.05 0.37
N LYS A 329 -15.16 4.19 -0.65
CA LYS A 329 -14.55 2.86 -0.62
C LYS A 329 -13.04 2.92 -0.45
N LEU A 330 -12.37 3.89 -1.08
CA LEU A 330 -10.93 4.07 -0.92
C LEU A 330 -10.58 4.94 0.28
N LEU A 331 -11.53 5.11 1.20
CA LEU A 331 -11.30 5.86 2.43
C LEU A 331 -10.85 7.29 2.15
N GLN A 332 -11.42 7.89 1.10
CA GLN A 332 -10.98 9.19 0.63
C GLN A 332 -11.78 10.37 1.20
N ARG A 333 -13.09 10.24 1.40
CA ARG A 333 -13.90 11.40 1.79
C ARG A 333 -15.00 11.06 2.79
N VAL B 47 -17.74 13.60 63.26
CA VAL B 47 -18.78 13.11 64.16
C VAL B 47 -19.35 11.80 63.59
N GLU B 48 -19.62 10.80 64.43
CA GLU B 48 -20.20 9.56 63.91
C GLU B 48 -21.65 9.77 63.48
N THR B 49 -22.40 10.63 64.15
CA THR B 49 -23.78 10.92 63.76
C THR B 49 -23.91 12.40 63.39
N GLY B 50 -24.44 12.66 62.20
CA GLY B 50 -24.55 13.99 61.65
C GLY B 50 -23.48 14.27 60.60
N THR B 51 -23.60 15.45 59.99
CA THR B 51 -22.67 15.89 58.95
C THR B 51 -21.24 15.81 59.51
N SER B 52 -20.31 15.25 58.74
CA SER B 52 -18.92 15.08 59.15
C SER B 52 -18.02 14.86 57.95
N GLY B 53 -16.73 15.23 58.09
CA GLY B 53 -15.76 15.10 56.99
C GLY B 53 -14.79 16.25 56.80
N THR B 54 -14.43 16.56 55.55
CA THR B 54 -13.48 17.62 55.21
C THR B 54 -13.77 18.14 53.80
N VAL B 55 -13.51 19.44 53.60
CA VAL B 55 -13.61 20.08 52.30
C VAL B 55 -12.37 20.96 52.12
N GLY B 56 -11.97 21.22 50.87
CA GLY B 56 -10.77 22.00 50.60
C GLY B 56 -10.87 22.78 49.30
N VAL B 57 -9.94 23.72 49.10
CA VAL B 57 -9.83 24.45 47.83
C VAL B 57 -8.36 24.55 47.43
N GLY B 58 -8.13 25.07 46.22
CA GLY B 58 -6.79 25.29 45.72
C GLY B 58 -6.74 26.23 44.54
N VAL B 59 -5.57 26.83 44.34
CA VAL B 59 -5.28 27.64 43.15
C VAL B 59 -3.84 27.43 42.71
N GLY B 60 -3.63 27.40 41.39
CA GLY B 60 -2.31 27.17 40.85
C GLY B 60 -2.07 28.05 39.63
N TYR B 61 -0.80 28.18 39.29
CA TYR B 61 -0.34 29.01 38.20
C TYR B 61 0.58 28.20 37.31
N ASN B 62 0.61 28.59 36.04
CA ASN B 62 1.48 28.00 35.03
C ASN B 62 1.83 29.00 33.94
N SER B 63 3.12 29.01 33.60
CA SER B 63 3.67 29.50 32.34
C SER B 63 4.74 28.49 31.90
N GLU B 64 4.89 28.31 30.58
CA GLU B 64 4.40 29.18 29.49
C GLU B 64 3.09 28.68 28.83
N GLU B 65 2.79 29.25 27.65
CA GLU B 65 1.54 29.07 26.92
C GLU B 65 1.50 27.89 25.94
N ASP B 66 2.61 27.25 25.61
CA ASP B 66 2.56 26.01 24.84
C ASP B 66 1.66 25.03 25.56
N ILE B 67 0.57 24.63 24.88
CA ILE B 67 -0.56 23.99 25.54
C ILE B 67 -0.32 22.54 25.93
N ARG B 68 0.82 21.92 25.57
CA ARG B 68 1.03 20.57 26.06
C ARG B 68 1.20 20.55 27.57
N SER B 69 1.79 21.62 28.12
CA SER B 69 1.84 21.80 29.56
C SER B 69 0.48 21.62 30.22
N ALA B 70 -0.59 21.95 29.51
CA ALA B 70 -1.92 21.85 30.12
C ALA B 70 -2.26 20.44 30.58
N ASN B 71 -1.62 19.39 30.02
CA ASN B 71 -1.90 18.04 30.48
C ASN B 71 -1.38 17.77 31.90
N ALA B 72 -0.14 18.19 32.19
CA ALA B 72 0.43 17.99 33.54
C ALA B 72 -0.33 18.82 34.55
N PHE B 73 -0.52 20.10 34.22
CA PHE B 73 -1.36 21.01 34.97
C PHE B 73 -2.79 20.49 35.03
N GLY B 74 -3.61 21.16 35.84
CA GLY B 74 -5.02 20.82 35.90
C GLY B 74 -5.75 21.21 34.63
N THR B 75 -5.64 22.48 34.25
CA THR B 75 -6.36 23.04 33.11
C THR B 75 -5.40 23.72 32.14
N SER B 76 -5.96 24.42 31.17
CA SER B 76 -5.18 25.21 30.22
C SER B 76 -4.95 26.63 30.68
N ASN B 77 -5.89 27.15 31.45
CA ASN B 77 -5.85 28.54 31.84
C ASN B 77 -4.51 28.84 32.53
N GLU B 78 -4.17 30.13 32.56
CA GLU B 78 -2.95 30.63 33.21
C GLU B 78 -2.96 30.23 34.68
N VAL B 79 -4.14 30.38 35.29
CA VAL B 79 -4.35 30.10 36.69
C VAL B 79 -5.49 29.15 36.94
N ALA B 80 -5.27 28.26 37.90
CA ALA B 80 -6.10 27.07 38.03
C ALA B 80 -7.18 27.39 39.05
N GLY B 81 -8.11 26.47 39.22
CA GLY B 81 -9.12 26.55 40.26
C GLY B 81 -9.38 25.12 40.73
N LYS B 82 -9.60 24.92 42.02
CA LYS B 82 -9.74 23.57 42.56
C LYS B 82 -10.77 23.62 43.67
N LEU B 83 -11.49 22.51 43.86
CA LEU B 83 -12.41 22.42 45.00
C LEU B 83 -12.63 20.94 45.35
N ASP B 84 -11.79 20.42 46.28
CA ASP B 84 -11.94 19.09 46.86
C ASP B 84 -13.01 19.05 47.96
N ALA B 85 -13.51 17.84 48.27
CA ALA B 85 -14.52 17.63 49.31
C ALA B 85 -14.68 16.14 49.65
N ASP B 86 -15.13 15.86 50.88
CA ASP B 86 -15.53 14.52 51.32
C ASP B 86 -16.33 14.71 52.61
N VAL B 87 -17.67 14.68 52.51
CA VAL B 87 -18.54 14.86 53.67
C VAL B 87 -19.60 13.77 53.68
N THR B 88 -20.13 13.50 54.88
CA THR B 88 -21.04 12.40 55.14
C THR B 88 -22.08 12.76 56.19
N PHE B 89 -23.30 12.27 56.01
CA PHE B 89 -24.41 12.50 56.92
C PHE B 89 -25.02 11.16 57.32
N ARG B 90 -25.56 11.10 58.54
CA ARG B 90 -26.33 9.94 58.96
C ARG B 90 -27.17 10.33 60.17
N GLY B 91 -28.05 9.41 60.58
CA GLY B 91 -28.89 9.62 61.73
C GLY B 91 -30.35 9.88 61.40
N GLU B 92 -30.96 8.98 60.63
CA GLU B 92 -32.40 9.07 60.37
C GLU B 92 -32.86 7.66 60.04
N LYS B 93 -32.68 6.73 61.00
CA LYS B 93 -33.04 5.31 60.84
C LYS B 93 -32.24 4.64 59.72
N GLY B 94 -30.95 4.99 59.60
CA GLY B 94 -30.09 4.40 58.60
C GLY B 94 -29.89 5.23 57.35
N TYR B 95 -30.44 6.43 57.30
CA TYR B 95 -30.21 7.34 56.20
C TYR B 95 -28.71 7.64 56.21
N ARG B 96 -28.13 7.65 55.02
CA ARG B 96 -26.77 8.08 54.80
C ARG B 96 -26.72 8.86 53.50
N ALA B 97 -25.80 9.82 53.44
CA ALA B 97 -25.89 10.83 52.37
C ALA B 97 -24.55 11.51 52.11
N SER B 98 -23.60 10.79 51.51
CA SER B 98 -22.24 11.28 51.24
C SER B 98 -22.09 12.01 49.92
N VAL B 99 -21.18 12.99 49.91
CA VAL B 99 -20.76 13.62 48.67
C VAL B 99 -19.24 13.72 48.70
N GLU B 100 -18.58 13.40 47.60
CA GLU B 100 -17.13 13.45 47.54
C GLU B 100 -16.78 14.13 46.23
N ALA B 101 -15.67 14.89 46.22
CA ALA B 101 -15.30 15.66 45.04
C ALA B 101 -13.78 15.77 44.94
N TYR B 102 -13.25 15.29 43.81
CA TYR B 102 -11.82 15.31 43.49
C TYR B 102 -11.52 16.38 42.45
N GLN B 103 -10.70 17.35 42.84
CA GLN B 103 -10.09 18.28 41.89
C GLN B 103 -11.12 18.88 40.93
N LEU B 104 -12.31 19.14 41.47
CA LEU B 104 -13.36 19.76 40.66
C LEU B 104 -12.98 21.20 40.38
N GLY B 105 -13.22 21.64 39.15
CA GLY B 105 -12.75 22.93 38.69
C GLY B 105 -11.61 22.81 37.70
N MET B 106 -11.24 21.60 37.33
CA MET B 106 -10.15 21.36 36.39
C MET B 106 -10.27 19.92 35.87
N ASP B 107 -9.37 19.58 34.94
CA ASP B 107 -9.44 18.28 34.27
C ASP B 107 -9.09 17.14 35.22
N GLY B 108 -9.67 15.99 34.97
CA GLY B 108 -9.71 14.93 35.95
C GLY B 108 -10.76 15.14 36.99
N GLY B 109 -11.51 16.23 36.92
CA GLY B 109 -12.45 16.54 37.98
C GLY B 109 -13.51 15.46 38.09
N ARG B 110 -13.86 15.14 39.34
CA ARG B 110 -14.93 14.19 39.60
C ARG B 110 -15.74 14.65 40.81
N LEU B 111 -16.96 14.12 40.85
CA LEU B 111 -17.97 14.38 41.87
C LEU B 111 -18.90 13.18 41.94
N GLU B 112 -19.26 12.81 43.18
CA GLU B 112 -20.25 11.76 43.42
C GLU B 112 -21.06 12.06 44.68
N VAL B 113 -22.37 12.24 44.52
CA VAL B 113 -23.24 12.42 45.67
C VAL B 113 -24.19 11.23 45.76
N ASN B 114 -24.37 10.70 46.97
CA ASN B 114 -25.24 9.55 47.22
C ASN B 114 -26.20 9.83 48.37
N ALA B 115 -27.22 8.98 48.48
CA ALA B 115 -28.32 9.23 49.40
C ALA B 115 -29.24 8.02 49.43
N GLY B 116 -29.98 7.87 50.53
CA GLY B 116 -30.93 6.79 50.64
C GLY B 116 -30.77 6.05 51.95
N LYS B 117 -31.40 4.88 52.05
CA LYS B 117 -31.25 4.06 53.23
C LYS B 117 -30.15 3.05 52.98
N GLN B 118 -29.25 2.92 53.95
CA GLN B 118 -28.00 2.17 53.79
C GLN B 118 -28.24 0.85 53.05
N GLY B 119 -29.21 0.06 53.49
CA GLY B 119 -29.34 -1.30 52.98
C GLY B 119 -30.56 -1.60 52.14
N GLN B 120 -31.37 -0.60 51.81
CA GLN B 120 -32.55 -0.80 50.97
C GLN B 120 -32.36 -0.24 49.57
N TYR B 121 -31.93 1.02 49.47
CA TYR B 121 -31.76 1.68 48.19
C TYR B 121 -30.70 2.76 48.31
N ASN B 122 -30.27 3.24 47.15
CA ASN B 122 -29.30 4.32 47.02
C ASN B 122 -29.47 4.97 45.65
N VAL B 123 -29.47 6.29 45.64
CA VAL B 123 -29.55 7.08 44.42
C VAL B 123 -28.33 7.99 44.36
N ASN B 124 -27.58 7.94 43.26
CA ASN B 124 -26.35 8.71 43.14
C ASN B 124 -26.42 9.57 41.89
N VAL B 125 -25.65 10.67 41.91
CA VAL B 125 -25.41 11.46 40.71
C VAL B 125 -23.92 11.76 40.61
N ASN B 126 -23.36 11.69 39.40
CA ASN B 126 -21.92 11.79 39.22
C ASN B 126 -21.54 12.86 38.19
N TYR B 127 -20.26 13.27 38.23
CA TYR B 127 -19.70 14.10 37.16
C TYR B 127 -18.22 13.78 37.04
N ARG B 128 -17.74 13.70 35.80
CA ARG B 128 -16.34 13.45 35.46
C ARG B 128 -15.96 14.35 34.30
N GLN B 129 -14.71 14.80 34.30
CA GLN B 129 -14.17 15.62 33.22
C GLN B 129 -12.80 15.10 32.82
N ILE B 130 -12.65 14.76 31.56
CA ILE B 130 -11.36 14.47 30.96
C ILE B 130 -11.10 15.53 29.90
N ALA B 131 -9.83 15.86 29.75
CA ALA B 131 -9.41 16.81 28.73
C ALA B 131 -7.94 16.56 28.43
N THR B 132 -7.65 16.29 27.17
CA THR B 132 -6.30 16.12 26.68
C THR B 132 -6.04 17.22 25.66
N TYR B 133 -4.91 17.90 25.81
CA TYR B 133 -4.55 19.03 24.96
C TYR B 133 -3.37 18.62 24.08
N ASN B 134 -3.51 18.89 22.77
CA ASN B 134 -2.53 18.47 21.77
C ASN B 134 -1.67 19.60 21.21
N SER B 135 -2.25 20.72 20.74
CA SER B 135 -1.37 21.78 20.27
C SER B 135 -2.12 23.10 20.17
N ASN B 136 -1.34 24.18 20.09
CA ASN B 136 -1.84 25.51 19.77
C ASN B 136 -0.87 26.25 18.86
N SER B 137 -0.07 25.48 18.11
CA SER B 137 0.97 25.96 17.22
C SER B 137 0.62 25.83 15.74
N ALA B 138 -0.47 25.13 15.43
CA ALA B 138 -0.85 24.87 14.05
C ALA B 138 -1.45 26.08 13.36
N LEU B 139 -1.31 26.10 12.04
CA LEU B 139 -1.79 27.22 11.26
C LEU B 139 -2.62 26.75 10.09
N THR B 140 -3.74 27.44 9.90
CA THR B 140 -4.61 27.08 8.80
C THR B 140 -5.11 28.36 8.15
N PRO B 141 -5.20 28.39 6.81
CA PRO B 141 -5.80 29.55 6.14
C PRO B 141 -7.31 29.53 6.19
N TYR B 142 -7.90 28.42 6.60
CA TYR B 142 -9.35 28.32 6.62
C TYR B 142 -9.95 29.15 7.75
N SER B 143 -11.10 29.69 7.46
CA SER B 143 -11.95 30.35 8.43
C SER B 143 -13.07 29.38 8.77
N GLY B 144 -13.95 29.81 9.67
CA GLY B 144 -14.94 28.89 10.20
C GLY B 144 -14.37 27.69 10.91
N VAL B 145 -13.21 27.82 11.55
CA VAL B 145 -12.64 26.70 12.28
C VAL B 145 -13.52 26.44 13.51
N GLY B 146 -13.72 25.15 13.81
CA GLY B 146 -14.71 24.74 14.80
C GLY B 146 -16.11 24.71 14.25
N SER B 147 -16.25 24.93 12.95
CA SER B 147 -17.57 24.97 12.33
C SER B 147 -17.72 23.83 11.34
N ASP B 148 -18.95 23.74 10.82
CA ASP B 148 -19.35 22.80 9.80
C ASP B 148 -18.71 23.08 8.44
N ASN B 149 -18.28 24.33 8.23
CA ASN B 149 -17.92 24.87 6.92
C ASN B 149 -16.62 25.66 7.01
N LEU B 150 -15.57 25.15 6.37
CA LEU B 150 -14.29 25.85 6.35
C LEU B 150 -14.13 26.61 5.04
N THR B 151 -13.95 27.93 5.15
CA THR B 151 -13.94 28.79 3.99
C THR B 151 -12.64 29.56 3.90
N LEU B 152 -12.22 29.81 2.69
CA LEU B 152 -11.10 30.70 2.45
C LEU B 152 -11.60 32.12 2.24
N PRO B 153 -10.73 33.12 2.38
CA PRO B 153 -11.17 34.50 2.18
C PRO B 153 -11.78 34.63 0.81
N ASP B 154 -12.72 35.56 0.67
CA ASP B 154 -13.32 35.75 -0.65
C ASP B 154 -12.32 36.32 -1.66
N ASN B 155 -11.16 36.83 -1.19
CA ASN B 155 -10.08 37.36 -2.01
C ASN B 155 -8.97 36.35 -2.28
N TRP B 156 -9.19 35.08 -1.94
CA TRP B 156 -8.18 34.03 -2.03
C TRP B 156 -7.84 33.73 -3.48
N VAL B 157 -6.57 33.43 -3.74
CA VAL B 157 -6.15 33.07 -5.08
C VAL B 157 -5.64 31.65 -5.09
N THR B 158 -6.37 30.77 -5.78
CA THR B 158 -5.96 29.38 -5.89
C THR B 158 -4.67 29.32 -6.70
N ALA B 159 -3.97 28.21 -6.54
CA ALA B 159 -2.76 27.94 -7.31
C ALA B 159 -2.67 26.43 -7.45
N GLY B 160 -1.66 25.96 -8.17
CA GLY B 160 -1.48 24.53 -8.30
C GLY B 160 -0.71 23.88 -7.18
N SER B 161 -0.20 24.65 -6.23
CA SER B 161 0.57 24.08 -5.14
C SER B 161 0.75 25.14 -4.06
N SER B 162 1.02 24.68 -2.85
CA SER B 162 1.13 25.54 -1.68
C SER B 162 2.32 26.51 -1.78
N SER B 163 3.42 26.09 -2.39
CA SER B 163 4.54 26.98 -2.62
C SER B 163 4.18 28.15 -3.53
N GLN B 164 3.02 28.10 -4.19
CA GLN B 164 2.65 29.09 -5.18
C GLN B 164 1.31 29.75 -4.91
N MET B 165 0.74 29.53 -3.73
CA MET B 165 -0.50 30.18 -3.31
C MET B 165 -0.18 31.54 -2.71
N PRO B 166 -0.50 32.66 -3.39
CA PRO B 166 0.01 33.96 -2.92
C PRO B 166 -0.49 34.40 -1.57
N LEU B 167 -1.67 33.97 -1.16
CA LEU B 167 -2.27 34.46 0.07
C LEU B 167 -2.21 33.46 1.20
N LEU B 168 -1.43 32.39 1.05
CA LEU B 168 -1.41 31.37 2.08
C LEU B 168 -0.81 31.87 3.37
N MET B 169 0.43 32.39 3.31
CA MET B 169 1.09 32.86 4.52
C MET B 169 0.28 33.97 5.17
N ASP B 170 -0.10 34.96 4.38
CA ASP B 170 -0.81 36.11 4.92
C ASP B 170 -2.06 35.69 5.68
N SER B 171 -2.67 34.59 5.26
CA SER B 171 -3.97 34.21 5.77
C SER B 171 -3.90 33.34 7.01
N LEU B 172 -2.75 32.77 7.34
CA LEU B 172 -2.71 31.75 8.37
C LEU B 172 -3.10 32.29 9.72
N ASN B 173 -4.15 31.71 10.28
CA ASN B 173 -4.60 31.98 11.64
C ASN B 173 -4.27 30.75 12.51
N SER B 174 -4.04 31.00 13.81
CA SER B 174 -3.67 29.96 14.76
C SER B 174 -4.89 29.16 15.19
N LEU B 175 -4.71 27.86 15.43
CA LEU B 175 -5.77 27.01 15.97
C LEU B 175 -5.29 26.15 17.15
N GLU B 176 -6.24 25.65 17.96
CA GLU B 176 -5.89 24.78 19.08
C GLU B 176 -6.55 23.42 18.95
N LEU B 177 -5.71 22.39 18.75
CA LEU B 177 -6.12 21.00 18.76
C LEU B 177 -6.26 20.52 20.20
N SER B 178 -7.44 20.00 20.55
CA SER B 178 -7.72 19.57 21.91
C SER B 178 -9.10 18.94 21.98
N LEU B 179 -9.31 18.03 22.94
CA LEU B 179 -10.58 17.34 23.12
C LEU B 179 -10.97 17.33 24.60
N LYS B 180 -12.22 17.65 24.91
CA LYS B 180 -12.71 17.74 26.28
C LYS B 180 -14.00 16.95 26.43
N ARG B 181 -14.10 16.20 27.54
CA ARG B 181 -15.23 15.33 27.82
C ARG B 181 -15.90 15.77 29.11
N GLU B 182 -17.23 15.79 29.11
CA GLU B 182 -18.04 16.16 30.28
C GLU B 182 -19.13 15.10 30.46
N ARG B 183 -18.92 14.15 31.37
CA ARG B 183 -19.87 13.09 31.64
C ARG B 183 -20.65 13.40 32.91
N THR B 184 -21.97 13.55 32.79
CA THR B 184 -22.85 13.68 33.94
C THR B 184 -23.80 12.48 33.97
N GLY B 185 -23.87 11.79 35.10
CA GLY B 185 -24.69 10.61 35.22
C GLY B 185 -25.62 10.64 36.42
N LEU B 186 -26.43 9.59 36.51
CA LEU B 186 -27.48 9.48 37.51
C LEU B 186 -27.92 8.03 37.63
N GLY B 187 -28.06 7.52 38.86
CA GLY B 187 -28.41 6.12 39.07
C GLY B 187 -29.32 5.84 40.25
N PHE B 188 -30.26 4.90 40.10
CA PHE B 188 -31.05 4.34 41.18
C PHE B 188 -30.58 2.92 41.47
N ASP B 189 -30.65 2.53 42.74
CA ASP B 189 -30.20 1.21 43.17
C ASP B 189 -31.09 0.74 44.30
N TYR B 190 -31.94 -0.26 44.05
CA TYR B 190 -32.86 -0.73 45.07
C TYR B 190 -32.55 -2.18 45.41
N GLN B 191 -32.13 -2.41 46.64
CA GLN B 191 -31.90 -3.77 47.11
C GLN B 191 -33.17 -4.30 47.75
N GLY B 192 -33.33 -5.60 47.68
CA GLY B 192 -34.48 -6.26 48.25
C GLY B 192 -34.08 -6.92 49.56
N GLU B 193 -35.09 -7.45 50.24
CA GLU B 193 -34.90 -8.13 51.51
C GLU B 193 -33.93 -9.31 51.35
N SER B 194 -34.09 -10.14 50.30
CA SER B 194 -33.59 -11.51 50.35
C SER B 194 -32.63 -11.81 49.21
N LEU B 195 -33.00 -11.51 47.98
CA LEU B 195 -32.35 -12.15 46.85
C LEU B 195 -32.23 -11.11 45.73
N TRP B 196 -33.31 -10.37 45.48
CA TRP B 196 -33.42 -9.62 44.24
C TRP B 196 -32.98 -8.19 44.50
N SER B 197 -32.07 -7.71 43.67
CA SER B 197 -31.66 -6.32 43.67
C SER B 197 -31.62 -5.77 42.26
N THR B 198 -31.98 -4.49 42.13
CA THR B 198 -32.01 -3.85 40.83
C THR B 198 -31.16 -2.59 40.77
N HIS B 199 -30.79 -2.30 39.52
CA HIS B 199 -29.73 -1.39 39.10
C HIS B 199 -30.35 -0.60 37.96
N VAL B 200 -30.21 0.72 37.94
CA VAL B 200 -30.58 1.50 36.76
C VAL B 200 -29.76 2.78 36.72
N SER B 201 -29.08 3.04 35.60
CA SER B 201 -28.19 4.19 35.52
C SER B 201 -28.17 4.77 34.11
N TYR B 202 -27.79 6.06 34.04
CA TYR B 202 -27.82 6.82 32.80
C TYR B 202 -26.78 7.93 32.85
N MET B 203 -25.80 7.90 31.94
CA MET B 203 -24.83 8.99 31.86
C MET B 203 -24.80 9.59 30.45
N ARG B 204 -24.54 10.89 30.38
CA ARG B 204 -24.43 11.62 29.13
C ARG B 204 -23.11 12.35 29.09
N GLU B 205 -22.32 12.02 28.07
CA GLU B 205 -21.02 12.63 27.81
C GLU B 205 -21.20 13.63 26.68
N GLU B 206 -20.65 14.82 26.86
CA GLU B 206 -20.57 15.82 25.79
C GLU B 206 -19.09 16.09 25.52
N LYS B 207 -18.66 15.73 24.31
CA LYS B 207 -17.28 15.86 23.85
C LYS B 207 -17.18 17.00 22.84
N THR B 208 -16.19 17.86 23.03
CA THR B 208 -15.99 19.03 22.19
C THR B 208 -14.51 19.28 21.93
N GLY B 209 -14.23 19.80 20.75
CA GLY B 209 -12.86 20.10 20.39
C GLY B 209 -12.66 19.93 18.90
N LEU B 210 -11.39 19.71 18.55
CA LEU B 210 -10.97 19.63 17.17
C LEU B 210 -9.94 18.53 16.92
N LYS B 211 -10.14 17.85 15.79
CA LYS B 211 -9.31 16.76 15.32
C LYS B 211 -8.55 17.24 14.08
N LYS B 212 -7.49 16.52 13.76
CA LYS B 212 -6.80 16.70 12.48
C LYS B 212 -7.47 15.83 11.41
N ALA B 213 -7.77 16.42 10.24
CA ALA B 213 -8.36 15.65 9.14
C ALA B 213 -7.75 16.12 7.82
N SER B 214 -7.88 15.28 6.79
CA SER B 214 -7.38 15.60 5.45
C SER B 214 -8.48 15.49 4.40
N GLY B 215 -8.74 16.60 3.71
CA GLY B 215 -9.68 16.59 2.60
C GLY B 215 -9.00 17.10 1.35
N GLY B 216 -9.11 16.38 0.25
CA GLY B 216 -8.52 16.83 -0.99
C GLY B 216 -9.28 16.29 -2.18
N PHE B 217 -8.68 16.27 -3.35
CA PHE B 217 -9.46 15.83 -4.50
C PHE B 217 -8.87 14.61 -5.19
N PHE B 218 -7.58 14.59 -5.44
CA PHE B 218 -7.06 13.27 -5.76
C PHE B 218 -5.74 13.12 -5.06
N ASN B 219 -4.82 14.00 -5.41
CA ASN B 219 -3.57 14.18 -4.69
C ASN B 219 -3.40 15.57 -4.10
N GLN B 220 -4.21 16.53 -4.49
CA GLN B 220 -4.25 17.80 -3.78
C GLN B 220 -4.83 17.53 -2.42
N SER B 221 -4.13 17.95 -1.36
CA SER B 221 -4.64 17.68 -0.03
C SER B 221 -4.53 18.88 0.88
N MET B 222 -5.55 19.04 1.74
CA MET B 222 -5.62 20.09 2.73
C MET B 222 -5.83 19.52 4.11
N MET B 223 -5.01 19.96 5.05
CA MET B 223 -5.21 19.69 6.47
C MET B 223 -6.34 20.58 6.97
N LEU B 224 -7.37 19.96 7.51
CA LEU B 224 -8.60 20.58 7.98
C LEU B 224 -8.84 20.31 9.46
N ALA B 225 -9.39 21.30 10.15
CA ALA B 225 -9.82 21.18 11.55
C ALA B 225 -11.17 20.48 11.63
N GLU B 226 -11.17 19.16 11.84
CA GLU B 226 -12.45 18.43 11.93
C GLU B 226 -13.12 18.76 13.27
N PRO B 227 -14.32 19.35 13.28
CA PRO B 227 -14.97 19.66 14.57
C PRO B 227 -15.50 18.42 15.24
N VAL B 228 -15.45 18.40 16.56
CA VAL B 228 -16.06 17.32 17.31
C VAL B 228 -16.97 17.90 18.38
N ASP B 229 -18.31 17.65 18.22
CA ASP B 229 -19.36 18.07 19.16
C ASP B 229 -20.18 16.78 19.26
N TYR B 230 -19.67 15.81 20.02
CA TYR B 230 -20.35 14.53 20.20
C TYR B 230 -21.15 14.60 21.50
N THR B 231 -22.30 13.93 21.51
CA THR B 231 -23.05 13.67 22.74
C THR B 231 -23.41 12.21 22.74
N THR B 232 -22.78 11.43 23.60
CA THR B 232 -23.06 10.01 23.68
C THR B 232 -23.65 9.65 25.03
N ASP B 233 -24.82 9.00 24.98
CA ASP B 233 -25.58 8.53 26.13
C ASP B 233 -25.29 7.06 26.37
N SER B 234 -25.26 6.68 27.64
CA SER B 234 -25.17 5.28 28.04
C SER B 234 -26.26 5.01 29.07
N ILE B 235 -26.79 3.80 29.03
CA ILE B 235 -27.88 3.35 29.89
C ILE B 235 -27.65 1.92 30.33
N GLU B 236 -27.86 1.66 31.62
CA GLU B 236 -27.69 0.33 32.18
C GLU B 236 -28.93 0.02 33.02
N ALA B 237 -29.37 -1.23 32.99
CA ALA B 237 -30.48 -1.66 33.84
C ALA B 237 -30.35 -3.15 34.16
N GLY B 238 -30.41 -3.50 35.43
CA GLY B 238 -30.15 -4.90 35.78
C GLY B 238 -30.95 -5.50 36.92
N ILE B 239 -31.33 -6.77 36.77
CA ILE B 239 -32.05 -7.51 37.81
C ILE B 239 -31.25 -8.73 38.21
N LYS B 240 -30.82 -8.79 39.47
CA LYS B 240 -30.00 -9.87 39.99
C LYS B 240 -30.81 -10.62 41.05
N LEU B 241 -30.76 -11.95 41.00
CA LEU B 241 -31.31 -12.87 42.00
C LEU B 241 -30.11 -13.59 42.59
N LYS B 242 -29.86 -13.38 43.88
CA LYS B 242 -28.69 -13.98 44.51
C LYS B 242 -29.13 -14.94 45.61
N GLY B 243 -28.39 -16.04 45.75
CA GLY B 243 -28.67 -17.07 46.74
C GLY B 243 -27.50 -17.43 47.61
N ASP B 244 -27.58 -18.60 48.28
CA ASP B 244 -26.47 -19.06 49.11
C ASP B 244 -25.22 -19.29 48.27
N ASN B 245 -25.33 -20.08 47.21
CA ASN B 245 -24.21 -20.47 46.36
C ASN B 245 -24.64 -20.46 44.89
N TRP B 246 -25.30 -19.38 44.48
CA TRP B 246 -25.72 -19.17 43.09
C TRP B 246 -26.24 -17.75 42.96
N PHE B 247 -26.31 -17.28 41.72
CA PHE B 247 -26.95 -16.01 41.39
C PHE B 247 -27.12 -15.89 39.87
N THR B 248 -28.20 -15.22 39.45
CA THR B 248 -28.46 -14.93 38.05
C THR B 248 -28.62 -13.42 37.87
N ALA B 249 -28.10 -12.90 36.77
CA ALA B 249 -28.25 -11.50 36.43
C ALA B 249 -28.88 -11.37 35.05
N LEU B 250 -29.65 -10.29 34.87
CA LEU B 250 -30.23 -9.90 33.58
C LEU B 250 -29.88 -8.43 33.38
N ASN B 251 -28.90 -8.18 32.53
CA ASN B 251 -28.41 -6.83 32.27
C ASN B 251 -28.81 -6.34 30.88
N TYR B 252 -29.22 -5.07 30.82
CA TYR B 252 -29.44 -4.34 29.59
C TYR B 252 -28.44 -3.19 29.54
N ASN B 253 -27.65 -3.12 28.48
CA ASN B 253 -26.75 -2.00 28.24
C ASN B 253 -27.14 -1.37 26.90
N GLY B 254 -27.06 -0.05 26.86
CA GLY B 254 -27.42 0.73 25.67
C GLY B 254 -26.52 1.92 25.46
N SER B 255 -26.11 2.15 24.21
CA SER B 255 -25.23 3.24 23.82
C SER B 255 -25.84 4.03 22.69
N ILE B 256 -25.69 5.36 22.73
CA ILE B 256 -26.32 6.20 21.73
C ILE B 256 -25.40 7.38 21.38
N PHE B 257 -24.79 7.34 20.20
CA PHE B 257 -23.89 8.39 19.74
C PHE B 257 -24.62 9.40 18.87
N LYS B 258 -24.46 10.68 19.17
CA LYS B 258 -25.07 11.75 18.38
C LYS B 258 -24.04 12.83 18.07
N ASN B 259 -23.55 12.82 16.83
CA ASN B 259 -22.70 13.88 16.28
C ASN B 259 -23.58 15.05 15.82
N GLU B 260 -23.23 16.25 16.26
CA GLU B 260 -23.94 17.46 15.87
C GLU B 260 -23.87 17.67 14.37
N TYR B 261 -22.67 17.63 13.84
CA TYR B 261 -22.37 17.82 12.42
C TYR B 261 -22.24 16.48 11.72
N ASN B 262 -22.69 16.41 10.48
CA ASN B 262 -22.64 15.13 9.81
C ASN B 262 -21.85 15.15 8.52
N GLN B 263 -21.39 16.32 8.08
CA GLN B 263 -20.42 16.40 7.00
C GLN B 263 -19.59 17.67 7.17
N LEU B 264 -18.39 17.64 6.61
CA LEU B 264 -17.41 18.70 6.73
C LEU B 264 -17.15 19.26 5.35
N ASN B 265 -17.50 20.54 5.15
CA ASN B 265 -17.38 21.20 3.87
C ASN B 265 -16.18 22.13 3.84
N PHE B 266 -15.49 22.17 2.70
CA PHE B 266 -14.30 23.00 2.62
C PHE B 266 -14.02 23.45 1.20
N ASP B 267 -13.67 24.72 1.06
CA ASP B 267 -13.21 25.30 -0.19
C ASP B 267 -11.84 24.73 -0.54
N SER B 268 -11.56 24.58 -1.83
CA SER B 268 -10.26 24.05 -2.26
C SER B 268 -9.25 25.18 -2.37
N ALA B 269 -8.14 25.04 -1.65
CA ALA B 269 -7.06 26.00 -1.81
C ALA B 269 -6.42 25.92 -3.19
N PHE B 270 -6.57 24.80 -3.88
CA PHE B 270 -5.91 24.55 -5.16
C PHE B 270 -6.78 24.94 -6.34
N ASN B 271 -6.14 25.12 -7.48
CA ASN B 271 -6.84 25.14 -8.74
C ASN B 271 -7.63 23.84 -8.87
N PRO B 272 -8.78 23.88 -9.55
CA PRO B 272 -9.55 22.66 -9.76
C PRO B 272 -8.74 21.72 -10.62
N THR B 273 -8.73 20.47 -10.23
CA THR B 273 -8.10 19.45 -11.03
C THR B 273 -9.17 18.60 -11.71
N PHE B 274 -8.73 17.54 -12.36
CA PHE B 274 -9.62 16.69 -13.13
C PHE B 274 -10.83 16.35 -12.28
N GLY B 275 -12.02 16.62 -12.83
CA GLY B 275 -13.29 16.54 -12.10
C GLY B 275 -13.90 17.88 -11.81
N ALA B 276 -13.06 18.92 -11.71
CA ALA B 276 -13.47 20.31 -11.77
C ALA B 276 -14.21 20.76 -10.51
N GLN B 277 -13.64 20.44 -9.35
CA GLN B 277 -14.26 20.74 -8.07
C GLN B 277 -13.59 21.92 -7.37
N THR B 278 -14.43 22.83 -6.83
CA THR B 278 -13.97 23.92 -5.97
C THR B 278 -14.19 23.64 -4.48
N SER B 279 -14.90 22.56 -4.12
CA SER B 279 -15.21 22.35 -2.72
C SER B 279 -15.50 20.88 -2.47
N GLY B 280 -15.05 20.39 -1.32
CA GLY B 280 -15.30 19.02 -0.90
C GLY B 280 -16.27 18.93 0.26
N SER B 281 -16.70 17.70 0.50
CA SER B 281 -17.64 17.39 1.57
C SER B 281 -17.32 15.99 2.07
N ILE B 282 -16.64 15.94 3.21
CA ILE B 282 -16.32 14.69 3.88
C ILE B 282 -17.52 14.26 4.70
N ALA B 283 -17.83 12.97 4.67
CA ALA B 283 -18.86 12.41 5.53
C ALA B 283 -18.28 12.17 6.93
N LEU B 284 -18.85 12.82 7.95
CA LEU B 284 -18.35 12.64 9.30
C LEU B 284 -18.91 11.36 9.91
N ASP B 285 -18.50 11.09 11.15
CA ASP B 285 -18.97 9.93 11.88
C ASP B 285 -20.48 10.02 12.09
N PRO B 286 -21.26 9.04 11.65
CA PRO B 286 -22.71 9.18 11.73
C PRO B 286 -23.25 8.82 13.10
N ASP B 287 -24.32 9.54 13.47
CA ASP B 287 -25.12 9.19 14.64
C ASP B 287 -25.42 7.71 14.59
N ASN B 288 -25.05 6.97 15.63
CA ASN B 288 -25.36 5.54 15.63
C ASN B 288 -25.93 5.15 16.99
N GLN B 289 -26.29 3.89 17.13
CA GLN B 289 -26.72 3.43 18.46
C GLN B 289 -26.58 1.91 18.54
N SER B 290 -26.51 1.40 19.77
CA SER B 290 -26.26 0.00 20.03
C SER B 290 -27.01 -0.47 21.28
N HIS B 291 -27.57 -1.68 21.22
CA HIS B 291 -28.37 -2.18 22.34
C HIS B 291 -28.13 -3.66 22.58
N THR B 292 -28.15 -4.07 23.84
CA THR B 292 -27.69 -5.41 24.18
C THR B 292 -28.21 -5.85 25.55
N VAL B 293 -28.56 -7.13 25.68
CA VAL B 293 -28.98 -7.71 26.96
C VAL B 293 -28.26 -9.04 27.16
N SER B 294 -27.69 -9.21 28.37
CA SER B 294 -26.90 -10.37 28.74
C SER B 294 -27.50 -11.02 29.99
N LEU B 295 -27.79 -12.31 29.89
CA LEU B 295 -28.19 -13.15 31.01
C LEU B 295 -26.99 -13.92 31.52
N MET B 296 -26.73 -13.83 32.83
CA MET B 296 -25.56 -14.45 33.43
C MET B 296 -26.00 -15.36 34.59
N GLY B 297 -25.26 -16.45 34.78
CA GLY B 297 -25.56 -17.41 35.83
C GLY B 297 -24.35 -18.08 36.48
N GLN B 298 -24.32 -18.11 37.81
CA GLN B 298 -23.19 -18.60 38.61
C GLN B 298 -23.72 -19.61 39.61
N TYR B 299 -23.20 -20.84 39.54
CA TYR B 299 -23.47 -21.91 40.51
C TYR B 299 -22.17 -22.15 41.23
N ASN B 300 -22.13 -21.73 42.48
CA ASN B 300 -21.02 -21.93 43.40
C ASN B 300 -21.19 -23.23 44.17
N ASP B 301 -20.06 -23.76 44.64
CA ASP B 301 -20.03 -25.06 45.32
C ASP B 301 -18.59 -25.33 45.72
N SER B 302 -18.36 -25.99 46.85
CA SER B 302 -17.00 -26.18 47.33
C SER B 302 -16.14 -26.99 46.37
N THR B 303 -16.73 -27.94 45.64
CA THR B 303 -15.97 -28.79 44.73
C THR B 303 -15.88 -28.20 43.31
N ASN B 304 -16.99 -27.68 42.76
CA ASN B 304 -17.06 -27.19 41.39
C ASN B 304 -17.68 -25.80 41.36
N VAL B 305 -17.48 -25.11 40.23
CA VAL B 305 -18.25 -23.91 39.95
C VAL B 305 -18.50 -23.76 38.46
N LEU B 306 -19.70 -23.28 38.13
CA LEU B 306 -20.12 -23.08 36.75
C LEU B 306 -20.55 -21.65 36.53
N SER B 307 -19.97 -21.01 35.51
CA SER B 307 -20.33 -19.67 35.07
C SER B 307 -20.86 -19.74 33.64
N ALA B 308 -21.89 -18.95 33.35
CA ALA B 308 -22.45 -18.85 32.00
C ALA B 308 -22.87 -17.41 31.74
N ARG B 309 -22.74 -16.99 30.47
CA ARG B 309 -23.21 -15.68 30.03
C ARG B 309 -23.82 -15.86 28.65
N LEU B 310 -25.04 -15.36 28.50
CA LEU B 310 -25.75 -15.29 27.24
C LEU B 310 -25.90 -13.83 26.84
N LEU B 311 -25.70 -13.51 25.57
CA LEU B 311 -25.75 -12.11 25.14
C LEU B 311 -26.35 -11.92 23.76
N THR B 312 -27.30 -10.98 23.61
CA THR B 312 -27.83 -10.62 22.30
C THR B 312 -27.90 -9.11 22.17
N GLY B 313 -27.51 -8.59 21.01
CA GLY B 313 -27.59 -7.17 20.76
C GLY B 313 -27.76 -6.87 19.29
N GLN B 314 -28.04 -5.60 19.03
CA GLN B 314 -28.08 -5.05 17.68
C GLN B 314 -27.52 -3.64 17.67
N MET B 315 -26.57 -3.37 16.75
CA MET B 315 -26.10 -2.01 16.51
C MET B 315 -26.69 -1.49 15.21
N SER B 316 -27.15 -0.25 15.22
CA SER B 316 -27.91 0.32 14.13
C SER B 316 -27.30 1.65 13.71
N GLN B 317 -27.54 1.98 12.44
CA GLN B 317 -27.07 3.25 11.88
C GLN B 317 -27.97 3.59 10.69
N ASP B 318 -28.68 4.73 10.77
CA ASP B 318 -29.66 5.09 9.75
C ASP B 318 -29.46 6.53 9.27
N GLN B 319 -28.27 7.06 9.44
CA GLN B 319 -27.99 8.45 9.08
C GLN B 319 -28.14 8.64 7.57
N ALA B 320 -28.66 9.80 7.17
CA ALA B 320 -28.79 10.13 5.76
C ALA B 320 -27.42 10.36 5.13
N LEU B 321 -27.33 10.05 3.83
CA LEU B 321 -26.07 10.02 3.10
C LEU B 321 -25.69 11.37 2.50
N VAL B 322 -24.37 11.57 2.32
CA VAL B 322 -23.84 12.84 1.84
C VAL B 322 -23.92 12.87 0.33
N THR B 323 -24.43 13.98 -0.21
CA THR B 323 -24.61 14.14 -1.64
C THR B 323 -24.00 15.45 -2.13
N SER B 324 -23.58 16.33 -1.24
CA SER B 324 -22.89 17.55 -1.64
C SER B 324 -21.54 17.20 -2.25
N GLY B 325 -21.19 17.91 -3.32
CA GLY B 325 -19.96 17.62 -4.04
C GLY B 325 -19.89 16.21 -4.56
N TYR B 326 -21.01 15.63 -4.97
CA TYR B 326 -21.07 14.24 -5.45
C TYR B 326 -22.09 14.21 -6.59
N GLY B 327 -21.59 13.99 -7.80
CA GLY B 327 -22.41 14.16 -8.99
C GLY B 327 -23.07 12.90 -9.50
N TYR B 328 -23.19 11.88 -8.68
CA TYR B 328 -23.88 10.67 -9.10
C TYR B 328 -25.07 10.38 -8.18
N GLN B 329 -25.94 9.49 -8.67
CA GLN B 329 -27.18 9.16 -7.98
C GLN B 329 -26.93 8.08 -6.95
N VAL B 330 -27.27 8.36 -5.70
CA VAL B 330 -27.20 7.36 -4.65
C VAL B 330 -28.37 6.40 -4.81
N PRO B 331 -28.18 5.10 -4.60
CA PRO B 331 -29.30 4.17 -4.68
C PRO B 331 -30.29 4.32 -3.52
N THR B 332 -29.86 4.89 -2.38
CA THR B 332 -30.77 5.17 -1.28
C THR B 332 -30.41 6.53 -0.68
N GLU B 333 -31.42 7.26 -0.22
CA GLU B 333 -31.13 8.54 0.42
C GLU B 333 -30.56 8.31 1.83
N ALA B 334 -30.79 7.14 2.41
CA ALA B 334 -30.34 6.81 3.75
C ALA B 334 -30.19 5.31 3.93
N LEU B 335 -29.14 4.91 4.66
CA LEU B 335 -28.86 3.52 5.00
C LEU B 335 -29.79 3.03 6.10
N ASP B 336 -29.96 1.71 6.18
CA ASP B 336 -30.54 1.12 7.39
C ASP B 336 -29.62 -0.03 7.77
N ALA B 337 -28.40 0.33 8.19
CA ALA B 337 -27.39 -0.65 8.53
C ALA B 337 -27.64 -1.17 9.93
N LYS B 338 -27.63 -2.48 10.07
CA LYS B 338 -27.89 -3.16 11.33
C LYS B 338 -26.84 -4.26 11.40
N VAL B 339 -26.24 -4.43 12.57
CA VAL B 339 -25.37 -5.56 12.85
C VAL B 339 -25.90 -6.26 14.08
N ASP B 340 -26.02 -7.58 14.00
CA ASP B 340 -26.61 -8.39 15.07
C ASP B 340 -25.50 -9.16 15.80
N LEU B 341 -25.42 -8.94 17.11
CA LEU B 341 -24.39 -9.50 17.98
C LEU B 341 -25.03 -10.64 18.76
N ILE B 342 -24.26 -11.72 18.95
CA ILE B 342 -24.62 -12.81 19.84
C ILE B 342 -23.40 -13.36 20.54
N GLY B 343 -23.51 -13.61 21.85
CA GLY B 343 -22.40 -14.14 22.62
C GLY B 343 -22.81 -15.25 23.56
N LEU B 344 -21.85 -16.12 23.86
CA LEU B 344 -22.09 -17.28 24.71
C LEU B 344 -20.78 -17.57 25.45
N ASN B 345 -20.82 -17.62 26.77
CA ASN B 345 -19.62 -17.77 27.60
C ASN B 345 -19.86 -18.87 28.63
N LEU B 346 -18.96 -19.85 28.69
CA LEU B 346 -19.11 -20.98 29.61
C LEU B 346 -17.79 -21.27 30.30
N LYS B 347 -17.85 -21.49 31.62
CA LYS B 347 -16.62 -21.69 32.37
C LYS B 347 -16.91 -22.69 33.48
N VAL B 348 -16.11 -23.75 33.61
CA VAL B 348 -16.21 -24.65 34.77
C VAL B 348 -14.84 -24.76 35.43
N VAL B 349 -14.80 -24.59 36.74
CA VAL B 349 -13.58 -24.75 37.51
C VAL B 349 -13.87 -25.72 38.65
N SER B 350 -13.12 -26.83 38.69
CA SER B 350 -13.33 -27.90 39.66
C SER B 350 -12.03 -28.27 40.35
N LYS B 351 -12.15 -28.74 41.60
CA LYS B 351 -11.01 -29.22 42.38
C LYS B 351 -11.05 -30.75 42.35
N VAL B 352 -10.26 -31.35 41.46
CA VAL B 352 -10.26 -32.80 41.33
C VAL B 352 -9.62 -33.46 42.55
N THR B 353 -8.59 -32.84 43.09
CA THR B 353 -8.02 -33.08 44.42
C THR B 353 -7.71 -31.70 45.00
N ASN B 354 -7.07 -31.62 46.16
CA ASN B 354 -6.53 -30.32 46.57
C ASN B 354 -5.13 -30.07 46.02
N SER B 355 -4.46 -31.09 45.47
CA SER B 355 -3.15 -30.83 44.88
C SER B 355 -3.32 -30.06 43.57
N LEU B 356 -4.33 -30.42 42.77
CA LEU B 356 -4.56 -29.73 41.51
C LEU B 356 -6.03 -29.38 41.29
N ARG B 357 -6.21 -28.28 40.55
CA ARG B 357 -7.49 -27.72 40.16
C ARG B 357 -7.54 -27.75 38.63
N LEU B 358 -8.63 -28.24 38.05
CA LEU B 358 -8.80 -28.29 36.59
C LEU B 358 -9.89 -27.32 36.13
N SER B 359 -9.62 -26.62 35.01
CA SER B 359 -10.57 -25.64 34.52
C SER B 359 -10.81 -25.86 33.02
N GLY B 360 -11.98 -25.44 32.58
CA GLY B 360 -12.31 -25.38 31.16
C GLY B 360 -13.16 -24.17 30.87
N SER B 361 -13.06 -23.70 29.62
CA SER B 361 -13.84 -22.57 29.12
C SER B 361 -14.21 -22.73 27.66
N TYR B 362 -15.24 -21.96 27.29
CA TYR B 362 -15.73 -21.90 25.92
C TYR B 362 -16.35 -20.53 25.69
N ASP B 363 -16.01 -19.86 24.60
CA ASP B 363 -16.59 -18.57 24.29
C ASP B 363 -16.91 -18.47 22.81
N TYR B 364 -17.95 -17.69 22.52
CA TYR B 364 -18.47 -17.56 21.17
C TYR B 364 -19.03 -16.15 21.05
N ASN B 365 -18.52 -15.39 20.10
CA ASN B 365 -18.92 -14.01 19.86
C ASN B 365 -19.12 -13.92 18.36
N ASP B 366 -20.37 -13.79 17.91
CA ASP B 366 -20.64 -13.67 16.48
C ASP B 366 -21.35 -12.36 16.17
N ARG B 367 -20.76 -11.60 15.25
CA ARG B 367 -21.32 -10.39 14.67
C ARG B 367 -21.69 -10.67 13.22
N ASP B 368 -22.96 -10.51 12.88
CA ASP B 368 -23.36 -10.63 11.48
C ASP B 368 -23.97 -9.30 11.07
N ASN B 369 -23.20 -8.58 10.25
CA ASN B 369 -23.68 -7.44 9.50
C ASN B 369 -24.57 -7.97 8.41
N ASN B 370 -25.86 -7.69 8.49
CA ASN B 370 -26.74 -7.93 7.34
C ASN B 370 -27.28 -6.57 6.91
N THR B 371 -26.40 -5.58 6.77
CA THR B 371 -26.67 -4.41 5.94
C THR B 371 -26.92 -4.86 4.51
N GLN B 372 -27.58 -4.00 3.74
CA GLN B 372 -28.09 -4.38 2.42
C GLN B 372 -27.14 -3.88 1.34
N ILE B 373 -26.65 -4.81 0.51
CA ILE B 373 -25.71 -4.53 -0.58
C ILE B 373 -26.35 -3.75 -1.73
N GLU B 374 -25.63 -2.76 -2.27
CA GLU B 374 -26.07 -2.03 -3.46
C GLU B 374 -24.87 -1.55 -4.28
N GLU B 375 -25.16 -0.96 -5.45
CA GLU B 375 -24.12 -0.50 -6.37
C GLU B 375 -23.87 0.98 -6.14
N TRP B 376 -22.65 1.31 -5.73
CA TRP B 376 -22.26 2.66 -5.38
C TRP B 376 -21.28 3.16 -6.43
N THR B 377 -21.56 4.33 -6.99
CA THR B 377 -20.70 4.91 -7.99
C THR B 377 -19.56 5.64 -7.31
N GLN B 378 -18.35 5.07 -7.37
CA GLN B 378 -17.11 5.67 -6.92
C GLN B 378 -16.58 6.61 -7.98
N VAL B 379 -15.90 7.70 -7.54
CA VAL B 379 -15.21 8.59 -8.46
C VAL B 379 -13.90 7.97 -8.92
N SER B 380 -13.53 8.20 -10.18
CA SER B 380 -12.29 7.59 -10.66
C SER B 380 -11.59 8.43 -11.69
N ILE B 381 -10.28 8.47 -11.54
CA ILE B 381 -9.44 9.30 -12.36
C ILE B 381 -9.31 8.71 -13.75
N ASN B 382 -9.49 7.38 -13.85
CA ASN B 382 -9.45 6.63 -15.09
C ASN B 382 -10.79 6.62 -15.82
N ASN B 383 -11.91 6.74 -15.10
CA ASN B 383 -13.25 6.67 -15.68
C ASN B 383 -14.00 7.95 -15.33
N VAL B 384 -14.49 8.66 -16.34
CA VAL B 384 -15.20 9.91 -16.09
C VAL B 384 -16.58 9.66 -15.54
N ASN B 385 -17.19 8.55 -15.92
CA ASN B 385 -18.53 8.19 -15.47
C ASN B 385 -18.54 7.41 -14.16
N GLY B 386 -17.41 7.32 -13.46
CA GLY B 386 -17.33 6.62 -12.19
C GLY B 386 -17.17 5.13 -12.34
N LYS B 387 -16.50 4.53 -11.35
CA LYS B 387 -16.29 3.09 -11.23
C LYS B 387 -17.29 2.56 -10.22
N VAL B 388 -18.06 1.54 -10.58
CA VAL B 388 -19.12 1.08 -9.70
C VAL B 388 -18.54 0.03 -8.75
N ALA B 389 -18.87 0.15 -7.47
CA ALA B 389 -18.37 -0.74 -6.44
C ALA B 389 -19.53 -1.14 -5.55
N TYR B 390 -19.53 -2.41 -5.13
CA TYR B 390 -20.48 -2.92 -4.16
C TYR B 390 -19.93 -2.81 -2.75
N ASN B 391 -20.76 -2.37 -1.81
CA ASN B 391 -20.33 -2.42 -0.42
C ASN B 391 -20.32 -3.86 0.09
N THR B 392 -19.35 -4.15 0.97
CA THR B 392 -19.08 -5.50 1.48
C THR B 392 -19.27 -5.51 3.00
N PRO B 393 -20.47 -5.77 3.47
CA PRO B 393 -20.74 -5.80 4.93
C PRO B 393 -20.03 -6.91 5.67
N TYR B 394 -19.03 -6.58 6.47
CA TYR B 394 -18.18 -7.60 7.05
C TYR B 394 -18.84 -8.28 8.24
N ASP B 395 -18.79 -9.61 8.22
CA ASP B 395 -19.24 -10.46 9.30
C ASP B 395 -18.03 -11.06 10.00
N ASN B 396 -18.07 -11.11 11.34
CA ASN B 396 -16.95 -11.61 12.13
C ASN B 396 -17.43 -12.57 13.21
N THR B 397 -16.99 -13.82 13.13
CA THR B 397 -17.27 -14.81 14.17
C THR B 397 -15.98 -15.17 14.89
N SER B 398 -16.08 -15.40 16.20
CA SER B 398 -14.98 -15.83 17.04
C SER B 398 -15.48 -16.87 18.01
N GLN B 399 -14.75 -17.98 18.16
CA GLN B 399 -15.07 -18.95 19.22
C GLN B 399 -13.78 -19.55 19.74
N ARG B 400 -13.60 -19.52 21.05
CA ARG B 400 -12.40 -20.01 21.69
C ARG B 400 -12.73 -21.11 22.68
N PHE B 401 -11.87 -22.11 22.73
CA PHE B 401 -11.95 -23.19 23.70
C PHE B 401 -10.64 -23.38 24.44
N LYS B 402 -10.70 -23.41 25.78
CA LYS B 402 -9.48 -23.54 26.57
C LYS B 402 -9.64 -24.44 27.79
N VAL B 403 -8.51 -25.04 28.20
CA VAL B 403 -8.46 -25.98 29.33
C VAL B 403 -7.15 -25.72 30.05
N ALA B 404 -7.18 -25.74 31.39
CA ALA B 404 -6.01 -25.46 32.23
C ALA B 404 -5.98 -26.39 33.44
N ALA B 405 -4.85 -26.33 34.16
CA ALA B 405 -4.56 -27.15 35.33
C ALA B 405 -3.60 -26.40 36.27
N ASP B 406 -3.95 -26.31 37.56
CA ASP B 406 -3.14 -25.64 38.58
C ASP B 406 -2.76 -26.71 39.61
N TYR B 407 -1.55 -27.27 39.54
CA TYR B 407 -1.15 -28.30 40.50
C TYR B 407 -0.19 -27.66 41.50
N ARG B 408 -0.58 -27.63 42.78
CA ARG B 408 0.30 -27.18 43.85
C ARG B 408 1.06 -28.39 44.37
N ILE B 409 2.31 -28.56 43.94
CA ILE B 409 3.16 -29.62 44.48
C ILE B 409 3.36 -29.38 45.96
N THR B 410 3.40 -28.11 46.35
CA THR B 410 3.80 -27.68 47.67
C THR B 410 3.37 -26.24 47.88
N ARG B 411 2.85 -25.93 49.06
CA ARG B 411 2.60 -24.54 49.45
C ARG B 411 3.87 -23.71 49.23
N GLY B 412 3.72 -22.57 48.57
CA GLY B 412 4.86 -21.78 48.15
C GLY B 412 5.37 -22.12 46.76
N MET B 413 4.96 -23.26 46.21
CA MET B 413 5.37 -23.72 44.89
C MET B 413 4.12 -24.16 44.13
N LYS B 414 3.71 -23.39 43.13
CA LYS B 414 2.56 -23.72 42.31
C LYS B 414 2.96 -23.83 40.86
N LEU B 415 2.44 -24.84 40.17
CA LEU B 415 2.65 -24.95 38.74
C LEU B 415 1.29 -24.90 38.05
N ASP B 416 1.27 -24.33 36.85
CA ASP B 416 0.05 -24.13 36.06
C ASP B 416 0.36 -24.44 34.61
N GLY B 417 -0.55 -25.15 33.95
CA GLY B 417 -0.40 -25.46 32.54
C GLY B 417 -1.71 -25.40 31.79
N GLY B 418 -1.69 -24.91 30.55
CA GLY B 418 -2.93 -24.78 29.79
C GLY B 418 -2.75 -24.83 28.29
N TYR B 419 -3.85 -25.19 27.62
CA TYR B 419 -3.99 -25.17 26.16
C TYR B 419 -5.19 -24.36 25.76
N ASP B 420 -4.98 -23.44 24.81
CA ASP B 420 -6.00 -22.55 24.28
C ASP B 420 -6.12 -22.75 22.77
N PHE B 421 -7.36 -22.84 22.27
CA PHE B 421 -7.70 -22.94 20.86
C PHE B 421 -8.57 -21.75 20.50
N ARG B 422 -8.29 -21.10 19.38
CA ARG B 422 -9.14 -20.00 18.93
C ARG B 422 -9.43 -20.19 17.46
N ARG B 423 -10.67 -19.94 17.05
CA ARG B 423 -11.01 -19.95 15.63
C ARG B 423 -11.90 -18.79 15.27
N ASP B 424 -11.40 -18.02 14.30
CA ASP B 424 -12.07 -16.83 13.79
C ASP B 424 -12.41 -17.02 12.31
N GLU B 425 -13.67 -16.75 11.99
CA GLU B 425 -14.18 -16.82 10.63
C GLU B 425 -14.56 -15.42 10.16
N ARG B 426 -14.29 -15.13 8.88
CA ARG B 426 -14.36 -13.78 8.34
C ARG B 426 -14.99 -13.74 6.95
N ASN B 427 -15.20 -12.50 6.49
CA ASN B 427 -15.98 -12.20 5.31
C ASN B 427 -15.15 -11.42 4.30
N TYR B 428 -15.32 -11.75 3.02
CA TYR B 428 -14.88 -10.88 1.94
C TYR B 428 -13.38 -10.59 1.99
N GLN B 429 -12.56 -11.57 2.37
CA GLN B 429 -11.16 -11.23 2.58
C GLN B 429 -10.27 -12.36 2.11
N ASP B 430 -8.95 -12.12 2.22
CA ASP B 430 -7.99 -13.05 1.65
C ASP B 430 -8.18 -14.46 2.19
N ARG B 431 -8.46 -14.58 3.50
CA ARG B 431 -8.60 -15.85 4.19
C ARG B 431 -9.97 -15.99 4.83
N GLU B 432 -10.59 -17.17 4.70
CA GLU B 432 -11.92 -17.42 5.26
C GLU B 432 -11.82 -17.64 6.77
N THR B 433 -10.98 -18.59 7.19
CA THR B 433 -10.86 -18.99 8.59
C THR B 433 -9.41 -19.11 9.06
N THR B 434 -9.17 -18.69 10.32
CA THR B 434 -7.83 -18.75 10.93
C THR B 434 -7.94 -19.44 12.30
N ASP B 435 -6.96 -20.33 12.59
CA ASP B 435 -7.06 -21.22 13.75
C ASP B 435 -5.71 -21.12 14.45
N GLU B 436 -5.71 -20.87 15.76
CA GLU B 436 -4.49 -20.85 16.55
C GLU B 436 -4.54 -21.83 17.71
N ASN B 437 -3.48 -22.64 17.82
CA ASN B 437 -3.26 -23.55 18.94
C ASN B 437 -2.08 -23.09 19.77
N THR B 438 -2.33 -22.60 20.97
CA THR B 438 -1.26 -22.14 21.84
C THR B 438 -1.25 -22.95 23.14
N VAL B 439 -0.05 -23.32 23.59
CA VAL B 439 0.11 -24.11 24.81
C VAL B 439 1.04 -23.31 25.71
N TRP B 440 0.73 -23.23 27.00
CA TRP B 440 1.45 -22.36 27.94
C TRP B 440 1.57 -22.98 29.32
N ALA B 441 2.49 -22.42 30.11
CA ALA B 441 2.70 -22.86 31.49
C ALA B 441 3.30 -21.73 32.31
N ARG B 442 3.10 -21.79 33.63
CA ARG B 442 3.63 -20.80 34.58
C ARG B 442 4.02 -21.52 35.87
N PHE B 443 5.16 -21.13 36.45
CA PHE B 443 5.73 -21.82 37.60
C PHE B 443 6.18 -20.79 38.62
N ARG B 444 5.53 -20.76 39.79
CA ARG B 444 5.85 -19.80 40.84
C ARG B 444 6.48 -20.50 42.05
N VAL B 445 7.50 -19.87 42.63
CA VAL B 445 8.28 -20.40 43.75
C VAL B 445 8.55 -19.28 44.76
N ASN B 446 7.83 -19.26 45.89
CA ASN B 446 7.90 -18.19 46.90
C ASN B 446 8.71 -18.56 48.13
N SER B 447 8.69 -19.83 48.49
CA SER B 447 9.22 -20.28 49.79
C SER B 447 10.66 -19.83 50.04
N PHE B 448 11.59 -20.29 49.19
CA PHE B 448 13.01 -20.29 49.57
C PHE B 448 13.56 -18.90 49.85
N GLU B 449 14.08 -18.69 51.05
CA GLU B 449 14.57 -17.40 51.60
C GLU B 449 13.43 -16.36 51.54
N THR B 450 13.83 -15.10 51.40
CA THR B 450 12.91 -13.99 51.10
C THR B 450 12.68 -13.82 49.59
N TRP B 451 13.31 -14.66 48.75
CA TRP B 451 13.08 -14.62 47.31
C TRP B 451 11.66 -15.11 47.00
N ASP B 452 11.03 -14.49 46.00
CA ASP B 452 9.79 -15.01 45.42
C ASP B 452 9.80 -14.82 43.91
N MET B 453 9.75 -15.95 43.19
CA MET B 453 9.97 -16.04 41.75
C MET B 453 8.75 -16.56 41.00
N TRP B 454 8.67 -16.26 39.70
CA TRP B 454 7.74 -17.02 38.85
C TRP B 454 8.10 -16.76 37.38
N VAL B 455 7.94 -17.80 36.54
CA VAL B 455 8.22 -17.67 35.10
C VAL B 455 7.14 -18.39 34.29
N LYS B 456 6.77 -17.80 33.14
CA LYS B 456 5.71 -18.36 32.27
C LYS B 456 6.17 -18.34 30.82
N GLY B 457 5.78 -19.36 30.06
CA GLY B 457 6.07 -19.45 28.64
C GLY B 457 4.91 -19.97 27.81
N SER B 458 4.68 -19.35 26.65
CA SER B 458 3.62 -19.71 25.73
C SER B 458 4.14 -19.84 24.30
N TYR B 459 3.62 -20.84 23.58
CA TYR B 459 3.97 -21.09 22.17
C TYR B 459 2.68 -21.36 21.41
N GLY B 460 2.35 -20.48 20.46
CA GLY B 460 1.12 -20.60 19.69
C GLY B 460 1.38 -20.63 18.21
N GLN B 461 0.70 -21.54 17.51
CA GLN B 461 0.79 -21.64 16.06
C GLN B 461 -0.54 -21.30 15.44
N ARG B 462 -0.53 -20.26 14.59
CA ARG B 462 -1.68 -19.84 13.80
C ARG B 462 -1.50 -20.36 12.38
N ASP B 463 -2.53 -21.04 11.87
CA ASP B 463 -2.60 -21.49 10.47
C ASP B 463 -4.05 -21.24 10.02
N GLY B 464 -4.40 -21.62 8.80
CA GLY B 464 -5.76 -21.35 8.35
C GLY B 464 -6.04 -21.92 6.96
N SER B 465 -7.16 -21.49 6.39
CA SER B 465 -7.61 -21.95 5.08
C SER B 465 -6.78 -21.32 3.97
N GLU B 466 -7.10 -21.72 2.73
CA GLU B 466 -6.33 -21.29 1.57
C GLU B 466 -6.30 -19.77 1.50
N TYR B 467 -5.11 -19.20 1.34
CA TYR B 467 -4.91 -17.75 1.18
C TYR B 467 -5.00 -17.45 -0.31
N GLN B 468 -5.88 -16.51 -0.65
CA GLN B 468 -6.11 -16.13 -2.05
C GLN B 468 -6.80 -14.78 -2.06
N ALA B 469 -6.17 -13.78 -2.70
CA ALA B 469 -6.60 -12.39 -2.56
C ALA B 469 -8.04 -12.16 -3.01
N SER B 470 -8.72 -11.19 -2.39
CA SER B 470 -10.12 -10.90 -2.67
C SER B 470 -10.29 -10.30 -4.08
N GLU B 471 -11.44 -10.58 -4.71
CA GLU B 471 -11.91 -9.87 -5.91
C GLU B 471 -12.44 -8.48 -5.60
N TRP B 472 -12.71 -8.14 -4.33
CA TRP B 472 -13.44 -6.93 -3.96
C TRP B 472 -12.57 -5.68 -3.88
N THR B 473 -11.27 -5.79 -4.09
CA THR B 473 -10.42 -4.61 -4.14
C THR B 473 -10.47 -3.97 -5.54
N SER B 474 -10.05 -2.70 -5.60
CA SER B 474 -10.00 -2.00 -6.88
C SER B 474 -8.79 -2.39 -7.71
N SER B 475 -7.71 -2.84 -7.08
CA SER B 475 -6.54 -3.33 -7.79
C SER B 475 -6.00 -4.49 -6.98
N GLU B 476 -5.87 -5.66 -7.61
CA GLU B 476 -5.50 -6.90 -6.91
C GLU B 476 -4.09 -6.83 -6.32
N THR B 477 -3.96 -7.29 -5.07
CA THR B 477 -2.68 -7.31 -4.35
C THR B 477 -1.74 -8.37 -4.91
N ASN B 478 -0.46 -8.20 -4.60
CA ASN B 478 0.57 -9.21 -4.85
C ASN B 478 0.18 -10.57 -4.28
N SER B 479 0.37 -11.61 -5.10
CA SER B 479 0.01 -12.98 -4.72
C SER B 479 0.76 -13.47 -3.50
N LEU B 480 1.85 -12.80 -3.13
CA LEU B 480 2.71 -13.21 -2.04
C LEU B 480 2.39 -12.49 -0.75
N LEU B 481 1.51 -11.49 -0.80
CA LEU B 481 1.18 -10.71 0.39
C LEU B 481 0.43 -11.54 1.42
N ARG B 482 0.78 -11.34 2.68
CA ARG B 482 0.11 -11.99 3.82
C ARG B 482 -0.21 -10.94 4.89
N LYS B 483 -1.46 -10.52 4.89
CA LYS B 483 -1.94 -9.62 5.94
C LYS B 483 -1.75 -10.28 7.29
N TYR B 484 -1.07 -9.60 8.19
CA TYR B 484 -0.50 -10.30 9.32
C TYR B 484 -1.55 -10.87 10.26
N ASN B 485 -2.67 -10.17 10.45
CA ASN B 485 -3.76 -10.68 11.27
C ASN B 485 -4.38 -11.94 10.68
N LEU B 486 -4.01 -12.33 9.47
CA LEU B 486 -4.57 -13.53 8.87
C LEU B 486 -3.53 -14.61 8.63
N ALA B 487 -2.26 -14.23 8.66
CA ALA B 487 -1.20 -15.11 8.22
C ALA B 487 -0.84 -16.12 9.29
N ASN B 488 -0.25 -17.20 8.82
CA ASN B 488 0.35 -18.20 9.69
C ASN B 488 1.44 -17.54 10.53
N ARG B 489 1.36 -17.73 11.85
CA ARG B 489 2.25 -17.07 12.80
C ARG B 489 2.73 -18.11 13.82
N ASP B 490 3.91 -17.89 14.40
CA ASP B 490 4.33 -18.64 15.58
C ASP B 490 4.70 -17.64 16.66
N ARG B 491 3.86 -17.52 17.68
CA ARG B 491 4.13 -16.51 18.68
C ARG B 491 4.63 -17.20 19.94
N THR B 492 5.89 -16.93 20.30
CA THR B 492 6.48 -17.50 21.50
C THR B 492 6.97 -16.39 22.41
N GLN B 493 6.48 -16.38 23.64
CA GLN B 493 6.86 -15.42 24.66
C GLN B 493 7.11 -16.09 26.01
N VAL B 494 8.19 -15.61 26.65
CA VAL B 494 8.64 -16.06 27.95
C VAL B 494 8.88 -14.85 28.85
N GLU B 495 8.38 -14.91 30.08
CA GLU B 495 8.56 -13.81 31.04
C GLU B 495 8.96 -14.36 32.41
N ALA B 496 10.01 -13.78 33.00
CA ALA B 496 10.50 -14.17 34.33
C ALA B 496 10.54 -12.99 35.29
N ARG B 497 10.08 -13.18 36.53
CA ARG B 497 10.18 -12.11 37.51
C ARG B 497 10.55 -12.63 38.90
N VAL B 498 11.35 -11.82 39.62
CA VAL B 498 11.98 -12.20 40.89
C VAL B 498 11.84 -10.99 41.81
N THR B 499 11.55 -11.24 43.08
CA THR B 499 11.60 -10.18 44.08
C THR B 499 12.31 -10.75 45.30
N HIS B 500 13.28 -10.00 45.82
CA HIS B 500 14.03 -10.46 46.99
C HIS B 500 14.17 -9.35 48.01
N SER B 501 13.92 -9.70 49.27
CA SER B 501 13.99 -8.77 50.38
C SER B 501 14.73 -9.37 51.57
N PRO B 502 16.06 -9.35 51.57
CA PRO B 502 16.78 -9.99 52.67
C PRO B 502 16.58 -9.21 53.97
N ILE B 503 17.04 -7.96 53.97
CA ILE B 503 16.71 -7.00 55.00
C ILE B 503 15.24 -6.60 54.92
N GLU B 504 14.64 -6.33 56.08
CA GLU B 504 13.34 -5.68 56.06
C GLU B 504 13.56 -4.18 55.99
N SER B 505 12.57 -3.46 55.45
CA SER B 505 12.79 -2.09 55.01
C SER B 505 13.59 -2.02 53.70
N LEU B 506 13.73 -3.13 52.97
CA LEU B 506 14.13 -3.04 51.57
C LEU B 506 13.71 -4.26 50.79
N THR B 507 13.55 -4.03 49.49
CA THR B 507 13.01 -5.01 48.56
C THR B 507 13.50 -4.62 47.18
N ILE B 508 13.85 -5.62 46.38
CA ILE B 508 14.21 -5.35 44.99
C ILE B 508 13.56 -6.38 44.08
N ASP B 509 12.87 -5.88 43.07
CA ASP B 509 12.15 -6.69 42.09
C ASP B 509 12.72 -6.42 40.71
N PHE B 510 12.89 -7.48 39.93
CA PHE B 510 13.31 -7.30 38.54
C PHE B 510 12.76 -8.43 37.72
N GLY B 511 12.47 -8.11 36.45
CA GLY B 511 11.91 -9.09 35.55
C GLY B 511 12.35 -8.80 34.14
N ALA B 512 12.10 -9.77 33.27
CA ALA B 512 12.48 -9.69 31.88
C ALA B 512 11.43 -10.39 31.03
N ARG B 513 11.10 -9.81 29.87
CA ARG B 513 10.12 -10.36 28.94
C ARG B 513 10.64 -10.47 27.53
N TYR B 514 10.23 -11.52 26.81
CA TYR B 514 10.60 -11.62 25.42
C TYR B 514 9.46 -12.30 24.67
N ALA B 515 9.03 -11.70 23.57
CA ALA B 515 7.98 -12.21 22.71
C ALA B 515 8.46 -12.20 21.26
N LEU B 516 7.99 -13.18 20.48
CA LEU B 516 8.30 -13.14 19.06
C LEU B 516 7.13 -13.67 18.25
N ASP B 517 6.52 -12.76 17.49
CA ASP B 517 5.58 -13.05 16.42
C ASP B 517 6.44 -13.36 15.19
N ASP B 518 6.53 -14.60 14.77
CA ASP B 518 7.28 -14.87 13.53
C ASP B 518 6.31 -15.44 12.49
N TYR B 519 6.07 -14.66 11.43
CA TYR B 519 5.24 -15.07 10.30
C TYR B 519 6.11 -15.82 9.30
N THR B 520 6.04 -17.15 9.34
CA THR B 520 7.00 -18.00 8.65
C THR B 520 6.78 -18.03 7.15
N ASP B 521 5.53 -18.05 6.72
CA ASP B 521 5.13 -18.21 5.32
C ASP B 521 4.79 -16.88 4.65
N THR B 522 5.04 -15.77 5.33
CA THR B 522 4.81 -14.43 4.79
C THR B 522 6.03 -14.04 3.98
N VAL B 523 5.87 -13.83 2.68
CA VAL B 523 6.99 -13.37 1.88
C VAL B 523 6.88 -11.92 1.48
N ILE B 524 5.68 -11.36 1.44
CA ILE B 524 5.42 -9.93 1.33
C ILE B 524 4.54 -9.56 2.51
N GLY B 525 4.87 -8.47 3.19
CA GLY B 525 4.15 -8.08 4.38
C GLY B 525 4.94 -8.15 5.67
N LEU B 526 4.21 -8.17 6.78
CA LEU B 526 4.87 -8.24 8.07
C LEU B 526 5.49 -9.62 8.22
N THR B 527 6.80 -9.64 8.44
CA THR B 527 7.59 -10.85 8.54
C THR B 527 7.94 -11.27 9.96
N GLU B 528 8.31 -10.31 10.81
CA GLU B 528 8.61 -10.69 12.18
C GLU B 528 8.56 -9.46 13.07
N SER B 529 8.09 -9.66 14.30
CA SER B 529 8.07 -8.58 15.28
C SER B 529 8.50 -9.20 16.60
N LYS B 530 9.62 -8.73 17.17
CA LYS B 530 10.08 -9.24 18.46
C LYS B 530 10.06 -8.11 19.49
N ASP B 531 9.61 -8.43 20.70
CA ASP B 531 9.50 -7.46 21.79
C ASP B 531 10.28 -7.97 23.00
N THR B 532 11.29 -7.22 23.42
CA THR B 532 12.02 -7.52 24.65
C THR B 532 12.00 -6.37 25.63
N SER B 533 11.70 -6.70 26.89
CA SER B 533 11.61 -5.75 27.99
C SER B 533 12.45 -6.24 29.17
N TYR B 534 13.02 -5.27 29.88
CA TYR B 534 13.69 -5.46 31.17
C TYR B 534 13.01 -4.52 32.15
N ASP B 535 13.07 -4.85 33.44
CA ASP B 535 12.66 -3.87 34.44
C ASP B 535 13.30 -4.17 35.77
N ALA B 536 13.62 -3.10 36.51
CA ALA B 536 14.24 -3.20 37.82
C ALA B 536 13.72 -2.09 38.72
N ASN B 537 13.03 -2.44 39.81
CA ASN B 537 12.56 -1.47 40.80
C ASN B 537 13.11 -1.83 42.20
N ILE B 538 13.50 -0.81 42.98
CA ILE B 538 14.05 -0.97 44.33
C ILE B 538 13.39 0.01 45.31
N SER B 539 13.25 -0.44 46.56
CA SER B 539 12.67 0.37 47.65
C SER B 539 13.39 0.09 48.96
N TYR B 540 13.64 1.14 49.77
CA TYR B 540 14.34 0.91 51.06
C TYR B 540 14.35 2.16 51.95
N MET B 541 14.71 1.90 53.22
CA MET B 541 14.84 2.89 54.31
C MET B 541 15.64 2.25 55.45
N ILE B 542 16.46 3.04 56.16
CA ILE B 542 17.13 2.54 57.37
C ILE B 542 16.19 2.65 58.58
N THR B 543 14.91 2.29 58.37
CA THR B 543 13.82 2.54 59.34
C THR B 543 13.79 3.99 59.79
N ASP B 544 14.31 4.88 58.94
CA ASP B 544 14.45 6.30 59.22
C ASP B 544 13.12 7.04 59.19
N ASP B 545 12.04 6.39 58.74
CA ASP B 545 10.75 7.04 58.53
C ASP B 545 10.79 8.09 57.43
N LEU B 546 11.71 7.89 56.49
CA LEU B 546 11.65 8.44 55.14
C LEU B 546 11.90 7.25 54.21
N LEU B 547 11.01 7.10 53.23
CA LEU B 547 10.98 5.98 52.29
C LEU B 547 11.55 6.41 50.94
N ALA B 548 12.32 5.52 50.28
CA ALA B 548 12.85 5.84 48.95
C ALA B 548 12.61 4.70 47.96
N ASN B 549 12.59 5.07 46.66
CA ASN B 549 12.46 4.10 45.57
C ASN B 549 13.13 4.58 44.28
N ALA B 550 13.44 3.61 43.39
CA ALA B 550 14.05 3.86 42.09
C ALA B 550 13.70 2.76 41.08
N PHE B 551 13.47 3.15 39.84
CA PHE B 551 13.09 2.21 38.78
C PHE B 551 13.78 2.54 37.47
N TYR B 552 14.01 1.48 36.67
CA TYR B 552 14.35 1.65 35.26
C TYR B 552 13.73 0.51 34.48
N ASN B 553 12.97 0.89 33.45
CA ASN B 553 12.33 -0.04 32.52
C ASN B 553 12.84 0.25 31.12
N TYR B 554 13.06 -0.81 30.33
CA TYR B 554 13.60 -0.67 28.98
C TYR B 554 12.81 -1.61 28.08
N GLN B 555 12.47 -1.14 26.88
CA GLN B 555 11.76 -2.00 25.94
C GLN B 555 12.17 -1.68 24.52
N ILE B 556 12.29 -2.73 23.69
CA ILE B 556 12.42 -2.56 22.25
C ILE B 556 11.50 -3.52 21.52
N ILE B 557 10.77 -2.98 20.56
CA ILE B 557 9.96 -3.71 19.59
C ILE B 557 10.61 -3.53 18.23
N GLU B 558 11.15 -4.62 17.70
CA GLU B 558 11.83 -4.65 16.41
C GLU B 558 10.98 -5.36 15.35
N SER B 559 10.40 -4.57 14.45
CA SER B 559 9.60 -5.12 13.37
C SER B 559 10.36 -5.07 12.05
N GLU B 560 10.01 -6.00 11.18
CA GLU B 560 10.76 -6.29 9.97
C GLU B 560 9.79 -6.85 8.94
N GLN B 561 9.67 -6.14 7.81
CA GLN B 561 8.73 -6.41 6.73
C GLN B 561 9.41 -6.31 5.37
N ALA B 562 8.73 -6.81 4.35
CA ALA B 562 9.19 -6.77 2.97
C ALA B 562 8.08 -6.24 2.07
N GLY B 563 8.49 -5.87 0.85
CA GLY B 563 7.58 -5.40 -0.19
C GLY B 563 8.19 -5.53 -1.56
N SER B 564 7.35 -5.41 -2.60
CA SER B 564 7.77 -5.65 -3.99
C SER B 564 7.32 -4.55 -4.95
N SER B 565 8.29 -3.71 -5.32
CA SER B 565 8.10 -2.65 -6.30
C SER B 565 7.56 -3.14 -7.65
N ASN B 566 8.03 -4.30 -8.12
CA ASN B 566 7.60 -4.78 -9.43
C ASN B 566 6.50 -5.83 -9.32
N TYR B 567 5.64 -5.64 -8.31
CA TYR B 567 4.50 -6.50 -8.00
C TYR B 567 4.83 -7.95 -8.32
N SER B 568 5.90 -8.44 -7.69
CA SER B 568 6.38 -9.81 -7.79
C SER B 568 7.03 -10.19 -6.46
N THR B 569 8.18 -10.85 -6.51
CA THR B 569 8.97 -11.15 -5.33
C THR B 569 9.60 -9.90 -4.73
N PRO B 570 10.03 -9.98 -3.47
CA PRO B 570 10.45 -8.76 -2.77
C PRO B 570 11.61 -8.06 -3.45
N THR B 571 11.61 -6.74 -3.29
CA THR B 571 12.68 -5.88 -3.72
C THR B 571 13.07 -4.92 -2.64
N TRP B 572 12.28 -4.76 -1.56
CA TRP B 572 12.71 -3.90 -0.48
C TRP B 572 12.29 -4.45 0.88
N THR B 573 13.00 -4.00 1.92
CA THR B 573 12.69 -4.41 3.27
C THR B 573 12.68 -3.19 4.20
N GLY B 574 11.79 -3.23 5.18
CA GLY B 574 11.65 -2.17 6.16
C GLY B 574 11.99 -2.68 7.54
N PHE B 575 12.80 -1.90 8.26
CA PHE B 575 13.26 -2.18 9.62
C PHE B 575 12.84 -1.03 10.54
N ILE B 576 11.86 -1.31 11.41
CA ILE B 576 11.37 -0.34 12.39
C ILE B 576 11.81 -0.76 13.80
N GLU B 577 12.32 0.20 14.57
CA GLU B 577 12.82 0.02 15.94
C GLU B 577 12.07 1.03 16.82
N ASP B 578 11.18 0.54 17.68
CA ASP B 578 10.34 1.38 18.53
C ASP B 578 10.81 1.08 19.97
N LYS B 579 11.52 2.02 20.61
CA LYS B 579 12.24 1.74 21.85
C LYS B 579 11.95 2.82 22.88
N VAL B 580 11.96 2.43 24.15
CA VAL B 580 11.71 3.36 25.26
C VAL B 580 12.62 3.03 26.43
N ASP B 581 13.17 4.09 27.03
CA ASP B 581 13.92 4.03 28.29
C ASP B 581 13.20 4.94 29.29
N VAL B 582 12.85 4.45 30.47
CA VAL B 582 12.30 5.34 31.50
C VAL B 582 12.84 5.00 32.88
N VAL B 583 13.38 6.03 33.58
CA VAL B 583 13.94 5.91 34.92
C VAL B 583 13.30 6.93 35.85
N GLY B 584 13.36 6.65 37.16
CA GLY B 584 12.88 7.62 38.13
C GLY B 584 13.21 7.22 39.54
N ALA B 585 13.21 8.21 40.43
CA ALA B 585 13.46 7.96 41.84
C ALA B 585 12.67 8.95 42.69
N GLY B 586 12.20 8.48 43.84
CA GLY B 586 11.40 9.31 44.73
C GLY B 586 11.77 9.12 46.18
N ILE B 587 11.62 10.22 46.94
CA ILE B 587 11.86 10.27 48.38
C ILE B 587 10.63 10.84 49.08
N SER B 588 10.19 10.17 50.15
CA SER B 588 8.99 10.56 50.87
C SER B 588 9.19 10.47 52.37
N TYR B 589 8.89 11.52 53.11
CA TYR B 589 9.15 11.54 54.56
C TYR B 589 7.86 11.95 55.28
N ASN B 590 7.30 11.01 56.04
CA ASN B 590 6.17 11.28 56.93
C ASN B 590 6.73 11.62 58.30
N ASN B 591 6.46 12.83 58.75
CA ASN B 591 6.99 13.34 60.01
C ASN B 591 5.93 13.04 61.06
N LEU B 592 6.21 12.05 61.91
CA LEU B 592 5.25 11.53 62.87
C LEU B 592 5.57 12.04 64.26
N LEU B 593 4.52 12.14 65.08
CA LEU B 593 4.62 12.59 66.46
C LEU B 593 5.02 14.07 66.55
N GLU B 594 4.59 14.88 65.58
CA GLU B 594 4.88 16.31 65.52
C GLU B 594 3.71 16.99 64.79
N ASN B 595 3.86 18.29 64.50
CA ASN B 595 2.99 19.06 63.61
C ASN B 595 2.83 18.31 62.29
N LYS B 596 1.72 17.60 62.06
CA LYS B 596 1.77 16.44 61.20
C LYS B 596 2.04 16.91 59.78
N LEU B 597 3.33 17.12 59.55
CA LEU B 597 3.93 17.40 58.27
C LEU B 597 4.20 16.11 57.52
N ARG B 598 4.31 16.22 56.20
CA ARG B 598 4.73 15.09 55.38
C ARG B 598 5.02 15.66 54.00
N MET B 599 6.09 15.18 53.37
CA MET B 599 6.44 15.77 52.09
C MET B 599 7.12 14.71 51.23
N GLY B 600 7.39 15.08 49.97
CA GLY B 600 8.08 14.19 49.06
C GLY B 600 8.58 14.88 47.82
N LEU B 601 9.52 14.21 47.17
CA LEU B 601 10.17 14.65 45.94
C LEU B 601 10.18 13.47 44.96
N ASP B 602 9.79 13.72 43.71
CA ASP B 602 9.73 12.69 42.70
C ASP B 602 10.38 13.15 41.40
N TYR B 603 11.18 12.25 40.78
CA TYR B 603 11.89 12.51 39.52
C TYR B 603 11.58 11.40 38.54
N THR B 604 11.30 11.77 37.28
CA THR B 604 11.12 10.78 36.23
C THR B 604 11.60 11.31 34.88
N TYR B 605 12.31 10.46 34.12
CA TYR B 605 12.80 10.83 32.79
C TYR B 605 12.46 9.72 31.81
N SER B 606 11.86 10.06 30.68
CA SER B 606 11.56 9.10 29.63
C SER B 606 12.18 9.54 28.31
N ASP B 607 12.54 8.53 27.50
CA ASP B 607 13.07 8.69 26.15
C ASP B 607 12.36 7.66 25.27
N SER B 608 11.28 8.13 24.61
CA SER B 608 10.61 7.39 23.56
C SER B 608 11.28 7.73 22.24
N ASN B 609 11.57 6.70 21.43
CA ASN B 609 12.35 6.90 20.23
C ASN B 609 12.03 5.85 19.18
N SER B 610 11.76 6.31 17.96
CA SER B 610 11.51 5.45 16.81
C SER B 610 12.56 5.70 15.73
N ASN B 611 12.96 4.62 15.06
CA ASN B 611 13.91 4.70 13.96
C ASN B 611 13.50 3.70 12.90
N THR B 612 13.13 4.18 11.72
CA THR B 612 12.74 3.29 10.64
C THR B 612 13.70 3.49 9.47
N GLN B 613 13.96 2.40 8.76
CA GLN B 613 14.93 2.26 7.68
C GLN B 613 14.31 1.40 6.60
N VAL B 614 14.46 1.83 5.37
CA VAL B 614 14.03 1.10 4.18
C VAL B 614 15.24 0.80 3.32
N ARG B 615 15.29 -0.42 2.79
CA ARG B 615 16.42 -0.85 1.98
C ARG B 615 15.88 -1.39 0.67
N GLN B 616 16.11 -0.63 -0.41
CA GLN B 616 15.91 -1.06 -1.79
C GLN B 616 17.12 -0.58 -2.58
N GLY B 617 18.05 -1.49 -2.88
CA GLY B 617 19.31 -1.10 -3.50
C GLY B 617 20.20 -0.46 -2.45
N ILE B 618 19.81 0.73 -2.00
CA ILE B 618 20.46 1.34 -0.86
C ILE B 618 19.48 1.40 0.31
N THR B 619 19.87 2.11 1.34
CA THR B 619 19.17 2.18 2.61
C THR B 619 18.95 3.64 2.92
N GLY B 620 17.69 3.99 3.14
CA GLY B 620 17.34 5.30 3.64
C GLY B 620 16.67 5.26 4.98
N ASP B 621 16.62 6.37 5.68
CA ASP B 621 15.97 6.33 6.97
C ASP B 621 15.15 7.58 7.14
N TYR B 622 14.21 7.49 8.07
CA TYR B 622 13.41 8.62 8.49
C TYR B 622 14.17 9.25 9.64
N GLY B 623 14.04 10.54 9.83
CA GLY B 623 14.92 11.23 10.75
C GLY B 623 14.61 11.00 12.21
N ASP B 624 14.88 12.05 13.00
CA ASP B 624 14.51 12.09 14.39
C ASP B 624 13.01 11.86 14.57
N TYR B 625 12.66 10.85 15.37
CA TYR B 625 11.29 10.66 15.87
C TYR B 625 11.38 10.35 17.35
N PHE B 626 11.25 11.37 18.19
CA PHE B 626 11.47 11.11 19.61
C PHE B 626 10.65 12.06 20.48
N ALA B 627 10.59 11.67 21.75
CA ALA B 627 10.09 12.51 22.83
C ALA B 627 10.95 12.24 24.06
N LYS B 628 11.57 13.30 24.57
CA LYS B 628 12.40 13.26 25.76
C LYS B 628 11.72 14.15 26.80
N VAL B 629 11.43 13.62 27.99
CA VAL B 629 10.75 14.44 28.99
C VAL B 629 11.28 14.18 30.40
N HIS B 630 11.54 15.28 31.12
CA HIS B 630 11.83 15.28 32.56
C HIS B 630 10.62 15.82 33.32
N ASN B 631 10.23 15.09 34.37
CA ASN B 631 9.18 15.48 35.30
C ASN B 631 9.78 15.49 36.70
N ILE B 632 9.69 16.62 37.38
CA ILE B 632 9.97 16.62 38.82
C ILE B 632 8.74 17.18 39.52
N ASN B 633 8.38 16.52 40.63
CA ASN B 633 7.23 16.90 41.43
C ASN B 633 7.70 17.00 42.88
N LEU B 634 7.55 18.19 43.45
CA LEU B 634 7.93 18.50 44.82
C LEU B 634 6.66 18.84 45.58
N TYR B 635 6.38 18.11 46.67
CA TYR B 635 5.18 18.37 47.44
C TYR B 635 5.48 18.45 48.93
N ALA B 636 4.65 19.20 49.66
CA ALA B 636 4.79 19.29 51.11
C ALA B 636 3.52 19.78 51.75
N GLN B 637 3.02 19.04 52.75
CA GLN B 637 1.85 19.45 53.53
C GLN B 637 2.19 19.57 55.02
N TYR B 638 1.64 20.63 55.65
CA TYR B 638 1.78 20.95 57.06
C TYR B 638 0.39 20.90 57.66
N GLN B 639 0.21 20.09 58.71
CA GLN B 639 -1.06 20.05 59.44
C GLN B 639 -1.09 21.23 60.43
N ALA B 640 -1.23 22.43 59.87
CA ALA B 640 -1.36 23.63 60.70
C ALA B 640 -2.83 23.85 61.05
N THR B 641 -3.09 24.04 62.34
CA THR B 641 -4.33 24.55 62.92
C THR B 641 -5.31 23.41 63.16
N GLU B 642 -4.84 22.16 63.05
CA GLU B 642 -5.59 21.03 63.61
C GLU B 642 -6.86 20.80 62.81
N LYS B 643 -7.83 21.71 62.91
CA LYS B 643 -9.02 21.52 62.08
C LYS B 643 -8.76 21.82 60.60
N MET B 644 -7.57 22.28 60.22
CA MET B 644 -7.24 22.59 58.82
C MET B 644 -5.91 21.91 58.49
N ALA B 645 -5.59 21.88 57.19
CA ALA B 645 -4.30 21.41 56.71
C ALA B 645 -4.02 22.04 55.37
N LEU B 646 -2.75 22.39 55.15
CA LEU B 646 -2.36 23.03 53.91
C LEU B 646 -1.20 22.30 53.24
N ARG B 647 -1.21 22.34 51.91
CA ARG B 647 -0.28 21.59 51.07
C ARG B 647 0.12 22.49 49.92
N PHE B 648 1.32 22.25 49.42
CA PHE B 648 1.95 23.10 48.41
C PHE B 648 2.63 22.16 47.42
N ASP B 649 2.28 22.27 46.13
CA ASP B 649 2.86 21.47 45.06
C ASP B 649 3.63 22.37 44.08
N TYR B 650 4.70 21.81 43.51
CA TYR B 650 5.55 22.54 42.56
C TYR B 650 6.15 21.52 41.60
N LYS B 651 5.83 21.62 40.32
CA LYS B 651 6.35 20.67 39.35
C LYS B 651 6.95 21.39 38.14
N ILE B 652 8.08 20.85 37.67
CA ILE B 652 8.77 21.31 36.47
C ILE B 652 8.75 20.21 35.44
N GLU B 653 8.43 20.59 34.20
CA GLU B 653 8.34 19.65 33.09
C GLU B 653 9.19 20.18 31.94
N ASN B 654 10.22 19.44 31.55
CA ASN B 654 11.08 19.82 30.44
C ASN B 654 10.79 18.82 29.33
N TYR B 655 10.10 19.25 28.28
CA TYR B 655 9.60 18.36 27.24
C TYR B 655 10.13 18.79 25.89
N LYS B 656 10.55 17.82 25.09
CA LYS B 656 11.02 18.11 23.75
C LYS B 656 10.71 16.98 22.80
N ASP B 657 9.95 17.29 21.74
CA ASP B 657 9.53 16.26 20.82
C ASP B 657 9.87 16.75 19.40
N ASN B 658 10.14 15.80 18.50
CA ASN B 658 10.38 16.10 17.08
C ASN B 658 10.01 14.93 16.19
N ASP B 659 9.17 15.22 15.18
CA ASP B 659 8.83 14.33 14.06
C ASP B 659 9.49 14.93 12.82
N ALA B 660 10.49 14.24 12.28
CA ALA B 660 11.21 14.76 11.12
C ALA B 660 10.30 14.93 9.91
N ALA B 661 9.21 14.16 9.82
CA ALA B 661 8.30 14.28 8.70
C ALA B 661 7.48 15.56 8.75
N ASN B 662 7.05 15.98 9.94
CA ASN B 662 6.26 17.20 10.11
C ASN B 662 7.08 18.40 10.59
N ASP B 663 8.41 18.37 10.46
CA ASP B 663 9.20 19.53 10.82
C ASP B 663 9.22 20.60 9.71
N ILE B 664 8.42 20.40 8.65
CA ILE B 664 8.27 21.27 7.48
C ILE B 664 7.28 22.41 7.70
N ALA B 665 7.29 23.39 6.80
CA ALA B 665 6.34 24.48 6.91
C ALA B 665 5.01 24.12 6.27
N VAL B 666 4.11 25.11 6.20
CA VAL B 666 2.77 24.89 5.66
C VAL B 666 2.85 24.57 4.18
N ASN B 667 3.62 25.37 3.44
CA ASN B 667 3.84 25.09 2.02
C ASN B 667 5.05 24.16 1.85
N GLY B 668 5.20 23.23 2.78
CA GLY B 668 6.36 22.39 2.79
C GLY B 668 6.34 21.28 1.77
N ILE B 669 5.16 20.72 1.49
CA ILE B 669 4.98 19.75 0.40
C ILE B 669 4.01 20.36 -0.60
N TRP B 670 4.34 20.26 -1.88
CA TRP B 670 3.67 21.10 -2.87
C TRP B 670 2.21 20.71 -3.07
N ASN B 671 1.89 19.42 -3.01
CA ASN B 671 0.52 19.03 -3.23
C ASN B 671 -0.28 18.94 -1.93
N VAL B 672 0.24 19.45 -0.81
CA VAL B 672 -0.53 19.40 0.43
C VAL B 672 -0.46 20.77 1.10
N VAL B 673 -1.54 21.13 1.78
CA VAL B 673 -1.58 22.31 2.63
C VAL B 673 -1.58 21.83 4.06
N GLY B 674 -0.44 22.03 4.72
CA GLY B 674 -0.18 21.44 6.02
C GLY B 674 -0.58 22.34 7.16
N PHE B 675 -0.40 21.80 8.37
CA PHE B 675 -0.54 22.55 9.60
C PHE B 675 0.77 23.14 10.13
N GLY B 676 1.91 22.73 9.60
CA GLY B 676 3.19 23.33 9.94
C GLY B 676 4.01 22.50 10.89
N ASP B 677 4.98 23.16 11.52
CA ASP B 677 5.84 22.48 12.48
C ASP B 677 5.04 22.15 13.74
N ASN B 678 5.23 20.94 14.25
CA ASN B 678 4.54 20.47 15.44
C ASN B 678 5.49 20.27 16.62
N SER B 679 6.80 20.43 16.41
CA SER B 679 7.78 20.14 17.44
C SER B 679 7.47 20.93 18.71
N HIS B 680 7.90 20.38 19.84
CA HIS B 680 7.74 21.09 21.10
C HIS B 680 9.07 21.07 21.85
N ASP B 681 9.47 22.21 22.40
CA ASP B 681 10.58 22.25 23.34
C ASP B 681 10.23 23.34 24.34
N TYR B 682 9.84 22.94 25.54
CA TYR B 682 9.39 23.93 26.51
C TYR B 682 9.72 23.39 27.90
N THR B 683 10.02 24.31 28.81
CA THR B 683 10.18 24.00 30.23
C THR B 683 9.13 24.75 31.03
N ALA B 684 8.26 23.99 31.70
CA ALA B 684 7.05 24.50 32.33
C ALA B 684 7.21 24.52 33.83
N GLN B 685 6.91 25.68 34.43
CA GLN B 685 7.07 25.87 35.88
C GLN B 685 5.68 26.07 36.48
N MET B 686 5.23 25.13 37.32
CA MET B 686 3.85 25.10 37.79
C MET B 686 3.80 25.03 39.32
N ILE B 687 2.87 25.79 39.92
CA ILE B 687 2.68 25.69 41.37
C ILE B 687 1.19 25.64 41.69
N MET B 688 0.89 25.11 42.89
CA MET B 688 -0.45 25.17 43.43
C MET B 688 -0.42 25.11 44.96
N LEU B 689 -1.39 25.80 45.54
CA LEU B 689 -1.73 25.80 46.97
C LEU B 689 -3.02 25.02 47.18
N SER B 690 -3.11 24.32 48.34
CA SER B 690 -4.35 23.71 48.75
C SER B 690 -4.56 23.67 50.26
N MET B 691 -5.84 23.69 50.62
CA MET B 691 -6.30 23.95 51.99
C MET B 691 -7.44 22.97 52.24
N SER B 692 -7.53 22.41 53.44
CA SER B 692 -8.68 21.58 53.77
C SER B 692 -9.05 21.73 55.23
N TYR B 693 -10.33 22.01 55.46
CA TYR B 693 -10.89 22.32 56.77
C TYR B 693 -11.87 21.21 57.13
N LYS B 694 -11.74 20.67 58.36
CA LYS B 694 -12.67 19.66 58.81
C LYS B 694 -14.02 20.29 59.13
N ILE B 695 -15.08 19.72 58.56
CA ILE B 695 -16.44 20.24 58.79
C ILE B 695 -17.42 19.14 59.16
N ALA C 43 44.15 -16.81 -41.28
CA ALA C 43 43.37 -16.19 -42.36
C ALA C 43 41.93 -15.89 -41.92
N PRO C 44 41.22 -16.87 -41.34
CA PRO C 44 39.80 -16.68 -40.99
C PRO C 44 39.58 -15.52 -40.04
N ALA C 45 39.41 -14.32 -40.59
CA ALA C 45 39.22 -13.11 -39.79
C ALA C 45 38.08 -13.26 -38.78
N ILE C 46 38.34 -12.80 -37.55
CA ILE C 46 37.43 -13.04 -36.43
C ILE C 46 36.09 -12.36 -36.66
N GLN C 47 35.02 -13.15 -36.59
CA GLN C 47 33.65 -12.69 -36.77
C GLN C 47 33.05 -12.15 -35.48
N ILE C 48 33.14 -12.90 -34.39
CA ILE C 48 32.50 -12.59 -33.12
C ILE C 48 33.50 -12.66 -31.98
N LEU C 49 33.43 -11.67 -31.10
CA LEU C 49 34.17 -11.67 -29.84
C LEU C 49 33.16 -11.94 -28.74
N ASN C 50 33.34 -13.02 -27.97
CA ASN C 50 32.43 -13.32 -26.86
C ASN C 50 33.18 -13.25 -25.54
N PHE C 51 32.64 -12.44 -24.64
CA PHE C 51 33.27 -12.07 -23.38
C PHE C 51 32.65 -12.82 -22.20
N THR C 52 33.51 -13.26 -21.29
CA THR C 52 33.15 -13.80 -19.97
C THR C 52 33.94 -13.11 -18.88
N PHE C 53 33.24 -12.54 -17.91
CA PHE C 53 33.86 -11.85 -16.79
C PHE C 53 34.06 -12.82 -15.64
N ASP C 54 35.28 -12.84 -15.11
CA ASP C 54 35.65 -13.75 -14.03
C ASP C 54 35.78 -13.04 -12.70
N LYS C 55 36.37 -11.84 -12.68
CA LYS C 55 36.45 -11.06 -11.44
C LYS C 55 36.37 -9.59 -11.80
N SER C 56 35.50 -8.85 -11.10
CA SER C 56 35.24 -7.44 -11.39
C SER C 56 35.02 -6.70 -10.08
N VAL C 57 35.92 -5.76 -9.73
CA VAL C 57 35.75 -5.00 -8.49
C VAL C 57 36.40 -3.62 -8.43
N ILE C 58 36.17 -2.93 -7.32
CA ILE C 58 36.73 -1.60 -7.02
C ILE C 58 37.56 -1.73 -5.75
N THR C 59 38.85 -1.43 -5.85
CA THR C 59 39.76 -1.53 -4.72
C THR C 59 40.19 -0.11 -4.35
N ASN C 60 39.83 0.35 -3.15
CA ASN C 60 40.12 1.74 -2.79
C ASN C 60 39.80 2.71 -3.92
N GLY C 61 38.66 2.54 -4.60
CA GLY C 61 38.28 3.49 -5.61
C GLY C 61 38.86 3.28 -7.00
N VAL C 62 39.67 2.25 -7.21
CA VAL C 62 40.22 1.97 -8.54
C VAL C 62 39.56 0.69 -9.09
N PRO C 63 38.98 0.73 -10.28
CA PRO C 63 38.31 -0.46 -10.81
C PRO C 63 39.29 -1.46 -11.41
N SER C 64 38.87 -2.71 -11.47
CA SER C 64 39.72 -3.79 -11.97
C SER C 64 38.78 -4.78 -12.65
N VAL C 65 39.18 -5.25 -13.83
CA VAL C 65 38.42 -6.27 -14.51
C VAL C 65 39.38 -7.37 -14.95
N GLU C 66 38.94 -8.63 -14.83
CA GLU C 66 39.62 -9.80 -15.36
C GLU C 66 38.65 -10.71 -16.08
N PHE C 67 38.98 -11.02 -17.34
CA PHE C 67 38.01 -11.53 -18.31
C PHE C 67 38.69 -12.46 -19.32
N THR C 68 37.85 -13.20 -20.06
CA THR C 68 38.22 -14.14 -21.11
C THR C 68 37.50 -13.83 -22.42
N VAL C 69 38.22 -13.95 -23.53
CA VAL C 69 37.73 -13.64 -24.88
C VAL C 69 37.81 -14.89 -25.75
N THR C 70 36.75 -15.19 -26.51
CA THR C 70 36.77 -16.32 -27.42
C THR C 70 35.99 -16.00 -28.69
N ASN C 71 36.26 -16.75 -29.78
CA ASN C 71 35.68 -16.42 -31.08
C ASN C 71 34.39 -17.19 -31.32
N GLU C 72 33.96 -17.26 -32.59
CA GLU C 72 32.67 -17.83 -32.95
C GLU C 72 32.63 -19.33 -32.73
N ASN C 73 33.80 -19.98 -32.66
CA ASN C 73 33.84 -21.41 -32.38
C ASN C 73 34.50 -21.71 -31.03
N ASP C 74 34.49 -20.72 -30.13
CA ASP C 74 34.81 -20.89 -28.71
C ASP C 74 36.30 -21.16 -28.42
N LEU C 75 37.20 -20.69 -29.30
CA LEU C 75 38.66 -20.71 -29.25
C LEU C 75 39.19 -19.40 -28.65
N PRO C 76 40.15 -19.42 -27.74
CA PRO C 76 40.65 -18.14 -27.19
C PRO C 76 41.16 -17.21 -28.28
N VAL C 77 41.06 -15.93 -27.96
CA VAL C 77 41.45 -14.83 -28.84
C VAL C 77 42.57 -14.10 -28.12
N VAL C 78 43.75 -14.10 -28.73
CA VAL C 78 44.98 -13.68 -28.08
C VAL C 78 45.66 -12.61 -28.90
N GLY C 79 46.17 -11.59 -28.22
CA GLY C 79 46.83 -10.48 -28.86
C GLY C 79 46.02 -9.20 -29.01
N LEU C 80 44.92 -9.03 -28.29
CA LEU C 80 44.08 -7.86 -28.52
C LEU C 80 44.85 -6.57 -28.21
N GLN C 81 44.69 -5.59 -29.10
CA GLN C 81 45.57 -4.44 -29.21
C GLN C 81 44.99 -3.15 -28.63
N LYS C 82 43.73 -2.86 -28.94
CA LYS C 82 43.11 -1.58 -28.61
C LYS C 82 41.78 -1.84 -27.90
N MET C 83 41.55 -1.17 -26.77
CA MET C 83 40.24 -1.26 -26.12
C MET C 83 39.92 -0.03 -25.28
N ARG C 84 38.65 0.36 -25.26
CA ARG C 84 38.16 1.41 -24.36
C ARG C 84 37.35 0.81 -23.22
N PHE C 85 37.67 1.30 -22.01
CA PHE C 85 37.10 0.84 -20.74
C PHE C 85 36.36 1.98 -20.09
N ALA C 86 35.11 1.74 -19.67
CA ALA C 86 34.26 2.75 -19.09
C ALA C 86 33.68 2.25 -17.78
N ALA C 87 33.52 3.15 -16.79
CA ALA C 87 32.99 2.74 -15.50
C ALA C 87 31.80 3.57 -15.10
N ALA C 88 30.82 2.92 -14.47
CA ALA C 88 29.57 3.57 -14.13
C ALA C 88 28.98 2.95 -12.87
N GLN C 89 27.93 3.61 -12.39
CA GLN C 89 27.33 3.45 -11.08
C GLN C 89 25.83 3.64 -11.25
N LEU C 90 25.02 2.81 -10.57
CA LEU C 90 23.56 2.84 -10.73
C LEU C 90 22.86 3.31 -9.46
N ILE C 91 22.21 4.46 -9.55
CA ILE C 91 21.28 4.95 -8.51
C ILE C 91 19.96 4.19 -8.61
N PRO C 92 19.46 3.62 -7.52
CA PRO C 92 18.23 2.82 -7.59
C PRO C 92 16.99 3.69 -7.72
N GLN C 93 15.86 3.02 -7.97
CA GLN C 93 14.57 3.71 -7.96
C GLN C 93 14.36 4.47 -6.66
N GLY C 94 13.96 5.73 -6.78
CA GLY C 94 13.54 6.48 -5.63
C GLY C 94 14.63 7.19 -4.86
N ALA C 95 15.89 6.74 -4.97
CA ALA C 95 16.92 7.35 -4.16
C ALA C 95 17.04 8.83 -4.45
N THR C 96 16.70 9.26 -5.67
CA THR C 96 16.73 10.68 -6.00
C THR C 96 15.43 11.38 -5.59
N GLY C 97 14.36 10.62 -5.33
CA GLY C 97 13.04 11.17 -5.06
C GLY C 97 11.93 10.15 -5.27
N ALA C 98 10.83 10.27 -4.53
CA ALA C 98 9.74 9.32 -4.70
C ALA C 98 9.15 9.47 -6.10
N GLY C 99 8.97 8.34 -6.79
CA GLY C 99 8.46 8.32 -8.15
C GLY C 99 9.50 8.47 -9.27
N ASN C 100 10.74 8.89 -8.95
CA ASN C 100 11.83 8.97 -9.92
C ASN C 100 12.40 7.59 -10.26
N ALA C 101 12.95 7.47 -11.47
CA ALA C 101 13.45 6.18 -11.92
C ALA C 101 14.91 5.99 -11.53
N SER C 102 15.38 4.77 -11.70
CA SER C 102 16.80 4.45 -11.55
C SER C 102 17.61 5.14 -12.62
N GLN C 103 18.85 5.49 -12.28
CA GLN C 103 19.65 6.43 -13.06
C GLN C 103 21.14 6.15 -12.96
N TRP C 104 21.82 6.03 -14.10
CA TRP C 104 23.26 5.79 -14.08
C TRP C 104 24.07 7.05 -13.79
N GLN C 105 25.27 6.84 -13.25
CA GLN C 105 26.28 7.87 -13.15
C GLN C 105 27.49 7.40 -13.91
N TYR C 106 27.92 8.18 -14.91
CA TYR C 106 29.01 7.79 -15.80
C TYR C 106 30.30 8.44 -15.30
N PHE C 107 31.20 7.61 -14.77
CA PHE C 107 32.46 8.13 -14.23
C PHE C 107 33.37 8.60 -15.37
N GLY C 108 33.59 7.75 -16.37
CA GLY C 108 34.45 8.10 -17.49
C GLY C 108 35.03 6.88 -18.19
N ASP C 109 35.90 7.17 -19.16
CA ASP C 109 36.46 6.18 -20.07
C ASP C 109 37.98 6.38 -20.17
N GLU C 110 38.66 5.28 -20.51
CA GLU C 110 40.09 5.26 -20.82
C GLU C 110 40.30 4.27 -21.96
N THR C 111 41.09 4.66 -22.95
CA THR C 111 41.42 3.83 -24.10
C THR C 111 42.86 3.34 -23.95
N CYS C 112 43.06 2.03 -24.01
CA CYS C 112 44.37 1.45 -23.83
C CYS C 112 44.79 0.89 -25.19
N ASP C 113 45.90 1.36 -25.73
CA ASP C 113 46.52 0.79 -26.92
C ASP C 113 47.85 0.15 -26.49
N VAL C 114 48.02 -1.15 -26.75
CA VAL C 114 49.23 -1.84 -26.34
C VAL C 114 50.46 -1.32 -27.06
N ALA C 115 50.29 -0.87 -28.30
CA ALA C 115 51.39 -0.30 -29.07
C ALA C 115 51.69 1.15 -28.70
N ALA C 116 50.78 1.84 -28.04
CA ALA C 116 50.97 3.25 -27.74
C ALA C 116 50.64 3.54 -26.28
N THR C 117 49.93 4.64 -26.05
CA THR C 117 49.61 5.09 -24.69
C THR C 117 48.63 4.15 -24.03
N CYS C 118 48.79 3.97 -22.74
CA CYS C 118 47.63 3.45 -22.05
C CYS C 118 47.66 3.79 -20.57
N PRO C 119 46.67 4.59 -20.14
CA PRO C 119 46.75 5.22 -18.81
C PRO C 119 46.81 4.19 -17.71
N GLY C 120 46.16 3.05 -17.92
CA GLY C 120 46.09 2.00 -16.92
C GLY C 120 47.05 0.85 -17.20
N THR C 121 46.69 -0.30 -16.62
CA THR C 121 47.49 -1.52 -16.66
C THR C 121 46.72 -2.60 -17.42
N PHE C 122 47.11 -2.84 -18.68
CA PHE C 122 46.50 -3.85 -19.54
C PHE C 122 47.40 -5.09 -19.57
N VAL C 123 46.82 -6.27 -19.36
CA VAL C 123 47.57 -7.51 -19.17
C VAL C 123 47.01 -8.65 -19.98
N ASP C 124 47.84 -9.21 -20.87
CA ASP C 124 47.47 -10.34 -21.71
C ASP C 124 48.11 -11.64 -21.19
N GLN C 125 47.27 -12.63 -20.78
CA GLN C 125 47.82 -13.90 -20.27
C GLN C 125 48.12 -14.86 -21.41
N LYS C 126 48.05 -14.35 -22.62
CA LYS C 126 48.25 -15.10 -23.85
C LYS C 126 47.71 -16.54 -23.75
N ASN C 127 46.45 -16.62 -23.35
CA ASN C 127 45.67 -17.84 -23.39
C ASN C 127 44.19 -17.55 -23.57
N GLY C 128 43.82 -16.32 -23.93
CA GLY C 128 42.46 -15.85 -23.96
C GLY C 128 42.08 -14.97 -22.78
N HIS C 129 42.79 -15.10 -21.66
CA HIS C 129 42.50 -14.32 -20.46
C HIS C 129 43.24 -12.98 -20.48
N TYR C 130 42.60 -11.98 -19.87
CA TYR C 130 43.07 -10.60 -19.84
C TYR C 130 42.73 -9.97 -18.51
N SER C 131 43.33 -8.82 -18.25
CA SER C 131 42.87 -8.00 -17.13
C SER C 131 43.29 -6.56 -17.36
N TYR C 132 42.42 -5.66 -16.91
CA TYR C 132 42.70 -4.24 -16.96
C TYR C 132 42.46 -3.62 -15.60
N THR C 133 43.35 -2.72 -15.22
CA THR C 133 43.18 -1.90 -14.02
C THR C 133 43.22 -0.44 -14.44
N PHE C 134 42.19 0.31 -14.05
CA PHE C 134 42.04 1.70 -14.45
C PHE C 134 43.10 2.59 -13.80
N ASN C 135 43.43 3.69 -14.46
CA ASN C 135 44.22 4.76 -13.85
C ASN C 135 43.37 5.62 -12.91
N MET C 136 42.12 5.91 -13.32
CA MET C 136 41.20 6.76 -12.57
C MET C 136 40.90 6.21 -11.19
N ASN C 137 40.74 7.10 -10.20
CA ASN C 137 40.19 6.68 -8.91
C ASN C 137 38.82 7.35 -8.73
N LEU C 138 37.77 6.53 -8.52
CA LEU C 138 36.39 7.03 -8.55
C LEU C 138 36.11 8.05 -7.44
N THR C 139 36.81 7.92 -6.30
CA THR C 139 36.67 8.86 -5.18
C THR C 139 37.14 10.26 -5.56
N ALA C 140 37.89 10.37 -6.63
CA ALA C 140 38.52 11.62 -7.07
C ALA C 140 37.72 12.27 -8.19
N ASN C 141 36.53 11.75 -8.46
CA ASN C 141 35.71 12.27 -9.55
C ASN C 141 35.13 13.60 -9.10
N ALA C 142 35.13 14.58 -10.00
CA ALA C 142 34.72 15.91 -9.59
C ALA C 142 33.21 15.98 -9.46
N LYS C 143 32.52 15.28 -10.36
CA LYS C 143 31.08 15.38 -10.53
C LYS C 143 30.29 14.35 -9.73
N ILE C 144 30.84 13.17 -9.44
CA ILE C 144 30.08 12.05 -8.91
C ILE C 144 30.79 11.57 -7.67
N THR C 145 30.03 11.43 -6.58
CA THR C 145 30.58 10.83 -5.39
C THR C 145 30.46 9.33 -5.58
N TYR C 146 31.61 8.69 -5.79
CA TYR C 146 31.63 7.24 -5.85
C TYR C 146 30.99 6.71 -4.57
N ASN C 147 30.15 5.69 -4.71
CA ASN C 147 29.48 5.10 -3.56
C ASN C 147 29.67 3.58 -3.61
N ASP C 148 30.44 3.07 -2.64
CA ASP C 148 30.78 1.65 -2.51
C ASP C 148 29.56 0.73 -2.54
N GLN C 149 28.35 1.25 -2.30
CA GLN C 149 27.18 0.40 -2.13
C GLN C 149 26.31 0.33 -3.38
N LEU C 150 26.42 1.30 -4.27
CA LEU C 150 25.71 1.27 -5.53
C LEU C 150 26.20 0.14 -6.43
N ALA C 151 25.27 -0.47 -7.15
CA ALA C 151 25.65 -1.46 -8.14
C ALA C 151 26.51 -0.77 -9.18
N GLN C 152 27.59 -1.41 -9.58
CA GLN C 152 28.55 -0.83 -10.50
C GLN C 152 28.49 -1.59 -11.82
N ARG C 153 28.98 -0.94 -12.86
CA ARG C 153 28.97 -1.51 -14.20
C ARG C 153 30.24 -1.06 -14.91
N VAL C 154 30.91 -1.99 -15.59
CA VAL C 154 32.06 -1.64 -16.40
C VAL C 154 31.87 -2.15 -17.82
N LEU C 155 32.17 -1.29 -18.78
CA LEU C 155 31.96 -1.49 -20.20
C LEU C 155 33.27 -1.51 -20.99
N ILE C 156 33.24 -2.26 -22.08
CA ILE C 156 34.36 -2.50 -22.96
C ILE C 156 33.90 -2.26 -24.39
N ARG C 157 34.60 -1.38 -25.09
CA ARG C 157 34.51 -1.27 -26.55
C ARG C 157 35.83 -1.83 -27.07
N ALA C 158 35.77 -3.00 -27.70
CA ALA C 158 36.92 -3.58 -28.38
C ALA C 158 36.99 -3.06 -29.80
N TYR C 159 38.03 -2.26 -30.09
CA TYR C 159 38.11 -1.62 -31.40
C TYR C 159 38.42 -2.66 -32.48
N ASN C 160 38.28 -2.23 -33.74
CA ASN C 160 38.55 -3.09 -34.89
C ASN C 160 40.04 -3.20 -35.20
N THR C 161 40.92 -3.07 -34.21
CA THR C 161 42.34 -3.10 -34.52
C THR C 161 42.76 -4.56 -34.73
N PRO C 162 43.46 -4.88 -35.82
CA PRO C 162 43.86 -6.27 -36.04
C PRO C 162 44.99 -6.72 -35.13
N LEU C 163 45.00 -8.03 -34.88
CA LEU C 163 46.00 -8.68 -34.05
C LEU C 163 47.41 -8.42 -34.59
N PRO C 164 48.46 -8.63 -33.77
CA PRO C 164 49.82 -8.51 -34.30
C PRO C 164 50.13 -9.45 -35.45
N ASP C 165 49.53 -10.65 -35.47
CA ASP C 165 49.69 -11.62 -36.55
C ASP C 165 48.82 -11.34 -37.78
N GLY C 166 48.19 -10.15 -37.85
CA GLY C 166 47.49 -9.67 -39.03
C GLY C 166 45.99 -9.96 -39.07
N THR C 167 45.49 -10.82 -38.19
CA THR C 167 44.08 -11.19 -38.19
C THR C 167 43.17 -10.01 -37.82
N GLN C 168 42.04 -9.94 -38.52
CA GLN C 168 41.07 -8.87 -38.33
C GLN C 168 40.25 -9.10 -37.07
N VAL C 169 39.93 -8.01 -36.38
CA VAL C 169 39.18 -8.04 -35.14
C VAL C 169 37.90 -7.24 -35.39
N PRO C 170 36.73 -7.77 -35.07
CA PRO C 170 35.50 -6.99 -35.27
C PRO C 170 35.29 -6.06 -34.09
N ASN C 171 34.79 -4.86 -34.39
CA ASN C 171 34.41 -3.93 -33.34
C ASN C 171 33.38 -4.68 -32.49
N SER C 172 33.56 -4.68 -31.18
CA SER C 172 32.70 -5.46 -30.26
C SER C 172 32.39 -4.65 -29.02
N ASN C 173 31.37 -5.10 -28.28
CA ASN C 173 31.13 -4.50 -26.99
C ASN C 173 30.57 -5.42 -25.93
N ALA C 174 31.11 -5.25 -24.73
CA ALA C 174 30.71 -6.07 -23.60
C ALA C 174 30.65 -5.19 -22.36
N PHE C 175 29.96 -5.68 -21.33
CA PHE C 175 29.82 -4.97 -20.06
C PHE C 175 29.58 -6.00 -18.97
N VAL C 176 29.76 -5.55 -17.72
CA VAL C 176 29.60 -6.39 -16.53
C VAL C 176 28.96 -5.57 -15.41
N ASP C 177 28.11 -6.23 -14.63
CA ASP C 177 27.45 -5.64 -13.48
C ASP C 177 27.91 -6.36 -12.22
N PHE C 178 28.38 -5.59 -11.26
CA PHE C 178 29.03 -6.16 -10.10
C PHE C 178 28.87 -5.28 -8.88
N THR C 179 28.95 -5.92 -7.71
CA THR C 179 28.98 -5.21 -6.45
C THR C 179 30.41 -4.78 -6.15
N ALA C 180 30.55 -3.57 -5.62
CA ALA C 180 31.83 -2.89 -5.70
C ALA C 180 32.92 -3.71 -5.02
N ASP C 181 32.59 -4.27 -3.84
CA ASP C 181 33.56 -4.97 -3.01
C ASP C 181 33.59 -6.47 -3.29
N THR C 182 32.43 -7.13 -3.33
CA THR C 182 32.40 -8.58 -3.48
C THR C 182 32.50 -9.06 -4.93
N GLY C 183 32.17 -8.22 -5.92
CA GLY C 183 32.21 -8.63 -7.30
C GLY C 183 31.09 -9.58 -7.73
N ALA C 184 30.03 -9.70 -6.93
CA ALA C 184 28.90 -10.58 -7.19
C ALA C 184 27.74 -9.88 -7.89
N ALA C 185 26.73 -10.67 -8.26
CA ALA C 185 25.58 -10.13 -8.97
C ALA C 185 24.83 -9.15 -8.05
N PRO C 186 24.49 -7.95 -8.54
CA PRO C 186 23.81 -6.97 -7.69
C PRO C 186 22.33 -7.27 -7.50
N THR C 187 21.75 -6.57 -6.53
CA THR C 187 20.35 -6.76 -6.18
C THR C 187 19.41 -6.23 -7.26
N TYR C 188 19.79 -5.13 -7.92
CA TYR C 188 18.93 -4.33 -8.79
C TYR C 188 19.63 -3.95 -10.09
N SER C 189 18.84 -3.47 -11.06
CA SER C 189 19.36 -3.20 -12.40
C SER C 189 18.44 -2.24 -13.15
N ARG C 190 18.91 -1.81 -14.32
CA ARG C 190 18.13 -1.02 -15.27
C ARG C 190 18.44 -1.64 -16.64
N LYS C 191 17.80 -2.77 -16.92
CA LYS C 191 17.92 -3.38 -18.23
C LYS C 191 16.52 -3.50 -18.79
N ILE C 192 16.10 -2.41 -19.43
CA ILE C 192 14.72 -2.19 -19.83
C ILE C 192 14.46 -2.68 -21.25
N VAL C 193 15.27 -2.26 -22.22
CA VAL C 193 15.02 -2.59 -23.60
C VAL C 193 16.21 -3.39 -24.11
N ALA C 194 15.98 -4.11 -25.21
CA ALA C 194 16.94 -5.07 -25.71
C ALA C 194 17.31 -4.75 -27.15
N THR C 195 18.58 -4.97 -27.48
CA THR C 195 19.06 -4.68 -28.82
C THR C 195 18.27 -5.43 -29.89
N GLU C 196 17.82 -6.64 -29.60
CA GLU C 196 17.08 -7.43 -30.57
C GLU C 196 15.90 -6.64 -31.13
N SER C 197 15.19 -5.92 -30.25
CA SER C 197 14.01 -5.17 -30.65
C SER C 197 14.35 -4.03 -31.59
N CYS C 198 15.40 -3.27 -31.31
CA CYS C 198 15.84 -2.24 -32.24
C CYS C 198 16.27 -2.83 -33.57
N ASN C 199 16.98 -3.95 -33.53
CA ASN C 199 17.50 -4.54 -34.76
C ASN C 199 16.41 -5.07 -35.66
N THR C 200 15.20 -5.30 -35.12
CA THR C 200 14.09 -5.65 -36.01
C THR C 200 13.95 -4.66 -37.16
N CYS C 201 14.19 -3.36 -36.91
CA CYS C 201 14.14 -2.32 -37.94
C CYS C 201 15.52 -1.86 -38.34
N HIS C 202 16.44 -1.68 -37.39
CA HIS C 202 17.73 -1.08 -37.68
C HIS C 202 18.77 -2.11 -38.11
N GLN C 203 18.49 -3.42 -37.98
CA GLN C 203 19.41 -4.49 -38.35
C GLN C 203 20.63 -4.58 -37.43
N ASP C 204 21.36 -3.47 -37.29
CA ASP C 204 22.48 -3.41 -36.34
C ASP C 204 22.51 -2.00 -35.80
N LEU C 205 22.34 -1.86 -34.48
CA LEU C 205 22.29 -0.55 -33.83
C LEU C 205 23.50 0.32 -34.15
N ALA C 206 24.64 -0.29 -34.47
CA ALA C 206 25.82 0.49 -34.82
C ALA C 206 25.55 1.42 -35.98
N ASN C 207 24.71 0.98 -36.94
CA ASN C 207 24.38 1.81 -38.09
C ASN C 207 23.91 3.20 -37.67
N VAL C 208 23.33 3.31 -36.47
CA VAL C 208 22.49 4.45 -36.13
C VAL C 208 23.29 5.73 -35.83
N LYS C 209 24.35 5.62 -35.04
CA LYS C 209 25.02 6.82 -34.53
C LYS C 209 26.46 6.51 -34.11
N HIS C 210 27.28 7.56 -34.05
CA HIS C 210 28.63 7.52 -33.49
C HIS C 210 29.57 6.61 -34.29
N GLY C 211 29.39 6.56 -35.60
CA GLY C 211 30.32 5.85 -36.45
C GLY C 211 30.46 4.36 -36.17
N GLY C 212 29.39 3.72 -35.71
CA GLY C 212 29.42 2.30 -35.48
C GLY C 212 30.14 1.84 -34.24
N ALA C 213 30.59 2.77 -33.39
CA ALA C 213 31.35 2.39 -32.21
C ALA C 213 30.54 1.50 -31.28
N TYR C 214 29.23 1.68 -31.25
CA TYR C 214 28.36 1.11 -30.21
C TYR C 214 27.23 0.31 -30.86
N SER C 215 27.14 -0.97 -30.48
CA SER C 215 26.19 -1.92 -31.04
C SER C 215 25.20 -2.53 -30.06
N ASP C 216 25.35 -2.31 -28.76
CA ASP C 216 24.45 -2.88 -27.76
C ASP C 216 23.77 -1.75 -27.00
N VAL C 217 22.43 -1.83 -26.91
CA VAL C 217 21.66 -0.70 -26.38
C VAL C 217 21.99 -0.40 -24.93
N ASN C 218 22.48 -1.39 -24.16
CA ASN C 218 22.89 -1.08 -22.79
C ASN C 218 24.05 -0.09 -22.75
N TYR C 219 24.93 -0.11 -23.75
CA TYR C 219 26.03 0.85 -23.77
C TYR C 219 25.49 2.28 -23.92
N CYS C 220 24.62 2.50 -24.92
CA CYS C 220 24.00 3.81 -25.06
C CYS C 220 23.27 4.19 -23.79
N ALA C 221 22.46 3.27 -23.26
CA ALA C 221 21.68 3.55 -22.08
C ALA C 221 22.55 3.99 -20.92
N THR C 222 23.78 3.46 -20.80
CA THR C 222 24.66 3.86 -19.71
C THR C 222 25.32 5.22 -19.93
N CYS C 223 25.71 5.53 -21.16
CA CYS C 223 26.37 6.82 -21.37
C CYS C 223 25.35 7.94 -21.36
N HIS C 224 24.17 7.71 -21.95
CA HIS C 224 23.14 8.72 -22.08
C HIS C 224 22.34 8.83 -20.78
N THR C 225 22.99 9.42 -19.76
CA THR C 225 22.35 9.65 -18.46
C THR C 225 22.59 11.09 -18.05
N ALA C 226 21.83 11.51 -17.04
CA ALA C 226 21.98 12.86 -16.52
C ALA C 226 23.41 13.14 -16.07
N GLY C 227 23.88 14.35 -16.36
CA GLY C 227 25.24 14.78 -16.09
C GLY C 227 26.26 14.54 -17.20
N LYS C 228 26.12 13.42 -17.94
CA LYS C 228 27.02 13.02 -19.02
C LYS C 228 26.62 13.65 -20.35
N VAL C 229 25.34 13.62 -20.68
CA VAL C 229 24.83 14.24 -21.90
C VAL C 229 23.94 15.42 -21.51
N GLY C 230 23.58 16.24 -22.50
CA GLY C 230 22.75 17.39 -22.22
C GLY C 230 21.34 17.02 -21.81
N VAL C 231 20.67 17.98 -21.17
CA VAL C 231 19.28 17.78 -20.78
C VAL C 231 18.45 17.57 -22.03
N GLY C 232 17.62 16.54 -22.02
CA GLY C 232 16.87 16.17 -23.19
C GLY C 232 17.46 15.05 -24.01
N LYS C 233 18.70 14.64 -23.73
CA LYS C 233 19.34 13.57 -24.48
C LYS C 233 19.50 12.32 -23.64
N GLU C 234 19.02 12.35 -22.39
CA GLU C 234 18.90 11.13 -21.60
C GLU C 234 18.05 10.11 -22.38
N PHE C 235 18.41 8.82 -22.26
CA PHE C 235 17.86 7.82 -23.17
C PHE C 235 16.35 7.63 -23.05
N ASN C 236 15.82 7.78 -21.83
CA ASN C 236 14.40 7.67 -21.57
C ASN C 236 13.64 8.81 -22.17
N VAL C 237 14.33 9.76 -22.80
CA VAL C 237 13.65 10.83 -23.49
C VAL C 237 14.13 10.97 -24.92
N LEU C 238 15.42 10.73 -25.11
CA LEU C 238 15.98 10.87 -26.44
C LEU C 238 15.32 9.90 -27.42
N VAL C 239 15.29 8.60 -27.11
CA VAL C 239 14.80 7.68 -28.13
C VAL C 239 13.31 7.89 -28.45
N HIS C 240 12.48 8.03 -27.41
CA HIS C 240 11.09 8.36 -27.68
C HIS C 240 11.00 9.54 -28.62
N ALA C 241 11.77 10.60 -28.33
CA ALA C 241 11.67 11.82 -29.12
C ALA C 241 12.15 11.61 -30.55
N LYS C 242 13.13 10.75 -30.77
CA LYS C 242 13.53 10.51 -32.16
C LYS C 242 12.56 9.57 -32.90
N HIS C 243 11.60 8.91 -32.23
CA HIS C 243 10.61 8.12 -32.98
C HIS C 243 9.17 8.62 -32.92
N LYS C 244 8.87 9.62 -32.09
CA LYS C 244 7.47 10.02 -31.92
C LYS C 244 6.83 10.45 -33.24
N ASP C 245 7.58 11.13 -34.12
CA ASP C 245 6.98 11.77 -35.30
C ASP C 245 7.24 10.94 -36.55
N LEU C 246 7.25 9.63 -36.38
CA LEU C 246 7.42 8.68 -37.46
C LEU C 246 6.13 7.92 -37.63
N THR C 247 5.77 7.60 -38.86
CA THR C 247 4.52 6.92 -39.16
C THR C 247 4.59 5.40 -39.08
N LEU C 248 5.74 4.82 -38.82
CA LEU C 248 5.85 3.37 -38.86
C LEU C 248 4.83 2.72 -37.94
N GLY C 249 4.10 1.76 -38.50
CA GLY C 249 2.98 1.15 -37.81
C GLY C 249 3.42 0.38 -36.58
N SER C 250 4.61 -0.22 -36.62
CA SER C 250 5.09 -1.00 -35.48
C SER C 250 5.29 -0.13 -34.24
N LEU C 251 5.71 1.15 -34.42
CA LEU C 251 5.88 2.14 -33.34
C LEU C 251 4.57 2.63 -32.76
N GLU C 252 3.43 2.21 -33.29
CA GLU C 252 2.16 2.63 -32.73
C GLU C 252 1.91 1.94 -31.40
N SER C 253 2.65 0.86 -31.10
CA SER C 253 2.54 0.11 -29.86
C SER C 253 3.86 0.13 -29.11
N CYS C 254 3.79 0.20 -27.77
CA CYS C 254 5.03 0.24 -27.02
C CYS C 254 5.80 -1.08 -27.14
N GLN C 255 5.16 -2.18 -27.55
CA GLN C 255 5.88 -3.45 -27.58
C GLN C 255 6.92 -3.57 -28.70
N SER C 256 6.94 -2.70 -29.69
CA SER C 256 8.05 -2.69 -30.64
C SER C 256 9.40 -2.46 -29.95
N CYS C 257 9.41 -1.79 -28.80
CA CYS C 257 10.64 -1.61 -28.04
C CYS C 257 10.58 -2.18 -26.62
N HIS C 258 9.40 -2.36 -26.04
CA HIS C 258 9.23 -2.72 -24.63
C HIS C 258 8.49 -4.05 -24.55
N ALA C 259 9.22 -5.14 -24.65
CA ALA C 259 8.59 -6.44 -24.54
C ALA C 259 9.43 -7.31 -23.63
N ALA C 260 8.80 -8.38 -23.12
CA ALA C 260 9.50 -9.33 -22.28
C ALA C 260 10.65 -9.92 -23.06
N ASN C 261 11.82 -9.99 -22.44
CA ASN C 261 12.93 -10.59 -23.17
C ASN C 261 13.98 -10.93 -22.13
N ASP C 262 14.64 -12.09 -22.29
CA ASP C 262 15.51 -12.63 -21.25
C ASP C 262 16.64 -11.66 -20.84
N ALA C 263 17.05 -10.79 -21.75
CA ALA C 263 18.12 -9.81 -21.50
C ALA C 263 17.60 -8.52 -20.87
N ALA C 264 16.34 -8.49 -20.43
CA ALA C 264 15.71 -7.30 -19.89
C ALA C 264 14.85 -7.70 -18.70
N PRO C 265 15.45 -7.89 -17.52
CA PRO C 265 14.62 -8.19 -16.34
C PRO C 265 13.73 -7.04 -15.91
N ASP C 266 14.05 -5.80 -16.30
CA ASP C 266 13.29 -4.63 -15.89
C ASP C 266 12.36 -4.12 -16.99
N TRP C 267 12.11 -4.95 -18.01
CA TRP C 267 11.37 -4.47 -19.17
C TRP C 267 10.04 -3.85 -18.79
N GLY C 268 9.43 -4.28 -17.69
CA GLY C 268 8.11 -3.78 -17.34
C GLY C 268 8.05 -2.37 -16.79
N ASN C 269 9.20 -1.72 -16.61
CA ASN C 269 9.19 -0.35 -16.10
C ASN C 269 8.45 0.56 -17.05
N TRP C 270 8.24 0.10 -18.29
CA TRP C 270 7.65 0.94 -19.31
C TRP C 270 6.26 1.38 -18.87
N SER C 271 5.65 0.66 -17.92
CA SER C 271 4.32 1.04 -17.44
C SER C 271 4.31 1.45 -15.98
N ARG C 272 5.39 1.22 -15.24
CA ARG C 272 5.37 1.44 -13.80
C ARG C 272 6.16 2.66 -13.33
N ILE C 273 6.97 3.28 -14.19
CA ILE C 273 7.74 4.45 -13.79
C ILE C 273 7.31 5.66 -14.63
N PRO C 274 6.10 6.19 -14.41
CA PRO C 274 5.68 7.38 -15.14
C PRO C 274 6.37 8.57 -14.52
N THR C 275 6.96 9.42 -15.36
CA THR C 275 7.62 10.62 -14.91
C THR C 275 7.42 11.73 -15.93
N ALA C 276 7.65 12.97 -15.52
CA ALA C 276 7.44 14.09 -16.42
C ALA C 276 8.39 14.05 -17.60
N ALA C 277 9.64 13.62 -17.38
CA ALA C 277 10.65 13.64 -18.45
C ALA C 277 10.31 12.62 -19.53
N THR C 278 10.01 11.38 -19.12
CA THR C 278 9.85 10.29 -20.08
C THR C 278 8.52 10.30 -20.81
N CYS C 279 7.45 10.57 -20.06
CA CYS C 279 6.13 10.80 -20.67
C CYS C 279 6.15 12.05 -21.53
N GLY C 280 6.70 13.13 -20.99
CA GLY C 280 6.80 14.34 -21.76
C GLY C 280 7.67 14.21 -22.98
N SER C 281 8.54 13.19 -23.06
CA SER C 281 9.35 13.03 -24.27
C SER C 281 8.47 12.81 -25.50
N CYS C 282 7.36 12.11 -25.34
CA CYS C 282 6.34 12.03 -26.40
C CYS C 282 5.27 13.08 -26.23
N HIS C 283 4.92 13.45 -25.00
CA HIS C 283 3.85 14.42 -24.74
C HIS C 283 4.43 15.83 -24.55
N SER C 284 4.99 16.39 -25.65
CA SER C 284 5.78 17.62 -25.59
C SER C 284 4.97 18.89 -25.34
N THR C 285 3.66 18.82 -25.52
CA THR C 285 2.75 19.97 -25.36
C THR C 285 2.52 20.30 -23.90
N VAL C 286 2.78 19.37 -23.00
CA VAL C 286 2.47 19.54 -21.59
C VAL C 286 3.67 20.20 -20.92
N ASP C 287 3.38 21.14 -20.02
CA ASP C 287 4.37 21.64 -19.08
C ASP C 287 3.88 21.31 -17.68
N PHE C 288 4.46 20.28 -17.06
CA PHE C 288 3.96 19.87 -15.76
C PHE C 288 4.18 20.90 -14.66
N ALA C 289 5.35 21.55 -14.67
CA ALA C 289 5.68 22.54 -13.64
C ALA C 289 4.77 23.75 -13.73
N ALA C 290 4.39 24.15 -14.95
CA ALA C 290 3.56 25.32 -15.11
C ALA C 290 2.07 25.02 -14.92
N GLY C 291 1.65 23.78 -15.10
CA GLY C 291 0.23 23.48 -15.07
C GLY C 291 -0.50 23.82 -16.34
N LYS C 292 0.17 23.67 -17.49
CA LYS C 292 -0.38 23.91 -18.82
C LYS C 292 -0.61 22.57 -19.51
N GLY C 293 -1.87 22.25 -19.82
CA GLY C 293 -2.21 21.01 -20.48
C GLY C 293 -2.38 19.84 -19.56
N HIS C 294 -2.41 20.08 -18.25
CA HIS C 294 -2.34 19.04 -17.24
C HIS C 294 -2.30 19.80 -15.94
N SER C 295 -2.69 19.13 -14.87
CA SER C 295 -2.54 19.72 -13.57
C SER C 295 -1.06 19.90 -13.28
N GLN C 296 -0.77 20.83 -12.37
CA GLN C 296 0.61 21.13 -12.01
C GLN C 296 1.28 19.91 -11.38
N GLN C 297 2.47 19.56 -11.87
CA GLN C 297 3.26 18.52 -11.23
C GLN C 297 4.68 19.06 -11.04
N LEU C 298 4.98 19.49 -9.80
CA LEU C 298 6.29 20.03 -9.48
C LEU C 298 7.37 18.94 -9.34
N ASP C 299 6.99 17.67 -9.26
CA ASP C 299 7.90 16.54 -9.34
C ASP C 299 7.10 15.26 -9.63
N ASN C 300 7.77 14.11 -9.56
CA ASN C 300 7.11 12.85 -9.93
C ASN C 300 6.59 12.05 -8.74
N SER C 301 6.56 12.63 -7.54
CA SER C 301 5.94 11.98 -6.38
C SER C 301 4.56 11.39 -6.69
N ASN C 302 3.71 12.12 -7.45
CA ASN C 302 2.28 11.78 -7.49
C ASN C 302 1.85 11.06 -8.77
N CYS C 303 2.66 11.09 -9.84
CA CYS C 303 2.19 10.55 -11.11
C CYS C 303 1.69 9.13 -10.91
N ILE C 304 2.51 8.29 -10.27
CA ILE C 304 2.17 6.88 -10.21
C ILE C 304 0.85 6.69 -9.47
N ALA C 305 0.48 7.62 -8.59
CA ALA C 305 -0.76 7.47 -7.83
C ALA C 305 -1.96 7.48 -8.78
N CYS C 306 -2.00 8.42 -9.74
CA CYS C 306 -3.10 8.43 -10.70
C CYS C 306 -2.88 7.44 -11.84
N HIS C 307 -1.65 7.36 -12.40
CA HIS C 307 -1.35 6.60 -13.63
C HIS C 307 -0.84 5.19 -13.29
N ASN C 308 -1.74 4.36 -12.79
CA ASN C 308 -1.32 3.00 -12.46
C ASN C 308 -0.91 2.26 -13.73
N SER C 309 -0.16 1.17 -13.53
CA SER C 309 0.42 0.38 -14.62
C SER C 309 -0.63 -0.03 -15.64
N ASP C 310 -1.76 -0.51 -15.17
CA ASP C 310 -2.73 -1.07 -16.09
C ASP C 310 -3.36 0.01 -16.95
N TRP C 311 -3.53 1.22 -16.41
CA TRP C 311 -4.09 2.32 -17.18
C TRP C 311 -3.14 2.79 -18.28
N THR C 312 -1.89 3.12 -17.92
CA THR C 312 -0.85 3.46 -18.90
C THR C 312 -0.83 2.42 -20.01
N ALA C 313 -0.76 1.13 -19.62
CA ALA C 313 -0.64 0.04 -20.59
C ALA C 313 -1.81 -0.05 -21.56
N GLU C 314 -3.07 -0.08 -21.07
CA GLU C 314 -4.19 -0.27 -22.01
C GLU C 314 -4.33 0.92 -22.92
N LEU C 315 -4.23 2.13 -22.38
CA LEU C 315 -4.46 3.22 -23.31
C LEU C 315 -3.36 3.33 -24.36
N HIS C 316 -2.17 2.77 -24.12
CA HIS C 316 -1.14 2.78 -25.17
C HIS C 316 -1.03 1.51 -26.01
N THR C 317 -1.70 0.40 -25.66
CA THR C 317 -1.67 -0.80 -26.48
C THR C 317 -3.01 -1.12 -27.10
N GLY C 318 -4.04 -0.38 -26.69
CA GLY C 318 -5.40 -0.74 -26.99
C GLY C 318 -5.77 -0.49 -28.43
N LYS C 319 -5.20 0.54 -29.04
CA LYS C 319 -5.65 0.84 -30.39
C LYS C 319 -5.19 -0.23 -31.37
N THR C 320 -3.95 -0.70 -31.20
CA THR C 320 -3.45 -1.87 -31.93
C THR C 320 -4.27 -3.13 -31.63
N ALA C 321 -4.56 -3.41 -30.35
CA ALA C 321 -5.35 -4.60 -30.03
C ALA C 321 -6.74 -4.60 -30.66
N ASP C 322 -7.42 -3.45 -30.64
CA ASP C 322 -8.75 -3.33 -31.26
C ASP C 322 -8.65 -3.67 -32.74
N LYS C 323 -7.68 -3.04 -33.41
CA LYS C 323 -7.40 -3.27 -34.83
C LYS C 323 -7.27 -4.75 -35.18
N LYS C 324 -6.43 -5.47 -34.44
CA LYS C 324 -6.25 -6.91 -34.67
C LYS C 324 -7.54 -7.67 -34.41
N ALA C 325 -8.28 -7.25 -33.38
CA ALA C 325 -9.53 -7.88 -33.01
C ALA C 325 -10.56 -7.77 -34.11
N VAL C 326 -10.57 -6.65 -34.83
CA VAL C 326 -11.55 -6.49 -35.91
C VAL C 326 -11.08 -7.15 -37.20
N ILE C 327 -9.80 -7.04 -37.52
CA ILE C 327 -9.27 -7.72 -38.69
C ILE C 327 -9.56 -9.20 -38.62
N ALA C 328 -9.52 -9.79 -37.41
CA ALA C 328 -9.65 -11.23 -37.26
C ALA C 328 -11.02 -11.81 -37.57
N GLN C 329 -12.04 -10.98 -37.74
CA GLN C 329 -13.41 -11.50 -37.74
C GLN C 329 -13.88 -11.97 -39.10
N LEU C 330 -13.37 -11.40 -40.18
CA LEU C 330 -13.81 -11.80 -41.51
C LEU C 330 -12.59 -12.16 -42.35
N GLY C 331 -12.75 -13.16 -43.20
CA GLY C 331 -11.79 -13.46 -44.23
C GLY C 331 -12.47 -13.42 -45.59
N MET C 332 -11.70 -13.74 -46.62
CA MET C 332 -12.23 -13.78 -47.97
C MET C 332 -11.57 -14.89 -48.76
N GLN C 333 -12.38 -15.57 -49.55
CA GLN C 333 -11.90 -16.46 -50.58
C GLN C 333 -12.60 -16.10 -51.87
N ALA C 334 -11.83 -16.03 -52.95
CA ALA C 334 -12.37 -15.69 -54.25
C ALA C 334 -11.99 -16.76 -55.24
N THR C 335 -12.86 -16.98 -56.21
CA THR C 335 -12.53 -17.74 -57.40
C THR C 335 -12.79 -16.90 -58.62
N LEU C 336 -12.05 -17.22 -59.67
CA LEU C 336 -12.09 -16.51 -60.95
C LEU C 336 -12.04 -17.51 -62.08
N VAL C 337 -13.01 -17.42 -62.99
CA VAL C 337 -13.22 -18.41 -64.04
C VAL C 337 -13.27 -17.75 -65.40
N GLY C 338 -12.38 -18.16 -66.31
CA GLY C 338 -12.38 -17.63 -67.66
C GLY C 338 -13.49 -18.23 -68.52
N GLN C 339 -14.04 -17.43 -69.44
CA GLN C 339 -15.12 -17.83 -70.32
C GLN C 339 -14.63 -17.93 -71.76
N THR C 340 -15.45 -18.57 -72.60
CA THR C 340 -15.08 -18.69 -74.01
C THR C 340 -15.15 -17.37 -74.75
N ASP C 341 -15.91 -16.39 -74.23
CA ASP C 341 -16.02 -15.07 -74.86
C ASP C 341 -15.00 -14.10 -74.30
N ASP C 342 -13.95 -14.60 -73.67
CA ASP C 342 -12.83 -13.80 -73.16
C ASP C 342 -13.19 -13.00 -71.91
N THR C 343 -14.37 -13.21 -71.33
CA THR C 343 -14.69 -12.62 -70.04
C THR C 343 -14.28 -13.52 -68.89
N ALA C 344 -14.53 -13.06 -67.67
CA ALA C 344 -14.15 -13.78 -66.47
C ALA C 344 -15.21 -13.54 -65.40
N VAL C 345 -15.69 -14.63 -64.83
CA VAL C 345 -16.67 -14.58 -63.75
C VAL C 345 -15.90 -14.65 -62.43
N LEU C 346 -16.03 -13.60 -61.62
CA LEU C 346 -15.39 -13.47 -60.32
C LEU C 346 -16.47 -13.68 -59.26
N THR C 347 -16.19 -14.62 -58.35
CA THR C 347 -17.09 -14.98 -57.25
C THR C 347 -16.34 -14.78 -55.95
N VAL C 348 -16.88 -13.92 -55.08
CA VAL C 348 -16.25 -13.59 -53.82
C VAL C 348 -17.10 -14.12 -52.67
N SER C 349 -16.42 -14.77 -51.73
CA SER C 349 -17.02 -15.52 -50.65
C SER C 349 -16.47 -14.97 -49.35
N ILE C 350 -17.34 -14.42 -48.50
CA ILE C 350 -16.88 -13.84 -47.24
C ILE C 350 -16.91 -14.94 -46.18
N LEU C 351 -15.88 -14.98 -45.36
CA LEU C 351 -15.61 -16.09 -44.46
C LEU C 351 -15.64 -15.62 -43.01
N ASP C 352 -16.04 -16.51 -42.13
CA ASP C 352 -16.10 -16.21 -40.71
C ASP C 352 -14.73 -16.38 -40.08
N LYS C 353 -14.69 -16.30 -38.77
CA LYS C 353 -13.44 -16.29 -38.03
C LYS C 353 -12.65 -17.56 -38.30
N ASP C 354 -13.36 -18.67 -38.48
CA ASP C 354 -12.80 -19.99 -38.73
C ASP C 354 -12.69 -20.36 -40.19
N GLY C 355 -13.09 -19.49 -41.08
CA GLY C 355 -12.90 -19.70 -42.49
C GLY C 355 -14.11 -20.27 -43.21
N ASN C 356 -15.22 -20.50 -42.52
CA ASN C 356 -16.39 -21.04 -43.19
C ASN C 356 -17.19 -19.88 -43.77
N ALA C 357 -17.63 -20.06 -45.02
CA ALA C 357 -18.35 -19.02 -45.72
C ALA C 357 -19.64 -18.64 -45.00
N ILE C 358 -20.08 -17.41 -45.27
CA ILE C 358 -21.27 -16.81 -44.66
C ILE C 358 -22.11 -16.19 -45.77
N ASP C 359 -23.40 -16.05 -45.50
CA ASP C 359 -24.27 -15.27 -46.38
C ASP C 359 -23.83 -13.81 -46.32
N ALA C 360 -23.38 -13.29 -47.47
CA ALA C 360 -22.79 -11.96 -47.49
C ALA C 360 -23.80 -10.87 -47.15
N ALA C 361 -25.08 -11.09 -47.40
CA ALA C 361 -26.08 -10.07 -47.07
C ALA C 361 -26.10 -9.80 -45.57
N THR C 362 -25.59 -10.73 -44.76
CA THR C 362 -25.61 -10.55 -43.32
C THR C 362 -24.63 -9.47 -42.89
N VAL C 363 -23.64 -9.15 -43.72
CA VAL C 363 -22.73 -8.07 -43.40
C VAL C 363 -22.64 -7.04 -44.51
N GLN C 364 -23.52 -7.14 -45.50
CA GLN C 364 -23.53 -6.14 -46.57
C GLN C 364 -23.65 -4.74 -45.98
N ASP C 365 -24.49 -4.58 -44.95
CA ASP C 365 -24.70 -3.26 -44.36
C ASP C 365 -23.46 -2.72 -43.65
N LYS C 366 -22.44 -3.56 -43.44
CA LYS C 366 -21.21 -3.14 -42.78
C LYS C 366 -20.04 -2.97 -43.74
N ILE C 367 -20.25 -3.09 -45.03
CA ILE C 367 -19.16 -3.01 -45.99
C ILE C 367 -19.08 -1.58 -46.52
N LYS C 368 -17.96 -0.91 -46.21
CA LYS C 368 -17.71 0.39 -46.79
C LYS C 368 -17.18 0.27 -48.20
N ARG C 369 -16.23 -0.62 -48.45
CA ARG C 369 -15.90 -0.77 -49.86
C ARG C 369 -15.22 -2.11 -50.04
N LEU C 370 -15.75 -2.89 -50.97
CA LEU C 370 -15.10 -4.09 -51.48
C LEU C 370 -14.55 -3.75 -52.85
N GLU C 371 -13.22 -3.71 -52.96
CA GLU C 371 -12.58 -3.20 -54.15
C GLU C 371 -11.81 -4.31 -54.85
N THR C 372 -12.04 -4.45 -56.15
CA THR C 372 -11.40 -5.47 -56.98
C THR C 372 -10.54 -4.79 -58.04
N VAL C 373 -9.45 -5.46 -58.41
CA VAL C 373 -8.61 -5.09 -59.54
C VAL C 373 -8.16 -6.35 -60.27
N THR C 374 -8.48 -6.44 -61.55
CA THR C 374 -8.21 -7.61 -62.38
C THR C 374 -7.28 -7.27 -63.54
N ASN C 375 -6.22 -8.07 -63.70
CA ASN C 375 -5.19 -7.90 -64.73
C ASN C 375 -4.92 -9.27 -65.38
N VAL C 376 -4.05 -9.29 -66.39
CA VAL C 376 -3.69 -10.54 -67.05
C VAL C 376 -2.18 -10.64 -67.26
N GLY C 377 -1.64 -11.82 -66.97
CA GLY C 377 -0.21 -12.04 -67.04
C GLY C 377 0.48 -11.70 -65.74
N PRO C 378 0.35 -12.56 -64.74
CA PRO C 378 0.90 -12.22 -63.41
C PRO C 378 2.41 -12.04 -63.41
N ASN C 379 3.14 -12.70 -64.29
CA ASN C 379 4.59 -12.52 -64.26
C ASN C 379 5.00 -11.26 -65.01
N PHE C 380 4.08 -10.70 -65.78
CA PHE C 380 4.27 -9.44 -66.47
C PHE C 380 2.92 -8.93 -66.98
N PRO C 381 2.22 -8.13 -66.18
CA PRO C 381 0.86 -7.73 -66.57
C PRO C 381 0.86 -6.98 -67.89
N ILE C 382 -0.08 -7.37 -68.76
CA ILE C 382 -0.23 -6.83 -70.10
C ILE C 382 -1.37 -5.83 -70.19
N MET C 383 -2.14 -5.66 -69.11
CA MET C 383 -3.09 -4.56 -68.98
C MET C 383 -2.48 -3.46 -68.13
N GLY C 384 -2.36 -2.25 -68.68
CA GLY C 384 -1.82 -1.16 -67.91
C GLY C 384 -2.82 -0.63 -66.91
N TYR C 385 -2.39 0.34 -66.11
CA TYR C 385 -3.33 1.11 -65.29
C TYR C 385 -4.26 1.92 -66.19
N ASN C 386 -3.68 2.67 -67.12
CA ASN C 386 -4.42 3.17 -68.25
C ASN C 386 -4.30 2.09 -69.34
N LYS C 387 -4.74 2.40 -70.56
CA LYS C 387 -4.62 1.44 -71.64
C LYS C 387 -3.15 1.27 -72.03
N SER C 388 -2.71 0.00 -72.20
CA SER C 388 -1.31 -0.34 -72.45
C SER C 388 -1.02 -0.08 -73.93
N PRO C 389 0.17 0.45 -74.28
CA PRO C 389 0.53 0.55 -75.70
C PRO C 389 0.39 -0.76 -76.49
N GLY C 390 0.73 -1.90 -75.90
CA GLY C 390 0.61 -3.17 -76.59
C GLY C 390 -0.81 -3.65 -76.72
N SER C 391 -1.32 -4.29 -75.66
CA SER C 391 -2.65 -4.88 -75.72
C SER C 391 -3.73 -3.82 -75.95
N GLY C 392 -3.47 -2.57 -75.62
CA GLY C 392 -4.56 -1.62 -75.71
C GLY C 392 -5.60 -1.71 -74.62
N ALA C 393 -5.37 -2.49 -73.57
CA ALA C 393 -6.36 -2.70 -72.54
C ALA C 393 -5.92 -2.07 -71.23
N ALA C 394 -6.90 -1.59 -70.46
CA ALA C 394 -6.64 -1.09 -69.13
C ALA C 394 -7.14 -2.11 -68.13
N LYS C 395 -6.55 -2.11 -66.94
CA LYS C 395 -6.96 -3.04 -65.89
C LYS C 395 -8.44 -2.85 -65.58
N ILE C 396 -9.07 -3.92 -65.09
CA ILE C 396 -10.50 -3.92 -64.77
C ILE C 396 -10.68 -3.57 -63.29
N ALA C 397 -11.08 -2.32 -63.01
CA ALA C 397 -11.28 -1.83 -61.64
C ALA C 397 -12.77 -1.72 -61.35
N LYS C 398 -13.26 -2.55 -60.43
CA LYS C 398 -14.67 -2.60 -60.12
C LYS C 398 -14.81 -2.72 -58.60
N ASP C 399 -15.59 -1.84 -58.00
CA ASP C 399 -15.97 -1.98 -56.60
C ASP C 399 -17.24 -2.83 -56.52
N LEU C 400 -17.20 -3.89 -55.73
CA LEU C 400 -18.34 -4.78 -55.58
C LEU C 400 -19.37 -4.21 -54.63
N VAL C 401 -18.90 -3.53 -53.57
CA VAL C 401 -19.77 -2.87 -52.63
C VAL C 401 -19.19 -1.52 -52.26
N LYS C 402 -20.05 -0.49 -52.28
CA LYS C 402 -19.75 0.85 -51.77
C LYS C 402 -20.88 1.24 -50.83
N ASP C 403 -20.51 1.74 -49.66
CA ASP C 403 -21.46 2.23 -48.66
C ASP C 403 -22.66 1.32 -48.45
N GLY C 404 -22.38 0.01 -48.31
CA GLY C 404 -23.42 -0.94 -47.97
C GLY C 404 -24.22 -1.48 -49.13
N ALA C 405 -24.03 -0.93 -50.33
CA ALA C 405 -24.85 -1.21 -51.49
C ALA C 405 -24.12 -2.03 -52.54
N LEU C 406 -24.78 -3.06 -53.08
CA LEU C 406 -24.25 -3.73 -54.26
C LEU C 406 -24.23 -2.77 -55.45
N GLN C 407 -23.12 -2.76 -56.16
CA GLN C 407 -22.90 -1.94 -57.34
C GLN C 407 -23.46 -2.60 -58.60
N ALA C 408 -23.53 -1.82 -59.66
CA ALA C 408 -24.10 -2.28 -60.91
C ALA C 408 -23.38 -3.53 -61.39
N GLY C 409 -24.13 -4.56 -61.76
CA GLY C 409 -23.55 -5.77 -62.31
C GLY C 409 -23.10 -6.80 -61.31
N VAL C 410 -23.36 -6.59 -60.03
CA VAL C 410 -23.03 -7.54 -58.97
C VAL C 410 -24.29 -8.14 -58.37
N THR C 411 -24.22 -9.45 -58.08
CA THR C 411 -25.41 -10.15 -57.62
C THR C 411 -25.04 -11.13 -56.52
N LEU C 412 -26.05 -11.56 -55.78
CA LEU C 412 -25.87 -12.50 -54.67
C LEU C 412 -26.44 -13.87 -55.03
N VAL C 413 -25.57 -14.90 -55.05
CA VAL C 413 -25.87 -16.26 -55.53
C VAL C 413 -25.27 -17.22 -54.50
N ASP C 414 -26.09 -18.11 -53.91
CA ASP C 414 -25.62 -18.98 -52.83
C ASP C 414 -24.94 -18.16 -51.73
N GLY C 415 -25.40 -16.93 -51.52
CA GLY C 415 -24.75 -16.10 -50.52
C GLY C 415 -23.39 -15.56 -50.90
N LYS C 416 -23.03 -15.58 -52.17
CA LYS C 416 -21.73 -15.09 -52.63
C LYS C 416 -21.93 -13.97 -53.63
N LEU C 417 -20.90 -13.13 -53.74
CA LEU C 417 -20.92 -11.99 -54.65
C LEU C 417 -20.47 -12.50 -56.01
N VAL C 418 -21.12 -12.03 -57.09
CA VAL C 418 -20.67 -12.39 -58.43
C VAL C 418 -20.72 -11.22 -59.38
N PHE C 419 -19.68 -11.13 -60.22
CA PHE C 419 -19.46 -10.05 -61.18
C PHE C 419 -18.69 -10.63 -62.35
N THR C 420 -19.03 -10.23 -63.56
CA THR C 420 -18.34 -10.70 -64.75
C THR C 420 -17.67 -9.55 -65.47
N THR C 421 -16.41 -9.75 -65.85
CA THR C 421 -15.61 -8.64 -66.35
C THR C 421 -16.07 -8.27 -67.74
N PRO C 422 -15.65 -7.12 -68.24
CA PRO C 422 -15.57 -6.95 -69.70
C PRO C 422 -14.59 -7.98 -70.22
N ALA C 423 -14.56 -8.16 -71.53
CA ALA C 423 -13.62 -9.09 -72.11
C ALA C 423 -12.18 -8.65 -71.86
N LEU C 424 -11.29 -9.63 -71.64
CA LEU C 424 -9.89 -9.39 -71.29
C LEU C 424 -8.96 -10.01 -72.34
N PRO C 425 -7.76 -9.41 -72.53
CA PRO C 425 -6.85 -9.82 -73.62
C PRO C 425 -6.15 -11.13 -73.29
N PHE C 426 -6.95 -12.18 -73.15
CA PHE C 426 -6.38 -13.50 -72.94
C PHE C 426 -5.46 -13.86 -74.08
N GLY C 427 -4.42 -14.62 -73.78
CA GLY C 427 -3.50 -15.09 -74.80
C GLY C 427 -2.93 -16.43 -74.44
N THR C 428 -1.74 -16.70 -74.95
CA THR C 428 -1.01 -17.92 -74.67
C THR C 428 -0.09 -17.77 -73.47
N GLY C 429 0.36 -18.91 -72.96
CA GLY C 429 1.37 -18.88 -71.93
C GLY C 429 0.88 -18.13 -70.71
N ASP C 430 1.72 -17.20 -70.25
CA ASP C 430 1.39 -16.44 -69.05
C ASP C 430 0.09 -15.68 -69.19
N THR C 431 -0.19 -15.09 -70.37
CA THR C 431 -1.43 -14.33 -70.57
C THR C 431 -2.67 -15.25 -70.66
N ASP C 432 -2.46 -16.55 -70.44
CA ASP C 432 -3.58 -17.45 -70.22
C ASP C 432 -4.21 -17.24 -68.84
N THR C 433 -3.48 -16.61 -67.93
CA THR C 433 -3.95 -16.44 -66.56
C THR C 433 -4.35 -14.98 -66.32
N ALA C 434 -5.62 -14.77 -65.96
CA ALA C 434 -6.09 -13.54 -65.35
C ALA C 434 -6.04 -13.65 -63.84
N PHE C 435 -5.85 -12.52 -63.16
CA PHE C 435 -5.72 -12.49 -61.71
C PHE C 435 -6.40 -11.27 -61.14
N THR C 436 -6.88 -11.42 -59.90
CA THR C 436 -7.61 -10.36 -59.25
C THR C 436 -7.22 -10.19 -57.80
N PHE C 437 -6.99 -8.94 -57.44
CA PHE C 437 -6.61 -8.48 -56.11
C PHE C 437 -7.84 -7.86 -55.46
N ILE C 438 -8.09 -8.21 -54.20
CA ILE C 438 -9.34 -7.87 -53.53
C ILE C 438 -9.02 -7.24 -52.19
N GLY C 439 -9.57 -6.05 -51.95
CA GLY C 439 -9.42 -5.37 -50.67
C GLY C 439 -10.77 -5.09 -50.05
N LEU C 440 -10.85 -5.23 -48.72
CA LEU C 440 -12.12 -5.06 -48.02
C LEU C 440 -11.95 -4.04 -46.90
N GLU C 441 -12.87 -3.07 -46.84
CA GLU C 441 -12.89 -2.01 -45.84
C GLU C 441 -14.25 -2.01 -45.17
N MET C 442 -14.26 -2.34 -43.87
CA MET C 442 -15.47 -2.48 -43.07
C MET C 442 -15.63 -1.35 -42.07
N CYS C 443 -16.85 -0.85 -41.90
CA CYS C 443 -17.12 0.08 -40.81
C CYS C 443 -17.10 -0.62 -39.47
N SER C 444 -16.53 0.05 -38.48
CA SER C 444 -16.24 -0.57 -37.22
C SER C 444 -16.39 0.44 -36.09
N THR C 445 -16.42 -0.10 -34.89
CA THR C 445 -16.31 0.69 -33.67
C THR C 445 -15.60 -0.20 -32.65
N GLY C 446 -14.51 0.29 -32.09
CA GLY C 446 -13.77 -0.51 -31.14
C GLY C 446 -13.40 -1.85 -31.72
N THR C 447 -13.94 -2.94 -31.15
CA THR C 447 -13.76 -4.29 -31.64
C THR C 447 -14.97 -4.81 -32.41
N SER C 448 -15.85 -3.92 -32.83
CA SER C 448 -17.13 -4.27 -33.39
C SER C 448 -17.16 -3.82 -34.84
N LEU C 449 -17.82 -4.60 -35.67
CA LEU C 449 -18.21 -4.15 -36.99
C LEU C 449 -19.61 -3.56 -36.91
N THR C 450 -19.79 -2.35 -37.44
CA THR C 450 -21.09 -1.71 -37.30
C THR C 450 -21.58 -1.28 -38.67
N ALA C 451 -22.89 -1.16 -38.78
CA ALA C 451 -23.46 -0.65 -40.01
C ALA C 451 -22.79 0.65 -40.33
N CYS C 452 -22.52 0.85 -41.60
CA CYS C 452 -21.75 1.99 -42.04
C CYS C 452 -22.66 3.20 -42.00
N THR C 453 -22.10 4.33 -41.51
CA THR C 453 -22.79 5.61 -41.49
C THR C 453 -21.83 6.61 -42.13
N VAL C 454 -22.27 7.87 -42.24
CA VAL C 454 -21.49 8.93 -42.87
C VAL C 454 -20.19 9.25 -42.13
N ASP C 455 -20.22 9.13 -40.81
CA ASP C 455 -19.22 9.55 -39.84
C ASP C 455 -18.38 8.38 -39.36
N SER C 456 -18.50 7.23 -40.01
CA SER C 456 -18.09 5.95 -39.46
C SER C 456 -16.61 5.64 -39.66
N ALA C 457 -15.96 5.22 -38.57
CA ALA C 457 -14.62 4.66 -38.63
C ALA C 457 -14.60 3.42 -39.52
N THR C 458 -13.42 3.12 -40.09
CA THR C 458 -13.30 1.92 -40.91
C THR C 458 -12.05 1.14 -40.52
N THR C 459 -11.98 -0.08 -41.03
CA THR C 459 -10.81 -0.92 -40.89
C THR C 459 -10.60 -1.68 -42.19
N SER C 460 -9.36 -1.72 -42.65
CA SER C 460 -9.01 -2.55 -43.79
C SER C 460 -8.85 -3.98 -43.31
N MET C 461 -9.46 -4.93 -44.02
CA MET C 461 -9.42 -6.34 -43.64
C MET C 461 -8.42 -7.12 -44.50
N LYS C 462 -8.34 -8.43 -44.23
CA LYS C 462 -7.42 -9.29 -44.94
C LYS C 462 -7.71 -9.28 -46.42
N ALA C 463 -6.71 -8.92 -47.22
CA ALA C 463 -6.84 -8.93 -48.67
C ALA C 463 -6.84 -10.35 -49.21
N GLU C 464 -7.32 -10.51 -50.44
CA GLU C 464 -7.36 -11.83 -51.08
C GLU C 464 -6.80 -11.70 -52.48
N LEU C 465 -6.24 -12.79 -52.98
CA LEU C 465 -5.67 -12.90 -54.32
C LEU C 465 -6.27 -14.12 -55.02
N ALA C 466 -6.69 -13.95 -56.28
CA ALA C 466 -7.35 -15.03 -57.01
C ALA C 466 -6.86 -15.15 -58.45
N PHE C 467 -6.72 -16.39 -58.93
CA PHE C 467 -6.22 -16.73 -60.26
C PHE C 467 -7.26 -17.51 -61.07
N GLY C 468 -7.28 -17.32 -62.39
CA GLY C 468 -8.15 -18.10 -63.26
C GLY C 468 -7.65 -18.07 -64.68
N THR C 469 -8.01 -19.10 -65.46
CA THR C 469 -7.54 -19.23 -66.84
C THR C 469 -8.70 -19.35 -67.84
N LYS C 470 -8.39 -19.04 -69.11
CA LYS C 470 -9.37 -19.27 -70.17
C LYS C 470 -9.35 -20.72 -70.63
N SER C 471 -8.16 -21.29 -70.82
CA SER C 471 -8.06 -22.66 -71.33
C SER C 471 -8.67 -23.66 -70.35
N GLY C 472 -8.70 -23.31 -69.08
CA GLY C 472 -9.03 -24.26 -68.04
C GLY C 472 -7.82 -24.98 -67.48
N ASN C 473 -6.64 -24.79 -68.07
CA ASN C 473 -5.44 -25.42 -67.56
C ASN C 473 -4.99 -24.73 -66.27
N ALA C 474 -4.00 -25.32 -65.62
CA ALA C 474 -3.49 -24.76 -64.39
C ALA C 474 -2.96 -23.34 -64.60
N PRO C 475 -3.19 -22.43 -63.66
CA PRO C 475 -2.76 -21.04 -63.82
C PRO C 475 -1.29 -20.79 -63.53
N SER C 476 -0.74 -19.82 -64.27
CA SER C 476 0.60 -19.32 -64.03
C SER C 476 0.57 -18.38 -62.83
N MET C 477 1.69 -18.31 -62.10
CA MET C 477 1.73 -17.47 -60.90
C MET C 477 3.10 -16.82 -60.77
N ARG C 478 3.11 -15.59 -60.27
CA ARG C 478 4.35 -14.85 -60.12
C ARG C 478 5.15 -15.29 -58.91
N HIS C 479 6.46 -15.02 -58.99
CA HIS C 479 7.34 -15.42 -57.90
C HIS C 479 7.18 -14.58 -56.63
N VAL C 480 7.42 -15.26 -55.52
CA VAL C 480 7.23 -14.78 -54.17
C VAL C 480 8.49 -15.01 -53.35
N ASN C 481 9.53 -15.58 -53.99
CA ASN C 481 10.66 -16.23 -53.36
C ASN C 481 11.84 -15.27 -53.21
N SER C 482 11.65 -14.03 -53.61
CA SER C 482 12.68 -13.01 -53.53
C SER C 482 12.36 -11.99 -52.46
N VAL C 483 11.08 -11.75 -52.21
CA VAL C 483 10.64 -10.81 -51.19
C VAL C 483 9.51 -11.39 -50.36
N ASN C 484 9.78 -11.64 -49.08
CA ASN C 484 8.75 -12.11 -48.16
C ASN C 484 8.14 -10.92 -47.42
N PHE C 485 6.81 -10.90 -47.36
CA PHE C 485 6.14 -9.78 -46.69
C PHE C 485 6.53 -9.69 -45.21
N SER C 486 6.93 -10.80 -44.61
CA SER C 486 7.37 -10.79 -43.21
C SER C 486 8.46 -9.78 -42.92
N THR C 487 9.33 -9.51 -43.88
CA THR C 487 10.38 -8.53 -43.61
C THR C 487 9.77 -7.17 -43.33
N CYS C 488 8.70 -6.84 -44.05
CA CYS C 488 8.04 -5.56 -43.84
C CYS C 488 7.42 -5.49 -42.46
N GLN C 489 6.97 -6.61 -41.93
CA GLN C 489 6.17 -6.53 -40.72
C GLN C 489 7.01 -5.88 -39.63
N GLY C 490 8.28 -6.28 -39.56
CA GLY C 490 9.20 -5.64 -38.64
C GLY C 490 9.05 -4.13 -38.56
N CYS C 491 9.03 -3.46 -39.71
CA CYS C 491 8.88 -2.01 -39.69
C CYS C 491 7.41 -1.61 -39.61
N HIS C 492 6.51 -2.31 -40.31
CA HIS C 492 5.21 -1.74 -40.59
C HIS C 492 4.10 -2.39 -39.79
N SER C 493 4.41 -3.40 -38.98
CA SER C 493 3.43 -4.11 -38.18
C SER C 493 2.77 -5.23 -38.97
N ASP C 494 2.12 -6.17 -38.28
CA ASP C 494 1.28 -7.16 -38.93
C ASP C 494 -0.09 -6.63 -39.33
N THR C 495 -0.37 -5.36 -39.10
CA THR C 495 -1.66 -4.79 -39.45
C THR C 495 -1.44 -3.56 -40.29
N PHE C 496 -0.53 -3.70 -41.24
CA PHE C 496 -0.28 -2.64 -42.19
C PHE C 496 -1.45 -2.57 -43.15
N GLU C 497 -2.29 -1.52 -42.97
CA GLU C 497 -3.45 -1.28 -43.83
C GLU C 497 -2.99 -0.47 -45.04
N ILE C 498 -2.27 -1.14 -45.91
CA ILE C 498 -1.65 -0.49 -47.06
C ILE C 498 -2.71 0.21 -47.90
N HIS C 499 -2.46 1.48 -48.22
CA HIS C 499 -3.33 2.29 -49.06
C HIS C 499 -4.70 2.49 -48.42
N LYS C 500 -4.82 2.39 -47.11
CA LYS C 500 -6.05 2.89 -46.48
C LYS C 500 -6.17 4.38 -46.72
N GLY C 501 -7.37 4.83 -47.07
CA GLY C 501 -7.57 6.24 -47.31
C GLY C 501 -8.28 6.55 -48.61
N HIS C 502 -7.51 6.57 -49.70
CA HIS C 502 -8.09 6.69 -51.02
C HIS C 502 -8.62 5.34 -51.49
N HIS C 503 -8.17 4.25 -50.89
CA HIS C 503 -8.59 2.91 -51.25
C HIS C 503 -9.17 2.18 -50.05
N SER C 504 -9.61 0.94 -50.30
CA SER C 504 -10.12 0.11 -49.22
C SER C 504 -9.03 -0.20 -48.20
N GLY C 505 -7.80 -0.29 -48.66
CA GLY C 505 -6.73 -0.74 -47.78
C GLY C 505 -6.51 -2.23 -47.92
N PHE C 506 -5.26 -2.64 -47.78
CA PHE C 506 -4.90 -4.03 -48.03
C PHE C 506 -4.04 -4.56 -46.90
N VAL C 507 -4.55 -5.53 -46.16
CA VAL C 507 -3.78 -6.24 -45.15
C VAL C 507 -3.28 -7.56 -45.76
N MET C 508 -1.97 -7.70 -45.86
CA MET C 508 -1.37 -8.85 -46.52
C MET C 508 -1.11 -9.95 -45.50
N THR C 509 -1.81 -11.08 -45.67
CA THR C 509 -1.76 -12.23 -44.77
C THR C 509 -1.57 -13.51 -45.59
N GLU C 510 -1.56 -14.67 -44.92
CA GLU C 510 -1.45 -15.90 -45.70
C GLU C 510 -2.73 -16.20 -46.46
N GLN C 511 -3.77 -15.38 -46.31
CA GLN C 511 -4.95 -15.51 -47.16
C GLN C 511 -4.59 -15.41 -48.64
N VAL C 512 -3.52 -14.67 -48.99
CA VAL C 512 -3.08 -14.54 -50.37
C VAL C 512 -1.96 -15.50 -50.74
N SER C 513 -1.56 -16.37 -49.81
CA SER C 513 -0.37 -17.17 -50.03
C SER C 513 -0.65 -18.31 -51.01
N HIS C 514 0.37 -18.63 -51.83
CA HIS C 514 0.30 -19.75 -52.76
C HIS C 514 1.66 -20.43 -52.92
N ALA C 515 2.50 -20.41 -51.89
CA ALA C 515 3.84 -20.96 -51.97
C ALA C 515 4.38 -21.08 -50.55
N LYS C 516 5.35 -21.99 -50.37
CA LYS C 516 5.97 -22.18 -49.07
C LYS C 516 7.50 -22.20 -49.21
N ASP C 517 8.18 -21.95 -48.09
CA ASP C 517 9.62 -21.71 -48.06
C ASP C 517 10.38 -23.00 -47.71
N ALA C 518 11.66 -22.85 -47.35
CA ALA C 518 12.50 -24.01 -47.07
C ALA C 518 11.98 -24.81 -45.86
N ASN C 519 11.68 -24.10 -44.76
CA ASN C 519 11.19 -24.74 -43.53
C ASN C 519 9.74 -25.21 -43.61
N GLY C 520 9.01 -24.87 -44.68
CA GLY C 520 7.67 -25.36 -44.91
C GLY C 520 6.57 -24.39 -44.55
N LYS C 521 6.91 -23.16 -44.17
CA LYS C 521 5.98 -22.12 -43.77
C LYS C 521 5.48 -21.32 -44.97
N ALA C 522 4.23 -20.85 -44.87
CA ALA C 522 3.58 -20.12 -45.96
C ALA C 522 4.27 -18.80 -46.26
N ILE C 523 4.49 -18.52 -47.52
CA ILE C 523 5.08 -17.24 -47.92
C ILE C 523 3.96 -16.27 -48.27
N VAL C 524 3.97 -15.10 -47.63
CA VAL C 524 3.11 -14.00 -48.05
C VAL C 524 3.94 -13.09 -48.93
N GLY C 525 3.63 -13.08 -50.21
CA GLY C 525 4.30 -12.21 -51.16
C GLY C 525 3.49 -10.97 -51.42
N VAL C 526 4.11 -10.06 -52.16
CA VAL C 526 3.45 -8.82 -52.53
C VAL C 526 3.12 -8.89 -54.02
N ASP C 527 2.91 -10.10 -54.54
CA ASP C 527 2.60 -10.24 -55.96
C ASP C 527 1.26 -9.65 -56.39
N GLY C 528 0.30 -9.48 -55.47
CA GLY C 528 -0.98 -8.91 -55.86
C GLY C 528 -0.87 -7.49 -56.32
N CYS C 529 0.09 -6.76 -55.75
CA CYS C 529 0.18 -5.34 -56.03
C CYS C 529 0.34 -5.08 -57.51
N VAL C 530 0.91 -6.01 -58.27
CA VAL C 530 1.15 -5.66 -59.66
C VAL C 530 -0.12 -5.54 -60.50
N ALA C 531 -1.30 -5.86 -59.95
CA ALA C 531 -2.51 -5.59 -60.72
C ALA C 531 -2.69 -4.10 -61.02
N CYS C 532 -2.11 -3.21 -60.20
CA CYS C 532 -2.12 -1.76 -60.44
C CYS C 532 -0.77 -1.22 -60.83
N HIS C 533 0.29 -1.67 -60.16
CA HIS C 533 1.64 -1.22 -60.44
C HIS C 533 2.20 -2.01 -61.61
N THR C 534 1.60 -1.77 -62.78
CA THR C 534 1.93 -2.47 -64.02
C THR C 534 3.20 -1.92 -64.65
N PRO C 535 3.78 -2.65 -65.61
CA PRO C 535 4.94 -2.11 -66.35
C PRO C 535 4.69 -0.76 -66.96
N ASP C 536 3.44 -0.44 -67.26
CA ASP C 536 3.05 0.83 -67.87
C ASP C 536 2.78 1.91 -66.82
N GLY C 537 3.18 1.70 -65.56
CA GLY C 537 2.98 2.70 -64.53
C GLY C 537 1.60 2.64 -63.94
N THR C 538 1.25 3.66 -63.17
CA THR C 538 -0.08 3.82 -62.64
C THR C 538 -0.79 4.96 -63.46
N TYR C 539 -1.45 5.92 -62.84
CA TYR C 539 -2.27 6.87 -63.60
C TYR C 539 -1.45 7.89 -64.41
N ALA C 540 -0.17 8.09 -64.08
CA ALA C 540 0.70 9.00 -64.82
C ALA C 540 1.50 8.31 -65.93
N SER C 541 1.27 7.01 -66.14
CA SER C 541 1.93 6.21 -67.17
C SER C 541 3.42 6.49 -67.31
N GLY C 542 4.13 6.43 -66.20
CA GLY C 542 5.58 6.48 -66.22
C GLY C 542 6.16 7.57 -65.34
N ALA C 543 5.40 8.65 -65.17
CA ALA C 543 5.92 9.84 -64.49
C ALA C 543 6.34 9.55 -63.06
N ASN C 544 5.63 8.67 -62.37
CA ASN C 544 5.98 8.37 -60.99
C ASN C 544 6.64 7.01 -60.88
N LYS C 545 7.03 6.43 -62.01
CA LYS C 545 7.72 5.15 -62.06
C LYS C 545 6.93 4.07 -61.32
N GLY C 546 5.68 3.92 -61.74
CA GLY C 546 4.74 3.10 -61.00
C GLY C 546 5.01 1.61 -60.98
N ALA C 547 5.71 1.08 -61.98
CA ALA C 547 5.87 -0.37 -62.05
C ALA C 547 6.50 -0.90 -60.77
N PHE C 548 5.94 -2.03 -60.29
CA PHE C 548 6.28 -2.53 -58.96
C PHE C 548 7.75 -2.87 -58.84
N GLU C 549 8.38 -3.25 -59.96
CA GLU C 549 9.81 -3.52 -59.95
C GLU C 549 10.61 -2.31 -59.48
N MET C 550 10.01 -1.12 -59.47
CA MET C 550 10.68 0.13 -59.11
C MET C 550 10.06 0.88 -57.95
N LYS C 551 8.75 0.72 -57.73
CA LYS C 551 8.02 1.60 -56.80
C LYS C 551 8.61 1.55 -55.40
N LEU C 552 8.66 0.37 -54.79
CA LEU C 552 9.22 0.26 -53.44
C LEU C 552 10.66 0.74 -53.37
N HIS C 553 11.43 0.53 -54.44
CA HIS C 553 12.81 0.97 -54.43
C HIS C 553 12.91 2.48 -54.36
N VAL C 554 12.16 3.19 -55.22
CA VAL C 554 12.21 4.63 -55.16
C VAL C 554 11.77 5.15 -53.81
N ILE C 555 10.64 4.66 -53.33
CA ILE C 555 10.07 5.16 -52.08
C ILE C 555 11.07 4.98 -50.93
N HIS C 556 11.77 3.83 -50.87
CA HIS C 556 12.53 3.44 -49.68
C HIS C 556 14.02 3.75 -49.79
N GLY C 557 14.53 4.00 -51.00
CA GLY C 557 15.90 4.46 -51.13
C GLY C 557 16.08 5.79 -50.43
N GLU C 558 15.00 6.56 -50.30
CA GLU C 558 15.02 7.88 -49.67
C GLU C 558 14.84 7.84 -48.16
N GLN C 559 14.74 6.64 -47.58
CA GLN C 559 14.58 6.46 -46.13
C GLN C 559 15.90 6.01 -45.51
N GLY C 560 16.44 6.82 -44.61
CA GLY C 560 17.73 6.50 -44.00
C GLY C 560 17.76 5.26 -43.12
N VAL C 561 16.60 4.77 -42.68
CA VAL C 561 16.56 3.49 -41.96
C VAL C 561 16.91 2.32 -42.87
N ILE C 562 16.67 2.44 -44.17
CA ILE C 562 16.90 1.35 -45.11
C ILE C 562 18.33 1.47 -45.58
N LYS C 563 19.13 0.44 -45.30
CA LYS C 563 20.56 0.49 -45.55
C LYS C 563 21.11 -0.77 -46.21
N GLU C 564 20.34 -1.85 -46.30
CA GLU C 564 20.76 -3.10 -46.92
C GLU C 564 19.59 -3.81 -47.59
N CYS C 565 19.83 -4.36 -48.78
CA CYS C 565 18.80 -5.07 -49.52
C CYS C 565 18.25 -6.25 -48.71
N THR C 566 19.04 -6.78 -47.78
CA THR C 566 18.57 -7.86 -46.92
C THR C 566 17.33 -7.49 -46.13
N GLN C 567 16.97 -6.21 -46.07
CA GLN C 567 15.80 -5.81 -45.30
C GLN C 567 14.48 -6.19 -45.95
N CYS C 568 14.45 -6.43 -47.26
CA CYS C 568 13.30 -7.03 -47.92
C CYS C 568 13.62 -8.32 -48.63
N HIS C 569 14.89 -8.55 -49.00
CA HIS C 569 15.25 -9.56 -49.97
C HIS C 569 15.97 -10.69 -49.23
N ASN C 570 15.47 -11.91 -49.40
CA ASN C 570 16.11 -13.15 -48.99
C ASN C 570 16.90 -13.79 -50.12
N ASP C 571 16.83 -13.18 -51.30
CA ASP C 571 17.28 -13.71 -52.58
C ASP C 571 16.96 -12.67 -53.64
N PHE C 572 17.70 -12.66 -54.74
CA PHE C 572 17.30 -11.95 -55.94
C PHE C 572 16.93 -12.99 -56.98
N ASN C 573 15.73 -12.85 -57.54
CA ASN C 573 15.29 -13.74 -58.62
C ASN C 573 15.61 -13.08 -59.96
N LEU C 574 16.90 -13.14 -60.34
CA LEU C 574 17.35 -12.52 -61.59
C LEU C 574 16.77 -13.23 -62.81
N ASP C 575 16.56 -14.55 -62.72
CA ASP C 575 15.98 -15.30 -63.83
C ASP C 575 14.62 -14.72 -64.22
N ALA C 576 13.95 -14.05 -63.29
CA ALA C 576 12.64 -13.49 -63.58
C ALA C 576 12.70 -12.48 -64.72
N PHE C 577 13.80 -11.74 -64.83
CA PHE C 577 13.93 -10.76 -65.91
C PHE C 577 13.71 -11.41 -67.28
N LYS C 578 13.91 -12.73 -67.38
CA LYS C 578 13.80 -13.41 -68.66
C LYS C 578 12.37 -13.44 -69.20
N VAL C 579 11.35 -13.17 -68.37
CA VAL C 579 9.98 -13.04 -68.84
C VAL C 579 9.45 -11.64 -68.71
N LYS C 580 10.32 -10.67 -68.49
CA LYS C 580 9.98 -9.27 -68.40
C LYS C 580 10.08 -8.56 -69.75
N GLY C 581 9.21 -7.57 -69.92
CA GLY C 581 9.37 -6.57 -70.96
C GLY C 581 9.91 -5.26 -70.44
N ALA C 582 9.84 -4.24 -71.27
CA ALA C 582 10.32 -2.93 -70.88
C ALA C 582 9.32 -2.27 -69.93
N LEU C 583 9.83 -1.33 -69.13
CA LEU C 583 9.06 -0.68 -68.09
C LEU C 583 9.05 0.83 -68.29
N ALA C 584 7.90 1.43 -68.02
CA ALA C 584 7.72 2.86 -68.18
C ALA C 584 8.48 3.60 -67.08
N THR C 585 9.39 4.49 -67.48
CA THR C 585 10.23 5.22 -66.54
C THR C 585 9.98 6.72 -66.53
N SER C 586 9.37 7.27 -67.57
CA SER C 586 8.76 8.59 -67.55
C SER C 586 7.49 8.50 -68.39
N ALA C 587 6.76 9.60 -68.50
CA ALA C 587 5.46 9.58 -69.16
C ALA C 587 5.58 9.12 -70.61
N GLY C 588 5.13 7.90 -70.88
CA GLY C 588 5.08 7.44 -72.25
C GLY C 588 6.38 6.86 -72.78
N LYS C 589 7.40 6.67 -71.94
CA LYS C 589 8.65 6.15 -72.46
C LYS C 589 9.25 5.08 -71.56
N TYR C 590 9.97 4.15 -72.20
CA TYR C 590 10.17 2.82 -71.65
C TYR C 590 11.66 2.50 -71.62
N THR C 591 12.01 1.57 -70.72
CA THR C 591 13.38 1.20 -70.46
C THR C 591 13.46 -0.31 -70.30
N THR C 592 14.50 -0.91 -70.80
CA THR C 592 14.73 -2.33 -70.58
C THR C 592 14.70 -2.65 -69.09
N PRO C 593 14.19 -3.83 -68.69
CA PRO C 593 13.88 -4.04 -67.26
C PRO C 593 15.06 -4.02 -66.28
N ILE C 594 16.21 -4.62 -66.58
CA ILE C 594 17.30 -4.59 -65.60
C ILE C 594 17.72 -3.14 -65.34
N THR C 595 17.92 -2.40 -66.42
CA THR C 595 18.30 -1.00 -66.32
C THR C 595 17.25 -0.21 -65.55
N ALA C 596 15.97 -0.45 -65.85
CA ALA C 596 14.90 0.23 -65.14
C ALA C 596 14.96 0.00 -63.64
N THR C 597 15.20 -1.24 -63.23
CA THR C 597 15.28 -1.59 -61.82
C THR C 597 16.44 -0.90 -61.13
N CYS C 598 17.61 -0.89 -61.77
CA CYS C 598 18.78 -0.25 -61.14
C CYS C 598 18.64 1.26 -61.07
N THR C 599 18.04 1.90 -62.07
CA THR C 599 17.93 3.35 -62.05
C THR C 599 16.81 3.89 -61.15
N SER C 600 16.03 3.03 -60.47
CA SER C 600 15.18 3.49 -59.37
C SER C 600 15.96 4.26 -58.31
N CYS C 601 17.19 3.83 -58.00
CA CYS C 601 18.05 4.52 -57.05
C CYS C 601 19.20 5.23 -57.75
N HIS C 602 19.76 4.62 -58.79
CA HIS C 602 20.96 5.11 -59.48
C HIS C 602 20.55 6.06 -60.60
N ALA C 603 20.89 7.34 -60.46
CA ALA C 603 20.60 8.29 -61.53
C ALA C 603 21.25 7.80 -62.82
N PRO C 604 20.49 7.67 -63.92
CA PRO C 604 21.07 7.13 -65.17
C PRO C 604 22.39 7.74 -65.58
N GLU C 605 22.52 9.05 -65.38
CA GLU C 605 23.72 9.76 -65.78
C GLU C 605 24.95 9.39 -64.96
N SER C 606 24.74 8.91 -63.73
CA SER C 606 25.79 8.63 -62.75
C SER C 606 26.49 7.29 -62.93
N ILE C 607 26.03 6.49 -63.88
CA ILE C 607 26.63 5.20 -64.21
C ILE C 607 27.79 5.52 -65.16
N GLY C 608 29.01 5.51 -64.65
CA GLY C 608 30.13 5.96 -65.46
C GLY C 608 30.17 5.29 -66.82
N HIS C 609 30.02 3.97 -66.85
CA HIS C 609 30.25 3.19 -68.07
C HIS C 609 29.16 3.28 -69.13
N GLY C 610 28.05 3.96 -68.88
CA GLY C 610 27.03 4.17 -69.88
C GLY C 610 26.20 2.91 -70.08
N LEU C 611 25.03 3.12 -70.64
CA LEU C 611 23.98 2.11 -70.68
C LEU C 611 23.53 1.73 -72.08
N GLU C 612 23.59 2.64 -73.07
CA GLU C 612 23.12 2.25 -74.39
C GLU C 612 24.12 1.31 -75.05
N ASN C 613 25.39 1.38 -74.60
CA ASN C 613 26.46 0.43 -74.92
C ASN C 613 26.12 -1.02 -74.66
N MET C 614 25.23 -1.25 -73.71
CA MET C 614 24.99 -2.58 -73.20
C MET C 614 23.73 -3.16 -73.82
N GLY C 615 23.38 -2.68 -75.02
CA GLY C 615 22.15 -3.19 -75.59
C GLY C 615 20.97 -2.76 -74.79
N ALA C 616 21.15 -1.79 -73.92
CA ALA C 616 20.08 -1.19 -73.17
C ALA C 616 19.44 -0.07 -73.96
N ILE C 617 18.18 0.21 -73.63
CA ILE C 617 17.48 1.37 -74.17
C ILE C 617 16.86 2.05 -72.97
N VAL C 618 17.13 3.33 -72.80
CA VAL C 618 16.77 4.06 -71.58
C VAL C 618 15.84 5.16 -72.02
N ASN C 619 14.57 5.05 -71.63
CA ASN C 619 13.57 6.03 -72.03
C ASN C 619 13.36 6.15 -73.54
N GLY C 620 13.38 5.03 -74.25
CA GLY C 620 12.96 5.02 -75.65
C GLY C 620 11.50 4.69 -75.79
N ASP C 621 11.05 4.60 -77.05
CA ASP C 621 9.63 4.35 -77.24
C ASP C 621 9.37 2.87 -77.08
N TYR C 622 8.10 2.52 -76.99
CA TYR C 622 7.70 1.19 -76.51
C TYR C 622 8.30 0.08 -77.34
N VAL C 623 8.08 0.11 -78.66
CA VAL C 623 8.51 -1.00 -79.50
C VAL C 623 10.02 -1.13 -79.48
N GLN C 624 10.73 -0.01 -79.57
CA GLN C 624 12.19 -0.03 -79.55
C GLN C 624 12.68 -0.70 -78.25
N ALA C 625 12.16 -0.24 -77.11
CA ALA C 625 12.60 -0.70 -75.81
C ALA C 625 12.28 -2.18 -75.60
N ASN C 626 11.08 -2.64 -76.01
CA ASN C 626 10.77 -4.03 -75.78
C ASN C 626 11.40 -4.98 -76.78
N GLN C 627 11.83 -4.50 -77.95
CA GLN C 627 12.76 -5.26 -78.79
C GLN C 627 14.08 -5.52 -78.07
N ALA C 628 14.61 -4.52 -77.36
CA ALA C 628 15.85 -4.65 -76.60
C ALA C 628 15.68 -5.20 -75.18
N ALA C 629 14.49 -5.67 -74.80
CA ALA C 629 14.27 -6.12 -73.43
C ALA C 629 15.21 -7.23 -72.98
N GLN C 630 15.62 -8.11 -73.90
CA GLN C 630 16.45 -9.26 -73.53
C GLN C 630 17.87 -9.17 -74.05
N SER C 631 18.32 -7.96 -74.38
CA SER C 631 19.63 -7.75 -74.98
C SER C 631 20.55 -7.08 -73.97
N GLU C 632 20.10 -7.00 -72.72
CA GLU C 632 20.88 -6.36 -71.69
C GLU C 632 22.02 -7.27 -71.28
N THR C 633 23.20 -6.67 -71.08
CA THR C 633 24.43 -7.37 -70.76
C THR C 633 24.85 -7.32 -69.30
N CYS C 634 23.98 -6.84 -68.40
CA CYS C 634 24.44 -6.41 -67.08
C CYS C 634 24.93 -7.61 -66.27
N PHE C 635 24.13 -8.68 -66.21
CA PHE C 635 24.46 -9.80 -65.34
C PHE C 635 25.57 -10.69 -65.89
N TYR C 636 26.10 -10.40 -67.08
CA TYR C 636 27.37 -11.01 -67.49
C TYR C 636 28.50 -10.52 -66.58
N CYS C 637 28.41 -9.25 -66.14
CA CYS C 637 29.34 -8.63 -65.20
C CYS C 637 28.83 -8.63 -63.76
N HIS C 638 27.63 -8.10 -63.53
CA HIS C 638 27.13 -7.87 -62.17
C HIS C 638 26.61 -9.18 -61.58
N LYS C 639 27.16 -9.60 -60.43
CA LYS C 639 26.72 -10.81 -59.73
C LYS C 639 26.28 -10.43 -58.32
N PRO C 640 25.09 -9.84 -58.19
CA PRO C 640 24.64 -9.27 -56.92
C PRO C 640 23.98 -10.28 -56.00
N THR C 641 24.28 -10.16 -54.71
CA THR C 641 23.56 -10.83 -53.64
C THR C 641 22.84 -9.81 -52.76
N PRO C 642 21.75 -10.19 -52.10
CA PRO C 642 21.18 -9.28 -51.10
C PRO C 642 22.19 -8.76 -50.08
N THR C 643 23.22 -9.56 -49.76
CA THR C 643 24.24 -9.16 -48.77
C THR C 643 25.25 -8.15 -49.30
N ASP C 644 25.61 -8.25 -50.58
CA ASP C 644 26.41 -7.22 -51.26
C ASP C 644 25.99 -7.24 -52.71
N HIS C 645 25.28 -6.18 -53.10
CA HIS C 645 24.77 -6.10 -54.46
C HIS C 645 25.77 -5.43 -55.42
N THR C 646 26.93 -4.94 -54.95
CA THR C 646 27.87 -4.24 -55.83
C THR C 646 28.89 -5.17 -56.45
N GLN C 647 28.81 -6.47 -56.17
CA GLN C 647 29.76 -7.45 -56.68
C GLN C 647 29.67 -7.64 -58.20
N VAL C 648 30.86 -7.86 -58.78
CA VAL C 648 31.14 -7.93 -60.22
C VAL C 648 32.13 -9.06 -60.51
N LYS C 649 32.04 -9.61 -61.74
CA LYS C 649 32.98 -10.60 -62.27
C LYS C 649 33.29 -10.25 -63.73
N MET C 650 34.54 -9.88 -64.04
CA MET C 650 34.92 -9.38 -65.37
C MET C 650 35.59 -10.42 -66.28
FE HEC D . -7.52 -10.51 69.46
CHA HEC D . -4.50 -10.10 67.95
CHB HEC D . -9.14 -10.80 66.57
CHC HEC D . -10.54 -10.88 71.21
CHD HEC D . -5.90 -10.18 72.64
NA HEC D . -6.92 -10.49 67.60
C1A HEC D . -5.63 -10.26 67.16
C2A HEC D . -5.66 -10.29 65.71
C3A HEC D . -6.94 -10.45 65.32
C4A HEC D . -7.77 -10.59 66.51
CMA HEC D . -7.43 -10.51 63.86
CAA HEC D . -4.40 -10.05 64.85
CBA HEC D . -3.63 -11.36 64.70
CGA HEC D . -2.24 -11.04 64.19
O1A HEC D . -2.07 -10.59 63.03
O2A HEC D . -1.30 -11.22 65.01
NB HEC D . -9.52 -10.75 69.00
C1B HEC D . -9.94 -10.90 67.70
C2B HEC D . -11.37 -11.16 67.73
C3B HEC D . -11.79 -11.19 69.01
C4B HEC D . -10.61 -10.94 69.84
CMB HEC D . -12.23 -11.37 66.46
CAB HEC D . -13.25 -11.43 69.53
CBB HEC D . -14.13 -12.41 68.70
NC HEC D . -8.09 -10.52 71.52
C1C HEC D . -9.40 -10.68 71.98
C2C HEC D . -9.35 -10.68 73.44
C3C HEC D . -8.09 -10.42 73.82
C4C HEC D . -7.27 -10.36 72.63
CMC HEC D . -10.60 -10.75 74.35
CAC HEC D . -7.51 -10.24 75.25
CBC HEC D . -8.20 -11.03 76.37
ND HEC D . -5.49 -10.26 70.21
C1D HEC D . -5.10 -10.02 71.53
C2D HEC D . -3.72 -9.58 71.56
C3D HEC D . -3.32 -9.49 70.09
C4D HEC D . -4.45 -9.97 69.33
CMD HEC D . -2.82 -9.16 72.75
CAD HEC D . -1.93 -9.11 69.56
CBD HEC D . -1.24 -10.37 69.07
CGD HEC D . 0.21 -10.05 68.88
O1D HEC D . 0.93 -10.94 68.37
O2D HEC D . 0.66 -8.97 69.35
HHA HEC D . -3.64 -10.08 67.48
HHB HEC D . -9.59 -10.88 65.70
HHC HEC D . -11.38 -10.98 71.71
HHD HEC D . -5.46 -10.16 73.52
HMA1 HEC D . -7.99 -11.31 63.74
HMA2 HEC D . -6.66 -10.56 63.26
HMA3 HEC D . -7.96 -9.71 63.66
HAA1 HEC D . -3.84 -9.38 65.28
HAA2 HEC D . -4.67 -9.73 63.97
HBA1 HEC D . -4.08 -11.93 64.07
HBA2 HEC D . -3.57 -11.80 65.56
HMB1 HEC D . -13.04 -10.83 66.53
HMB2 HEC D . -12.48 -12.31 66.39
HMB3 HEC D . -11.73 -11.11 65.68
HAB HEC D . -13.15 -11.84 70.40
HBB1 HEC D . -14.65 -12.96 69.31
HBB2 HEC D . -13.56 -12.97 68.16
HBB3 HEC D . -14.73 -11.88 68.14
HMC1 HEC D . -10.44 -10.23 75.15
HMC2 HEC D . -10.77 -11.68 74.58
HMC3 HEC D . -11.37 -10.40 73.87
HAC HEC D . -6.61 -10.55 75.21
HBC1 HEC D . -7.52 -11.43 76.94
HBC2 HEC D . -8.75 -11.72 75.98
HBC3 HEC D . -8.75 -10.43 76.89
HMD1 HEC D . -2.03 -9.74 72.78
HMD2 HEC D . -3.33 -9.26 73.58
HMD3 HEC D . -2.54 -8.23 72.65
HAD1 HEC D . -1.42 -8.71 70.27
HAD2 HEC D . -2.03 -8.48 68.83
HBD1 HEC D . -1.63 -10.65 68.23
HBD2 HEC D . -1.34 -11.07 69.72
FE HEC E . -10.49 -7.32 61.45
CHA HEC E . -7.19 -7.44 60.44
CHB HEC E . -9.50 -6.88 64.71
CHC HEC E . -13.76 -6.87 62.36
CHD HEC E . -11.53 -7.84 58.15
NA HEC E . -8.66 -7.32 62.42
C1A HEC E . -7.44 -7.13 61.77
C2A HEC E . -6.44 -6.76 62.75
C3A HEC E . -7.09 -6.57 63.93
C4A HEC E . -8.49 -6.91 63.74
CMA HEC E . -6.48 -6.11 65.26
CAA HEC E . -4.93 -6.49 62.48
CBA HEC E . -4.36 -5.12 62.85
CGA HEC E . -4.87 -3.97 62.03
O1A HEC E . -6.11 -3.88 61.84
O2A HEC E . -4.02 -3.17 61.58
NB HEC E . -11.46 -6.95 63.24
C1B HEC E . -10.86 -6.78 64.47
C2B HEC E . -11.92 -6.45 65.42
C3B HEC E . -13.12 -6.55 64.80
C4B HEC E . -12.82 -6.79 63.38
CMB HEC E . -11.68 -6.23 66.94
CAB HEC E . -14.54 -6.21 65.28
CBB HEC E . -14.60 -5.13 66.38
NC HEC E . -12.32 -7.35 60.40
C1C HEC E . -13.54 -7.13 61.02
C2C HEC E . -14.56 -7.27 60.00
C3C HEC E . -13.99 -7.51 58.82
C4C HEC E . -12.54 -7.58 59.05
CMC HEC E . -16.09 -7.09 60.16
CAC HEC E . -14.85 -7.70 57.54
CBC HEC E . -14.16 -7.34 56.20
ND HEC E . -9.50 -7.70 59.59
C1D HEC E . -10.19 -7.66 58.37
C2D HEC E . -9.22 -7.40 57.32
C3D HEC E . -7.86 -7.24 58.00
C4D HEC E . -8.13 -7.46 59.42
CMD HEC E . -9.47 -7.27 55.80
CAD HEC E . -6.58 -6.99 57.18
CBD HEC E . -6.60 -5.72 56.30
CGD HEC E . -7.10 -4.49 57.01
O1D HEC E . -6.68 -4.31 58.17
O2D HEC E . -7.87 -3.68 56.44
HHA HEC E . -6.27 -7.66 60.21
HHB HEC E . -9.21 -6.94 65.64
HHC HEC E . -14.69 -6.74 62.63
HHD HEC E . -11.81 -8.18 57.27
HMA1 HEC E . -6.91 -6.58 66.01
HMA2 HEC E . -6.63 -5.14 65.37
HMA3 HEC E . -5.52 -6.29 65.28
HAA1 HEC E . -4.79 -6.62 61.53
HAA2 HEC E . -4.42 -7.14 62.98
HBA1 HEC E . -3.40 -5.16 62.73
HBA2 HEC E . -4.57 -4.94 63.78
HMB1 HEC E . -12.25 -6.82 67.45
HMB2 HEC E . -11.89 -5.31 67.16
HMB3 HEC E . -10.75 -6.41 67.15
HBB1 HEC E . -15.33 -4.53 66.20
HBB2 HEC E . -13.76 -4.63 66.39
HBB3 HEC E . -14.73 -5.56 67.24
HMC1 HEC E . -16.55 -7.89 59.86
HMC2 HEC E . -16.38 -6.33 59.63
HMC3 HEC E . -16.29 -6.93 61.10
HAC HEC E . -15.60 -7.11 57.62
HBC1 HEC E . -14.04 -8.15 55.69
HBC2 HEC E . -13.31 -6.93 56.39
HBC3 HEC E . -14.74 -6.72 55.72
HMD1 HEC E . -9.43 -6.33 55.55
HMD2 HEC E . -10.35 -7.64 55.59
HMD3 HEC E . -8.78 -7.77 55.31
HAD1 HEC E . -6.44 -7.75 56.60
HAD2 HEC E . -5.83 -6.91 57.80
HBD1 HEC E . -7.17 -5.89 55.54
HBD2 HEC E . -5.69 -5.55 55.99
FE HEC F . -17.54 -6.01 51.73
CHA HEC F . -18.90 -2.88 50.28
CHB HEC F . -14.61 -5.21 50.03
CHC HEC F . -16.11 -8.71 53.03
CHD HEC F . -20.49 -6.60 53.10
NA HEC F . -16.92 -4.36 50.33
C1A HEC F . -17.58 -3.19 49.97
C2A HEC F . -16.64 -2.33 49.25
C3A HEC F . -15.47 -2.98 49.18
C4A HEC F . -15.61 -4.26 49.87
CMA HEC F . -14.18 -2.48 48.51
CAA HEC F . -17.01 -0.93 48.67
CBA HEC F . -16.47 0.17 49.59
CGA HEC F . -16.90 1.55 49.14
O1A HEC F . -16.34 2.55 49.62
O2A HEC F . -17.84 1.62 48.30
NB HEC F . -15.72 -6.83 51.53
C1B HEC F . -14.61 -6.31 50.89
C2B HEC F . -13.45 -7.11 51.30
C3B HEC F . -13.89 -8.10 52.11
C4B HEC F . -15.31 -7.92 52.27
CMB HEC F . -12.03 -6.87 50.78
CAB HEC F . -13.18 -9.27 52.85
CBB HEC F . -11.64 -9.31 52.87
NC HEC F . -18.15 -7.36 52.92
C1C HEC F . -17.44 -8.47 53.28
C2C HEC F . -18.29 -9.33 54.05
C3C HEC F . -19.51 -8.80 54.07
C4C HEC F . -19.46 -7.52 53.33
CMC HEC F . -17.84 -10.68 54.66
CAC HEC F . -20.68 -9.51 54.80
CBC HEC F . -22.09 -8.99 54.46
ND HEC F . -19.39 -4.84 51.70
C1D HEC F . -20.49 -5.43 52.34
C2D HEC F . -21.66 -4.61 52.06
C3D HEC F . -21.18 -3.40 51.27
C4D HEC F . -19.77 -3.67 51.03
CMD HEC F . -23.10 -4.75 52.59
CAD HEC F . -22.04 -2.21 50.74
CBD HEC F . -22.22 -1.94 49.24
CGD HEC F . -22.90 -0.57 49.15
O1D HEC F . -23.52 -0.25 48.11
O2D HEC F . -22.67 0.27 50.07
HHA HEC F . -19.24 -2.04 49.94
HHB HEC F . -13.81 -5.09 49.48
HHC HEC F . -15.72 -9.51 53.42
HHD HEC F . -21.34 -6.81 53.55
HMA1 HEC F . -13.43 -2.57 49.13
HMA2 HEC F . -14.29 -1.53 48.26
HMA3 HEC F . -14.00 -3.01 47.70
HAA1 HEC F . -17.97 -0.85 48.60
HAA2 HEC F . -16.61 -0.84 47.79
HBA1 HEC F . -15.49 0.14 49.59
HBA2 HEC F . -16.80 0.01 50.48
HMB1 HEC F . -11.68 -7.68 50.38
HMB2 HEC F . -11.45 -6.60 51.51
HMB3 HEC F . -12.04 -6.17 50.11
HBB1 HEC F . -11.35 -9.68 53.72
HBB2 HEC F . -11.30 -8.41 52.77
HBB3 HEC F . -11.33 -9.87 52.14
HMC1 HEC F . -18.22 -11.41 54.16
HMC2 HEC F . -18.14 -10.73 55.58
HMC3 HEC F . -16.88 -10.74 54.64
HAC HEC F . -20.55 -9.34 55.75
HBC1 HEC F . -22.71 -9.73 54.48
HBC2 HEC F . -22.07 -8.58 53.58
HBC3 HEC F . -22.35 -8.32 55.12
HMD1 HEC F . -23.72 -4.79 51.83
HMD2 HEC F . -23.33 -3.97 53.14
HMD3 HEC F . -23.18 -5.56 53.12
HAD1 HEC F . -21.64 -1.41 51.10
HAD2 HEC F . -22.93 -2.34 51.09
HBD1 HEC F . -22.79 -2.63 48.85
HBD2 HEC F . -21.36 -1.93 48.80
FE HEC G . -12.05 -5.62 44.40
CHA HEC G . -14.18 -2.88 43.48
CHB HEC G . -14.80 -6.91 46.17
CHC HEC G . -10.37 -8.38 44.97
CHD HEC G . -9.48 -4.14 43.01
NA HEC G . -14.11 -5.00 44.76
C1A HEC G . -14.70 -3.82 44.32
C2A HEC G . -16.08 -3.81 44.79
C3A HEC G . -16.25 -4.89 45.57
C4A HEC G . -15.03 -5.69 45.55
CMA HEC G . -17.57 -5.21 46.31
CAA HEC G . -17.11 -2.68 44.60
CBA HEC G . -18.11 -3.08 43.51
CGA HEC G . -17.35 -3.54 42.28
O1A HEC G . -16.49 -2.79 41.77
O2A HEC G . -17.68 -4.64 41.76
NB HEC G . -12.50 -7.29 45.44
C1B HEC G . -13.68 -7.72 45.99
C2B HEC G . -13.52 -9.14 46.32
C3B HEC G . -12.25 -9.52 46.06
C4B HEC G . -11.64 -8.37 45.43
CMB HEC G . -14.63 -9.96 47.02
CAB HEC G . -11.42 -10.83 46.07
CBB HEC G . -12.06 -12.21 45.88
NC HEC G . -10.28 -6.15 44.08
C1C HEC G . -9.74 -7.37 44.36
C2C HEC G . -8.35 -7.38 44.01
C3C HEC G . -8.11 -6.23 43.36
C4C HEC G . -9.31 -5.42 43.45
CMC HEC G . -7.50 -8.67 44.14
CAC HEC G . -6.80 -5.69 42.77
CBC HEC G . -5.73 -6.77 42.54
ND HEC G . -11.92 -3.78 43.37
C1D HEC G . -10.67 -3.45 42.88
C2D HEC G . -10.78 -2.21 42.15
C3D HEC G . -12.25 -1.75 42.28
C4D HEC G . -12.87 -2.80 43.07
CMD HEC G . -9.61 -1.52 41.44
CAD HEC G . -12.79 -0.46 41.61
CBD HEC G . -14.18 -0.58 40.95
CGD HEC G . -14.14 -0.94 39.49
O1D HEC G . -14.68 -0.18 38.64
O2D HEC G . -13.52 -2.00 39.16
HHA HEC G . -14.79 -2.19 43.13
HHB HEC G . -15.48 -7.22 46.80
HHC HEC G . -9.86 -9.21 45.10
HHD HEC G . -8.67 -3.66 42.74
HMA1 HEC G . -17.83 -6.13 46.13
HMA2 HEC G . -18.29 -4.61 45.99
HMA3 HEC G . -17.44 -5.09 47.27
HAA1 HEC G . -16.66 -1.86 44.35
HAA2 HEC G . -17.59 -2.54 45.44
HBA1 HEC G . -18.66 -2.32 43.29
HBA2 HEC G . -18.67 -3.80 43.84
HMB1 HEC G . -14.25 -10.40 47.80
HMB2 HEC G . -14.96 -10.64 46.40
HMB3 HEC G . -15.35 -9.38 47.28
HAB HEC G . -10.83 -10.74 45.31
HBB1 HEC G . -11.35 -12.88 45.78
HBB2 HEC G . -12.61 -12.19 45.08
HBB3 HEC G . -12.61 -12.42 46.66
HMC1 HEC G . -7.18 -8.92 43.26
HMC2 HEC G . -8.06 -9.38 44.51
HMC3 HEC G . -6.75 -8.50 44.73
HAC HEC G . -7.01 -5.33 41.91
HBC1 HEC G . -4.96 -6.38 42.12
HBC2 HEC G . -6.10 -7.47 41.98
HBC3 HEC G . -5.48 -7.15 43.40
HMD1 HEC G . -9.42 -0.67 41.89
HMD2 HEC G . -9.85 -1.35 40.51
HMD3 HEC G . -8.82 -2.09 41.47
HAD1 HEC G . -12.16 -0.21 40.91
HAD2 HEC G . -12.83 0.24 42.28
HBD1 HEC G . -14.62 0.28 41.05
HBD2 HEC G . -14.67 -1.26 41.43
FE HEC H . -2.79 -8.09 37.85
CHA HEC H . -2.75 -10.72 35.47
CHB HEC H . -4.95 -6.45 35.73
CHC HEC H . -3.04 -5.50 40.03
CHD HEC H . -0.62 -9.68 39.76
NA HEC H . -3.67 -8.53 35.93
C1A HEC H . -3.50 -9.64 35.12
C2A HEC H . -4.22 -9.43 33.87
C3A HEC H . -4.82 -8.24 33.98
C4A HEC H . -4.50 -7.66 35.27
CMA HEC H . -5.72 -7.53 32.95
CAA HEC H . -4.31 -10.44 32.68
CBA HEC H . -2.92 -10.90 32.22
CGA HEC H . -2.96 -11.87 31.07
O1A HEC H . -4.03 -12.06 30.43
O2A HEC H . -1.87 -12.46 30.79
NB HEC H . -3.80 -6.31 37.89
C1B HEC H . -4.69 -5.85 36.94
C2B HEC H . -5.36 -4.68 37.47
C3B HEC H . -4.76 -4.34 38.62
C4B HEC H . -3.82 -5.40 38.92
CMB HEC H . -6.41 -3.88 36.66
CAB HEC H . -5.09 -3.25 39.66
CBB HEC H . -6.44 -2.51 39.55
NC HEC H . -2.02 -7.68 39.56
C1C HEC H . -2.18 -6.54 40.32
C2C HEC H . -1.38 -6.66 41.52
C3C HEC H . -0.63 -7.78 41.40
C4C HEC H . -1.07 -8.46 40.19
CMC HEC H . -1.22 -5.52 42.55
CAC HEC H . 0.44 -8.37 42.37
CBC HEC H . 0.26 -8.00 43.85
ND HEC H . -1.86 -9.91 37.63
C1D HEC H . -0.97 -10.34 38.60
C2D HEC H . -0.44 -11.63 38.20
C3D HEC H . -1.12 -11.95 36.87
C4D HEC H . -1.97 -10.82 36.60
CMD HEC H . 0.57 -12.50 38.95
CAD HEC H . -0.92 -13.20 35.99
CBD HEC H . 0.24 -12.99 35.04
CGD HEC H . 0.23 -14.08 34.00
O1D HEC H . 0.79 -13.88 32.89
O2D HEC H . -0.40 -15.13 34.27
HHA HEC H . -2.77 -11.49 34.87
HHB HEC H . -5.53 -5.95 35.12
HHC HEC H . -3.09 -4.78 40.68
HHD HEC H . 0.03 -10.14 40.34
HMA1 HEC H . -6.62 -7.44 33.32
HMA2 HEC H . -5.75 -8.07 32.12
HMA3 HEC H . -5.35 -6.65 32.75
HAA1 HEC H . -4.75 -10.01 31.94
HAA2 HEC H . -4.82 -11.21 32.96
HBA1 HEC H . -2.48 -11.33 32.97
HBA2 HEC H . -2.41 -10.13 31.95
HMB1 HEC H . -7.27 -3.93 37.13
HMB2 HEC H . -6.50 -4.26 35.78
HMB3 HEC H . -6.12 -2.96 36.59
HAB HEC H . -5.13 -3.71 40.50
HBB1 HEC H . -6.74 -2.25 40.43
HBB2 HEC H . -7.09 -3.10 39.14
HBB3 HEC H . -6.31 -1.72 38.99
HMC1 HEC H . -1.65 -5.78 43.39
HMC2 HEC H . -1.64 -4.72 42.21
HMC3 HEC H . -0.28 -5.35 42.70
HAC HEC H . 0.36 -9.32 42.31
HBC1 HEC H . 0.42 -8.78 44.39
HBC2 HEC H . -0.64 -7.68 43.99
HBC3 HEC H . 0.90 -7.31 44.09
HMD1 HEC H . 0.30 -13.44 38.90
HMD2 HEC H . 0.61 -12.22 39.89
HMD3 HEC H . 1.46 -12.40 38.55
HAD1 HEC H . -1.73 -13.37 35.48
HAD2 HEC H . -0.74 -13.97 36.56
HBD1 HEC H . 1.08 -13.02 35.53
HBD2 HEC H . 0.16 -12.13 34.60
FE HEC I . -4.49 -3.21 29.93
CHA HEC I . -3.96 -6.14 28.15
CHB HEC I . -2.64 -4.49 32.45
CHC HEC I . -4.70 -0.24 31.48
CHD HEC I . -6.65 -2.13 27.57
NA HEC I . -3.51 -5.00 30.24
C1A HEC I . -3.38 -6.06 29.37
C2A HEC I . -2.54 -7.08 29.96
C3A HEC I . -2.19 -6.64 31.16
C4A HEC I . -2.77 -5.31 31.35
CMA HEC I . -1.29 -7.40 32.14
CAA HEC I . -2.18 -8.43 29.30
CBA HEC I . -0.72 -8.83 29.12
CGA HEC I . 0.26 -7.76 28.69
O1A HEC I . -0.13 -6.80 27.97
O2A HEC I . 1.45 -7.86 29.08
NB HEC I . -3.85 -2.51 31.62
C1B HEC I . -3.02 -3.15 32.51
C2B HEC I . -2.63 -2.20 33.51
C3B HEC I . -3.15 -1.01 33.21
C4B HEC I . -3.97 -1.21 32.05
CMB HEC I . -1.69 -2.55 34.68
CAB HEC I . -3.20 0.36 33.92
CBB HEC I . -2.13 0.57 35.01
NC HEC I . -5.45 -1.49 29.60
C1C HEC I . -5.43 -0.37 30.36
C2C HEC I . -6.41 0.57 29.91
C3C HEC I . -6.74 0.15 28.67
C4C HEC I . -6.31 -1.23 28.56
CMC HEC I . -6.30 2.03 30.42
CAC HEC I . -7.74 0.75 27.65
CBC HEC I . -8.21 2.18 27.98
ND HEC I . -5.16 -3.99 28.15
C1D HEC I . -6.14 -3.39 27.37
C2D HEC I . -6.49 -4.29 26.29
C3D HEC I . -5.64 -5.52 26.50
C4D HEC I . -4.85 -5.25 27.65
CMD HEC I . -7.50 -4.10 25.14
CAD HEC I . -5.62 -6.75 25.58
CBD HEC I . -4.58 -6.17 24.61
CGD HEC I . -4.07 -7.13 23.56
O1D HEC I . -4.67 -8.22 23.36
O2D HEC I . -3.06 -6.76 22.88
HHA HEC I . -3.70 -6.90 27.59
HHB HEC I . -2.24 -4.87 33.26
HHC HEC I . -4.71 0.64 31.93
HHD HEC I . -7.36 -1.83 26.95
HMA1 HEC I . -0.39 -7.00 32.15
HMA2 HEC I . -1.23 -8.34 31.86
HMA3 HEC I . -1.67 -7.35 33.04
HAA1 HEC I . -2.59 -8.44 28.42
HAA2 HEC I . -2.60 -9.12 29.85
HBA1 HEC I . -0.68 -9.53 28.44
HBA2 HEC I . -0.40 -9.18 29.97
HMB1 HEC I . -0.87 -2.04 34.60
HMB2 HEC I . -1.48 -3.50 34.65
HMB3 HEC I . -2.13 -2.34 35.52
HAB HEC I . -3.04 1.03 33.25
HBB1 HEC I . -2.04 1.52 35.17
HBB2 HEC I . -1.29 0.21 34.69
HBB3 HEC I . -2.41 0.11 35.81
HMC1 HEC I . -6.22 2.64 29.67
HMC2 HEC I . -5.53 2.12 31.00
HMC3 HEC I . -7.10 2.26 30.93
HAC HEC I . -7.28 0.81 26.81
HBC1 HEC I . -7.64 2.84 27.56
HBC2 HEC I . -8.23 2.32 28.94
HMD1 HEC I . -7.03 -4.16 24.28
HMD2 HEC I . -7.92 -3.23 25.22
HMD3 HEC I . -8.18 -4.81 25.18
HAD1 HEC I . -6.48 -6.91 25.15
HAD2 HEC I . -5.32 -7.54 26.02
HBD1 HEC I . -3.82 -5.88 25.12
HBD2 HEC I . -4.98 -5.42 24.15
FE HEC J . -9.09 5.70 23.98
CHA HEC J . -7.46 8.75 23.18
CHB HEC J . -7.58 4.25 21.54
CHC HEC J . -10.59 2.80 25.02
CHD HEC J . -10.84 7.34 26.41
NA HEC J . -7.77 6.42 22.66
C1A HEC J . -7.21 7.66 22.42
C2A HEC J . -6.38 7.62 21.24
C3A HEC J . -6.44 6.36 20.81
C4A HEC J . -7.30 5.59 21.68
CMA HEC J . -5.71 5.77 19.58
CAA HEC J . -5.59 8.80 20.62
CBA HEC J . -4.17 8.97 21.18
CGA HEC J . -3.65 10.32 20.73
O1A HEC J . -4.48 11.16 20.27
O2A HEC J . -2.41 10.55 20.81
NB HEC J . -9.07 3.89 23.44
C1B HEC J . -8.40 3.47 22.32
C2B HEC J . -8.61 2.05 22.19
C3B HEC J . -9.53 1.67 23.08
C4B HEC J . -9.77 2.81 23.92
CMB HEC J . -8.03 1.20 21.04
CAB HEC J . -10.08 0.29 23.50
CBB HEC J . -9.27 -0.93 23.03
NC HEC J . -10.47 5.17 25.41
C1C HEC J . -10.92 3.92 25.73
C2C HEC J . -11.89 4.00 26.81
C3C HEC J . -11.84 5.24 27.28
C4C HEC J . -11.03 6.00 26.35
CMC HEC J . -12.45 2.76 27.52
CAC HEC J . -12.61 5.93 28.43
CBC HEC J . -12.93 5.03 29.63
ND HEC J . -9.16 7.68 24.63
C1D HEC J . -9.94 8.07 25.71
C2D HEC J . -9.69 9.45 26.03
C3D HEC J . -8.68 9.89 24.97
C4D HEC J . -8.37 8.74 24.20
CMD HEC J . -10.38 10.28 27.11
CAD HEC J . -7.96 11.19 24.73
CBD HEC J . -8.55 11.94 23.56
CGD HEC J . -10.02 12.21 23.69
O1D HEC J . -10.26 12.94 24.69
O2D HEC J . -10.91 11.60 23.02
HHA HEC J . -6.98 9.58 22.99
HHB HEC J . -7.15 3.79 20.78
HHC HEC J . -10.95 1.95 25.31
HHD HEC J . -11.42 7.84 27.04
HMA1 HEC J . -5.05 5.11 19.88
HMA2 HEC J . -5.26 6.49 19.10
HMA3 HEC J . -6.36 5.34 18.99
HAA1 HEC J . -6.08 9.61 20.78
HAA2 HEC J . -5.52 8.65 19.67
HBA1 HEC J . -3.60 8.26 20.86
HBA2 HEC J . -4.20 8.94 22.15
HMB1 HEC J . -8.75 0.76 20.57
HMB2 HEC J . -7.43 0.54 21.40
HMB3 HEC J . -7.55 1.78 20.43
HAB HEC J . -10.07 0.28 24.47
HBB1 HEC J . -9.32 -1.59 23.74
HBB2 HEC J . -8.35 -0.66 22.94
HMC1 HEC J . -12.12 2.74 28.44
HMC2 HEC J . -12.14 1.96 27.06
HMC3 HEC J . -13.42 2.79 27.51
HAC HEC J . -12.06 6.63 28.75
HBC1 HEC J . -13.72 4.51 29.44
HBC2 HEC J . -13.09 5.59 30.40
HBC3 HEC J . -12.17 4.45 29.79
HMD1 HEC J . -9.70 10.67 27.70
HMD2 HEC J . -10.98 9.70 27.64
HMD3 HEC J . -10.91 11.00 26.70
HAD1 HEC J . -7.03 10.99 24.54
HAD2 HEC J . -8.02 11.74 25.51
HBD1 HEC J . -8.40 11.42 22.75
HBD2 HEC J . -8.08 12.79 23.47
FE HEC K . -7.34 4.01 15.11
CHA HEC K . -6.04 7.26 15.32
CHB HEC K . -9.33 4.85 17.80
CHC HEC K . -8.60 1.00 15.02
CHD HEC K . -5.33 3.37 12.55
NA HEC K . -7.59 5.67 16.38
C1A HEC K . -7.00 6.90 16.23
C2A HEC K . -7.61 7.83 17.13
C3A HEC K . -8.50 7.20 17.88
C4A HEC K . -8.51 5.84 17.39
CMA HEC K . -9.36 7.81 19.01
CAA HEC K . -7.11 9.26 17.18
CBA HEC K . -7.73 10.00 15.99
CGA HEC K . -9.05 9.45 15.51
O1A HEC K . -9.31 9.44 14.27
O2A HEC K . -9.99 9.46 16.34
NB HEC K . -8.70 3.15 16.17
C1B HEC K . -9.46 3.64 17.19
C2B HEC K . -10.47 2.67 17.52
C3B HEC K . -10.34 1.63 16.70
C4B HEC K . -9.14 1.88 15.93
CMB HEC K . -11.53 3.00 18.58
CAB HEC K . -11.04 0.25 16.67
CBB HEC K . -12.28 0.24 17.56
NC HEC K . -7.08 2.52 13.93
C1C HEC K . -7.59 1.26 14.14
C2C HEC K . -7.07 0.34 13.15
C3C HEC K . -6.08 0.99 12.54
C4C HEC K . -6.12 2.36 13.00
CMC HEC K . -7.41 -1.16 13.17
CAC HEC K . -5.10 0.57 11.43
CBC HEC K . -5.55 -0.35 10.29
ND HEC K . -5.92 5.13 14.15
C1D HEC K . -5.23 4.62 13.06
C2D HEC K . -4.38 5.64 12.51
C3D HEC K . -4.55 6.88 13.38
C4D HEC K . -5.55 6.47 14.34
CMD HEC K . -3.43 5.44 11.32
CAD HEC K . -3.86 8.24 13.16
CBD HEC K . -4.82 9.38 12.87
CGD HEC K . -4.04 10.67 12.65
O1D HEC K . -2.78 10.62 12.53
O2D HEC K . -4.69 11.74 12.49
HHA HEC K . -5.68 8.18 15.39
HHB HEC K . -9.85 5.00 18.62
HHC HEC K . -8.99 0.10 15.00
HHD HEC K . -4.77 3.17 11.77
HMA1 HEC K . -10.30 7.85 18.72
HMA2 HEC K . -9.04 8.71 19.22
HMA3 HEC K . -9.29 7.24 19.81
HAA1 HEC K . -6.13 9.27 17.11
HAA2 HEC K . -7.37 9.68 18.01
HBA1 HEC K . -7.10 9.96 15.25
HBA2 HEC K . -7.87 10.92 16.25
HMB1 HEC K . -11.30 2.54 19.40
HMB2 HEC K . -12.39 2.71 18.27
HMB3 HEC K . -11.54 3.96 18.74
HAB HEC K . -11.31 0.09 15.77
HBB1 HEC K . -12.97 0.81 17.21
HBB2 HEC K . -12.01 0.56 18.44
HMC1 HEC K . -6.61 -1.66 13.39
HMC2 HEC K . -7.72 -1.43 12.30
HMC3 HEC K . -8.09 -1.32 13.84
HAC HEC K . -4.85 1.38 10.99
HBC1 HEC K . -5.47 0.13 9.45
HBC2 HEC K . -6.48 -0.59 10.43
HBC3 HEC K . -5.00 -1.14 10.28
HMD1 HEC K . -2.52 5.67 11.59
HMD2 HEC K . -3.70 6.03 10.58
HMD3 HEC K . -3.46 4.51 11.03
HAD1 HEC K . -3.25 8.15 12.40
HAD2 HEC K . -3.35 8.45 13.96
HBD1 HEC K . -5.42 9.49 13.63
HBD2 HEC K . -5.34 9.17 12.08
FE HEC L . -6.27 -1.04 4.47
CHA HEC L . -8.75 -1.79 2.49
CHB HEC L . -5.95 2.09 3.24
CHC HEC L . -3.69 -0.35 6.72
CHD HEC L . -6.24 -4.30 5.88
NA HEC L . -7.21 0.01 3.12
C1A HEC L . -8.17 -0.55 2.30
C2A HEC L . -8.57 0.45 1.34
C3A HEC L . -7.78 1.52 1.50
C4A HEC L . -6.90 1.26 2.64
CMA HEC L . -7.81 2.80 0.65
CAA HEC L . -9.62 0.19 0.22
CBA HEC L . -8.91 -0.13 -1.10
CGA HEC L . -9.72 -0.97 -2.06
O1A HEC L . -9.10 -1.53 -3.01
O2A HEC L . -10.94 -1.13 -1.87
NB HEC L . -5.04 0.53 4.92
C1B HEC L . -5.11 1.76 4.29
C2B HEC L . -4.19 2.64 5.01
C3B HEC L . -3.51 1.96 5.91
C4B HEC L . -4.09 0.64 5.90
CMB HEC L . -3.88 4.09 4.62
CAB HEC L . -2.44 2.41 6.94
CBB HEC L . -2.53 3.88 7.41
NC HEC L . -5.20 -2.13 5.97
C1C HEC L . -4.18 -1.62 6.74
C2C HEC L . -3.56 -2.65 7.51
C3C HEC L . -4.29 -3.73 7.43
C4C HEC L . -5.31 -3.45 6.39
CMC HEC L . -2.53 -2.45 8.61
CAC HEC L . -3.90 -4.95 8.28
CBC HEC L . -4.56 -6.28 7.84
ND HEC L . -7.30 -2.74 4.27
C1D HEC L . -7.15 -3.96 4.92
C2D HEC L . -8.11 -4.90 4.40
C3D HEC L . -8.88 -4.13 3.35
C4D HEC L . -8.33 -2.80 3.33
CMD HEC L . -8.30 -6.37 4.82
CAD HEC L . -10.02 -4.61 2.46
CBD HEC L . -9.39 -4.90 1.10
CGD HEC L . -8.44 -6.07 1.19
O1D HEC L . -7.22 -5.90 0.88
O2D HEC L . -9.00 -7.18 1.49
HHA HEC L . -9.56 -1.97 1.97
HHB HEC L . -5.87 2.99 2.86
HHC HEC L . -2.98 -0.15 7.36
HHD HEC L . -6.27 -5.21 6.24
HMA1 HEC L . -6.92 2.97 0.28
HMA2 HEC L . -8.07 3.56 1.21
HMA3 HEC L . -8.44 2.70 -0.08
HAA1 HEC L . -10.17 0.97 0.10
HAA2 HEC L . -10.17 -0.57 0.47
HBA1 HEC L . -8.09 -0.62 -0.89
HBA2 HEC L . -8.70 0.70 -1.53
HMB1 HEC L . -4.09 4.68 5.36
HMB2 HEC L . -4.42 4.34 3.85
HMB3 HEC L . -2.95 4.18 4.40
HAB HEC L . -2.57 1.87 7.72
HBB1 HEC L . -2.23 3.92 8.33
HBB2 HEC L . -3.45 4.18 7.34
HBB3 HEC L . -1.95 4.42 6.85
HMC1 HEC L . -2.91 -2.75 9.47
HMC2 HEC L . -2.29 -1.51 8.67
HMC3 HEC L . -1.74 -2.98 8.42
HAC HEC L . -4.20 -4.77 9.17
HBC1 HEC L . -3.93 -7.00 7.98
HBC2 HEC L . -4.81 -6.22 6.91
HBC3 HEC L . -5.35 -6.42 8.39
HMD1 HEC L . -9.24 -6.53 5.01
HMD2 HEC L . -7.77 -6.54 5.63
HMD3 HEC L . -7.99 -6.95 4.09
HAD1 HEC L . -10.69 -3.92 2.37
HAD2 HEC L . -10.42 -5.41 2.83
HBD1 HEC L . -8.90 -4.12 0.79
HBD2 HEC L . -10.10 -5.12 0.46
FE HEC M . -3.41 5.97 -2.45
CHA HEC M . -5.60 4.71 -4.67
CHB HEC M . -3.26 3.03 -0.92
CHC HEC M . -1.01 7.29 -0.51
CHD HEC M . -3.79 9.22 -3.99
NA HEC M . -4.29 4.24 -2.70
C1A HEC M . -5.15 3.87 -3.71
C2A HEC M . -5.50 2.46 -3.55
C3A HEC M . -4.87 1.99 -2.52
C4A HEC M . -4.09 3.09 -1.98
CMA HEC M . -4.94 0.57 -1.98
CAA HEC M . -6.46 1.78 -4.50
CBA HEC M . -5.72 1.56 -5.81
CGA HEC M . -4.63 0.58 -5.60
O1A HEC M . -5.03 -0.53 -5.13
O2A HEC M . -3.43 0.83 -5.87
NB HEC M . -2.36 5.30 -0.99
C1B HEC M . -2.38 4.00 -0.55
C2B HEC M . -1.29 3.80 0.36
C3B HEC M . -0.68 4.98 0.54
C4B HEC M . -1.33 5.95 -0.34
CMB HEC M . -1.09 2.42 1.04
CAB HEC M . 0.58 5.34 1.36
CBB HEC M . 1.40 4.10 1.68
NC HEC M . -2.57 7.89 -2.33
C1C HEC M . -1.61 8.17 -1.38
C2C HEC M . -1.36 9.60 -1.41
C3C HEC M . -2.04 10.13 -2.42
C4C HEC M . -2.87 9.07 -2.98
CMC HEC M . -0.25 10.27 -0.62
CAC HEC M . -2.09 11.60 -2.93
CBC HEC M . -0.79 12.43 -2.85
ND HEC M . -4.50 6.86 -4.05
C1D HEC M . -4.49 8.17 -4.56
C2D HEC M . -5.32 8.25 -5.75
C3D HEC M . -5.82 6.82 -5.92
C4D HEC M . -5.31 6.04 -4.83
CMD HEC M . -5.60 9.45 -6.68
CAD HEC M . -6.73 6.31 -7.03
CBD HEC M . -7.96 7.18 -7.10
CGD HEC M . -8.84 6.51 -8.10
O1D HEC M . -8.34 5.52 -8.75
O2D HEC M . -9.98 7.02 -8.27
HHA HEC M . -6.22 4.32 -5.33
HHB HEC M . -3.31 2.22 -0.36
HHC HEC M . -0.29 7.63 0.06
HHD HEC M . -3.96 10.13 -4.34
HMA1 HEC M . -5.42 0.56 -1.13
HMA2 HEC M . -4.03 0.23 -1.85
HMA3 HEC M . -5.41 0.01 -2.63
HAA1 HEC M . -7.25 2.33 -4.64
HAA2 HEC M . -6.75 0.92 -4.13
HBA1 HEC M . -5.35 2.40 -6.11
HBA2 HEC M . -6.35 1.21 -6.47
HMB1 HEC M . -1.15 2.53 2.00
HMB2 HEC M . -0.22 2.06 0.81
HMB3 HEC M . -1.79 1.81 0.74
HAB HEC M . 1.11 5.94 0.83
HBB1 HEC M . 0.86 3.49 2.20
HBB2 HEC M . 2.19 4.36 2.17
HBB3 HEC M . 1.66 3.67 0.85
HMC1 HEC M . 0.43 10.60 -1.22
HMC2 HEC M . 0.16 9.62 -0.01
HMC3 HEC M . -0.61 11.00 -0.10
HAC HEC M . -2.30 11.54 -3.86
HBC1 HEC M . -0.51 12.48 -1.93
HBC2 HEC M . -0.98 13.33 -3.19
HBC3 HEC M . -0.11 12.00 -3.39
HMD1 HEC M . -5.44 9.18 -7.61
HMD2 HEC M . -5.00 10.18 -6.44
HMD3 HEC M . -6.53 9.74 -6.57
HAD1 HEC M . -6.99 5.39 -6.84
HAD2 HEC M . -6.27 6.34 -7.88
HBD1 HEC M . -7.73 8.07 -7.38
HBD2 HEC M . -8.40 7.21 -6.23
CA CA N . -26.85 14.46 13.88
CA CA O . -23.89 -11.25 6.64
FE HEC P . 15.09 3.73 -34.23
CHA HEC P . 15.75 6.69 -35.99
CHB HEC P . 17.48 4.51 -32.09
CHC HEC P . 14.09 1.01 -32.42
CHD HEC P . 12.85 2.77 -36.63
NA HEC P . 16.45 5.37 -34.11
C1A HEC P . 16.54 6.53 -34.86
C2A HEC P . 17.53 7.45 -34.32
C3A HEC P . 17.96 6.82 -33.18
C4A HEC P . 17.30 5.51 -33.05
CMA HEC P . 19.02 7.27 -32.14
CAA HEC P . 17.78 8.88 -34.96
CBA HEC P . 19.12 9.54 -35.38
CGA HEC P . 19.66 9.24 -36.76
O1A HEC P . 20.84 9.58 -37.05
O2A HEC P . 18.90 8.70 -37.62
NB HEC P . 15.67 2.89 -32.64
C1B HEC P . 16.67 3.39 -31.85
C2B HEC P . 16.71 2.54 -30.67
C3B HEC P . 15.86 1.53 -30.79
C4B HEC P . 15.13 1.79 -32.00
CMB HEC P . 17.73 2.70 -29.54
CAB HEC P . 15.38 0.39 -29.86
CBB HEC P . 15.48 0.58 -28.33
NC HEC P . 13.74 2.22 -34.48
C1C HEC P . 13.45 1.20 -33.60
C2C HEC P . 12.38 0.38 -34.10
C3C HEC P . 12.02 0.87 -35.29
C4C HEC P . 12.89 2.00 -35.52
CMC HEC P . 11.83 -0.78 -33.28
CAC HEC P . 10.94 0.50 -36.32
CBC HEC P . 9.72 -0.30 -35.82
ND HEC P . 14.44 4.55 -35.91
C1D HEC P . 13.53 3.93 -36.77
C2D HEC P . 13.37 4.69 -37.97
C3D HEC P . 14.16 5.94 -37.74
C4D HEC P . 14.86 5.76 -36.49
CMD HEC P . 12.44 4.36 -39.14
CAD HEC P . 14.38 7.05 -38.75
CBD HEC P . 15.82 7.08 -39.26
CGD HEC P . 15.85 8.13 -40.31
O1D HEC P . 16.21 9.29 -39.96
O2D HEC P . 15.51 7.81 -41.48
HHA HEC P . 15.85 7.53 -36.47
HHB HEC P . 18.26 4.61 -31.52
HHC HEC P . 13.80 0.27 -31.85
HHD HEC P . 12.30 2.47 -37.38
HMA1 HEC P . 18.68 7.10 -31.24
HMA2 HEC P . 19.19 8.23 -32.24
HMA3 HEC P . 19.85 6.78 -32.28
HAA1 HEC P . 17.40 9.50 -34.31
HAA2 HEC P . 17.25 8.89 -35.76
HBA1 HEC P . 19.80 9.26 -34.74
HBA2 HEC P . 19.00 10.50 -35.31
HMB1 HEC P . 17.27 2.91 -28.70
HMB2 HEC P . 18.34 3.43 -29.76
HMB3 HEC P . 18.23 1.87 -29.43
HAB HEC P . 14.45 0.29 -30.03
HBB1 HEC P . 14.62 0.35 -27.93
HBB2 HEC P . 15.70 1.51 -28.14
HBB3 HEC P . 16.18 0.00 -27.98
HMC1 HEC P . 10.86 -0.83 -33.40
HMC2 HEC P . 12.03 -0.64 -32.35
HMC3 HEC P . 12.24 -1.61 -33.58
HAC HEC P . 10.58 1.34 -36.63
HBC1 HEC P . 10.03 -1.11 -35.41
HBC2 HEC P . 9.15 -0.51 -36.58
HBC3 HEC P . 9.23 0.24 -35.19
HMD1 HEC P . 12.89 4.56 -39.99
HMD2 HEC P . 11.63 4.91 -39.07
HMD3 HEC P . 12.19 3.42 -39.11
HAD1 HEC P . 14.18 7.90 -38.34
HAD2 HEC P . 13.79 6.91 -39.50
HBD1 HEC P . 16.06 6.21 -39.63
HBD2 HEC P . 16.43 7.30 -38.53
FE HEC Q . 25.05 8.94 -28.09
CHA HEC Q . 24.62 12.32 -29.02
CHB HEC Q . 22.34 8.13 -29.94
CHC HEC Q . 25.70 5.73 -27.52
CHD HEC Q . 27.51 9.93 -25.90
NA HEC Q . 23.78 10.05 -29.26
C1A HEC Q . 23.75 11.41 -29.52
C2A HEC Q . 22.55 11.73 -30.29
C3A HEC Q . 21.97 10.55 -30.55
C4A HEC Q . 22.69 9.48 -29.90
CMA HEC Q . 20.69 10.37 -31.39
CAA HEC Q . 22.10 13.10 -30.87
CBA HEC Q . 21.99 14.13 -29.74
CGA HEC Q . 21.47 15.50 -30.04
O1A HEC Q . 22.09 16.47 -29.51
O2A HEC Q . 20.32 15.64 -30.53
NB HEC Q . 24.16 7.23 -28.61
C1B HEC Q . 23.09 7.08 -29.45
C2B HEC Q . 22.97 5.66 -29.76
C3B HEC Q . 23.84 4.99 -28.98
C4B HEC Q . 24.65 5.98 -28.33
CMB HEC Q . 21.84 5.09 -30.62
CAB HEC Q . 24.30 3.52 -28.93
CBB HEC Q . 23.60 2.55 -29.91
NC HEC Q . 26.32 8.05 -26.94
C1C HEC Q . 26.45 6.67 -26.88
C2C HEC Q . 27.37 6.33 -25.83
C3C HEC Q . 28.06 7.46 -25.56
C4C HEC Q . 27.29 8.58 -26.12
CMC HEC Q . 27.87 4.87 -25.77
CAC HEC Q . 29.19 7.72 -24.54
CBC HEC Q . 29.87 6.45 -23.99
ND HEC Q . 25.95 10.86 -27.56
C1D HEC Q . 26.89 10.99 -26.55
C2D HEC Q . 27.05 12.42 -26.28
C3D HEC Q . 26.17 13.15 -27.25
C4D HEC Q . 25.52 12.10 -28.02
CMD HEC Q . 27.92 13.19 -25.28
CAD HEC Q . 26.06 14.70 -27.30
CBD HEC Q . 24.76 15.29 -26.76
CGD HEC Q . 25.02 16.28 -25.66
O1D HEC Q . 24.59 17.47 -25.77
O2D HEC Q . 25.75 15.92 -24.71
HHA HEC Q . 24.62 13.22 -29.43
HHB HEC Q . 21.48 7.91 -30.36
HHC HEC Q . 25.95 4.80 -27.40
HHD HEC Q . 28.16 10.16 -25.20
HMA1 HEC Q . 20.82 9.63 -32.02
HMA2 HEC Q . 20.49 11.19 -31.88
HMA3 HEC Q . 19.94 10.15 -30.80
HAA1 HEC Q . 21.24 13.00 -31.29
HAA2 HEC Q . 22.75 13.41 -31.51
HBA1 HEC Q . 22.88 14.23 -29.36
HBA2 HEC Q . 21.40 13.74 -29.07
HMB1 HEC Q . 22.20 4.76 -31.46
HMB2 HEC Q . 21.19 5.78 -30.81
HMB3 HEC Q . 21.40 4.36 -30.14
HAB HEC Q . 25.22 3.53 -29.18
HBB1 HEC Q . 24.18 1.81 -30.09
HBB2 HEC Q . 23.39 3.03 -30.73
HBB3 HEC Q . 22.77 2.23 -29.49
HMC1 HEC Q . 28.83 4.85 -25.79
HMC2 HEC Q . 27.52 4.38 -26.54
HMC3 HEC Q . 27.54 4.45 -24.96
HAC HEC Q . 29.88 8.21 -25.01
HBC1 HEC Q . 30.60 6.21 -24.57
HBC2 HEC Q . 29.22 5.73 -23.97
HBC3 HEC Q . 30.19 6.64 -23.10
HMD1 HEC Q . 27.35 13.75 -24.71
HMD2 HEC Q . 28.54 13.76 -25.78
HMD3 HEC Q . 28.43 12.57 -24.72
HAD1 HEC Q . 26.16 14.97 -28.23
HAD2 HEC Q . 26.80 15.06 -26.78
HBD1 HEC Q . 24.21 14.57 -26.41
HBD2 HEC Q . 24.30 15.73 -27.49
FE HEC R . 9.97 3.65 -23.97
CHA HEC R . 12.28 4.00 -21.34
CHB HEC R . 7.48 4.30 -21.73
CHC HEC R . 7.75 3.27 -26.41
CHD HEC R . 12.48 3.01 -26.09
NA HEC R . 9.93 4.06 -21.98
C1A HEC R . 10.96 4.14 -21.07
C2A HEC R . 10.44 4.48 -19.76
C3A HEC R . 9.12 4.55 -19.89
C4A HEC R . 8.77 4.30 -21.26
CMA HEC R . 8.10 4.84 -18.78
CAA HEC R . 11.27 4.66 -18.47
CBA HEC R . 11.35 3.46 -17.54
CGA HEC R . 12.32 3.79 -16.41
O1A HEC R . 12.50 2.97 -15.47
O2A HEC R . 12.88 4.92 -16.44
NB HEC R . 8.03 3.82 -24.03
C1B HEC R . 7.13 3.99 -23.01
C2B HEC R . 5.80 3.86 -23.53
C3B HEC R . 5.88 3.46 -24.79
C4B HEC R . 7.28 3.53 -25.14
CMB HEC R . 4.52 3.91 -22.66
CAB HEC R . 4.85 3.24 -25.92
CBB HEC R . 3.67 4.19 -25.82
NC HEC R . 10.08 3.24 -25.87
C1C HEC R . 9.06 3.15 -26.75
C2C HEC R . 9.57 3.14 -28.11
C3C HEC R . 10.85 2.82 -27.99
C4C HEC R . 11.22 3.03 -26.60
CMC HEC R . 8.66 2.74 -29.27
CAC HEC R . 11.85 2.55 -29.13
CBC HEC R . 11.52 3.44 -30.34
ND HEC R . 11.99 3.51 -23.71
C1D HEC R . 12.83 3.26 -24.79
C2D HEC R . 14.20 3.27 -24.38
C3D HEC R . 14.21 3.58 -22.88
C4D HEC R . 12.78 3.70 -22.58
CMD HEC R . 15.36 3.03 -25.35
CAD HEC R . 15.40 3.77 -21.89
CBD HEC R . 16.01 2.47 -21.38
CGD HEC R . 17.20 2.69 -20.44
O1D HEC R . 17.90 1.67 -20.17
O2D HEC R . 17.45 3.87 -20.00
HHA HEC R . 12.91 4.10 -20.60
HHB HEC R . 6.77 4.54 -21.10
HHC HEC R . 7.09 3.18 -27.12
HHD HEC R . 13.21 2.82 -26.72
HMA1 HEC R . 7.60 5.65 -19.01
HMA2 HEC R . 8.57 4.98 -17.93
HMA3 HEC R . 7.49 4.08 -18.70
HAA1 HEC R . 10.88 5.39 -17.97
HAA2 HEC R . 12.17 4.89 -18.73
HBA1 HEC R . 11.66 2.68 -18.03
HBA2 HEC R . 10.47 3.28 -17.17
HMB1 HEC R . 3.92 4.58 -23.01
HMB2 HEC R . 4.76 4.13 -21.75
HMB3 HEC R . 4.09 3.04 -22.69
HAB HEC R . 5.30 3.42 -26.75
HBB1 HEC R . 3.51 4.59 -26.69
HBB2 HEC R . 3.86 4.88 -25.17
HBB3 HEC R . 2.88 3.68 -25.55
HMC1 HEC R . 8.55 3.49 -29.88
HMC2 HEC R . 7.78 2.48 -28.93
HMC3 HEC R . 9.05 1.99 -29.74
HAC HEC R . 12.74 2.76 -28.82
HBC1 HEC R . 10.74 3.07 -30.79
HBC2 HEC R . 12.29 3.43 -30.95
HBC3 HEC R . 11.35 4.33 -30.03
HMD1 HEC R . 16.13 2.66 -24.86
HMD2 HEC R . 15.63 3.87 -25.76
HMD3 HEC R . 15.08 2.40 -26.04
HAD1 HEC R . 15.07 4.28 -21.13
HAD2 HEC R . 16.08 4.28 -22.35
HBD1 HEC R . 16.31 1.95 -22.13
HBD2 HEC R . 15.33 1.98 -20.89
FE HEC S . 1.13 8.53 -23.75
CHA HEC S . -1.97 8.80 -25.18
CHB HEC S . -0.34 8.99 -20.77
CHC HEC S . 4.08 8.10 -22.32
CHD HEC S . 2.58 8.16 -26.82
NA HEC S . -0.75 8.83 -23.12
C1A HEC S . -1.89 8.97 -23.85
C2A HEC S . -3.02 9.26 -23.01
C3A HEC S . -2.56 9.32 -21.77
C4A HEC S . -1.15 9.04 -21.84
CMA HEC S . -3.23 9.58 -20.43
CAA HEC S . -4.43 9.47 -23.58
CBA HEC S . -4.99 10.83 -23.27
CGA HEC S . -5.49 11.38 -24.57
O1A HEC S . -6.70 11.18 -24.89
O2A HEC S . -4.65 12.04 -25.26
NB HEC S . 1.71 8.59 -21.98
C1B HEC S . 0.98 8.72 -20.83
C2B HEC S . 1.83 8.59 -19.68
C3B HEC S . 3.05 8.32 -20.12
C4B HEC S . 3.00 8.33 -21.55
CMB HEC S . 1.27 8.68 -18.25
CAB HEC S . 4.37 8.10 -19.37
CBB HEC S . 4.39 6.84 -18.51
NC HEC S . 2.95 8.22 -24.46
C1C HEC S . 4.05 8.04 -23.67
C2C HEC S . 5.24 8.13 -24.49
C3C HEC S . 4.84 7.80 -25.69
C4C HEC S . 3.41 8.06 -25.74
CMC HEC S . 6.58 7.58 -23.95
CAC HEC S . 5.87 7.54 -26.82
CBC HEC S . 5.37 7.88 -28.23
ND HEC S . 0.42 8.47 -25.62
C1D HEC S . 1.21 8.31 -26.76
C2D HEC S . 0.37 8.34 -27.93
C3D HEC S . -1.03 8.52 -27.42
C4D HEC S . -0.90 8.59 -26.00
CMD HEC S . 0.75 8.20 -29.39
CAD HEC S . -2.30 8.61 -28.26
CBD HEC S . -2.90 7.22 -28.07
CGD HEC S . -4.27 7.13 -28.66
O1D HEC S . -5.17 7.90 -28.21
O2D HEC S . -4.45 6.28 -29.57
HHA HEC S . -2.86 8.82 -25.59
HHB HEC S . -0.74 9.15 -19.88
HHC HEC S . 4.94 7.97 -21.88
HHD HEC S . 2.99 8.11 -27.71
HMA1 HEC S . -3.06 8.84 -19.82
HMA2 HEC S . -4.20 9.68 -20.56
HMA3 HEC S . -2.88 10.41 -20.04
HAA1 HEC S . -5.01 8.79 -23.20
HAA2 HEC S . -4.39 9.35 -24.54
HBA1 HEC S . -4.31 11.41 -22.91
HBA2 HEC S . -5.73 10.76 -22.64
HMB1 HEC S . 1.42 9.57 -17.89
HMB2 HEC S . 1.72 8.03 -17.68
HMB3 HEC S . 0.32 8.49 -18.26
HAB HEC S . 5.07 8.00 -20.04
HBB1 HEC S . 5.19 6.33 -18.71
HBB2 HEC S . 3.60 6.31 -18.72
HBB3 HEC S . 4.38 7.09 -17.58
HMC1 HEC S . 6.84 6.81 -24.47
HMC2 HEC S . 6.47 7.32 -23.02
HMC3 HEC S . 7.25 8.26 -24.01
HAC HEC S . 6.07 6.61 -26.81
HBC1 HEC S . 6.13 8.04 -28.81
HBC2 HEC S . 4.81 8.67 -28.20
HBC3 HEC S . 4.85 7.13 -28.57
HMD1 HEC S . 0.29 7.42 -29.78
HMD2 HEC S . 1.72 8.07 -29.46
HMD3 HEC S . 0.50 9.01 -29.88
HAD1 HEC S . -2.10 8.79 -29.20
HAD2 HEC S . -2.90 9.29 -27.92
HBD1 HEC S . -2.94 7.02 -27.12
HBD2 HEC S . -2.32 6.57 -28.51
FE HEC T . -1.24 12.76 -15.65
CHA HEC T . -3.04 13.04 -18.63
CHB HEC T . 1.47 12.37 -17.37
CHC HEC T . 0.48 13.05 -12.72
CHD HEC T . -4.06 12.61 -13.88
NA HEC T . -0.91 12.70 -17.64
C1A HEC T . -1.72 12.87 -18.74
C2A HEC T . -0.96 12.82 -19.97
C3A HEC T . 0.30 12.60 -19.59
C4A HEC T . 0.36 12.56 -18.14
CMA HEC T . 1.54 12.47 -20.48
CAA HEC T . -1.57 12.94 -21.40
CBA HEC T . -1.31 14.21 -22.25
CGA HEC T . -2.52 14.51 -23.11
O1A HEC T . -3.57 14.88 -22.53
O2A HEC T . -2.44 14.40 -24.38
NB HEC T . 0.56 12.73 -15.13
C1B HEC T . 1.58 12.58 -16.03
C2B HEC T . 2.82 12.78 -15.30
C3B HEC T . 2.55 12.86 -14.00
C4B HEC T . 1.13 12.89 -13.90
CMB HEC T . 4.20 12.66 -15.95
CAB HEC T . 3.39 13.20 -12.78
CBB HEC T . 4.90 13.32 -13.05
NC HEC T . -1.68 12.85 -13.67
C1C HEC T . -0.85 12.99 -12.60
C2C HEC T . -1.53 12.68 -11.37
C3C HEC T . -2.76 13.04 -11.68
C4C HEC T . -2.94 12.83 -13.12
CMC HEC T . -0.93 13.26 -10.06
CAC HEC T . -3.78 13.10 -10.53
CBC HEC T . -5.19 12.87 -11.03
ND HEC T . -3.18 12.76 -16.20
C1D HEC T . -4.19 12.68 -15.25
C2D HEC T . -5.47 12.68 -15.93
C3D HEC T . -5.16 12.87 -17.41
C4D HEC T . -3.73 12.90 -17.46
CMD HEC T . -6.83 12.58 -15.25
CAD HEC T . -6.07 12.96 -18.63
CBD HEC T . -6.30 11.57 -19.22
CGD HEC T . -7.27 11.66 -20.39
O1D HEC T . -7.82 10.57 -20.73
O2D HEC T . -7.57 12.78 -20.88
HHA HEC T . -3.55 13.27 -19.44
HHB HEC T . 2.26 12.05 -17.84
HHC HEC T . 1.02 13.23 -11.92
HHD HEC T . -4.88 12.37 -13.39
HMA1 HEC T . 2.22 13.10 -20.20
HMA2 HEC T . 1.29 12.65 -21.41
HMA3 HEC T . 1.89 11.55 -20.42
HAA1 HEC T . -2.54 12.88 -21.30
HAA2 HEC T . -1.24 12.19 -21.91
HBA1 HEC T . -0.54 14.05 -22.82
HBA2 HEC T . -1.14 14.96 -21.66
HMB1 HEC T . 4.63 13.53 -15.98
HMB2 HEC T . 4.10 12.32 -16.85
HMB3 HEC T . 4.76 12.05 -15.44
HAB HEC T . 3.08 14.05 -12.47
HBB1 HEC T . 5.04 13.89 -13.82
HMC1 HEC T . -0.95 12.59 -9.36
HMC2 HEC T . -1.46 14.02 -9.78
HMC3 HEC T . -0.02 13.53 -10.21
HAC HEC T . -3.75 13.99 -10.15
HBC1 HEC T . -5.21 12.05 -11.55
HBC2 HEC T . -5.46 13.61 -11.58
HBC3 HEC T . -5.79 12.79 -10.27
HMD1 HEC T . -7.45 13.21 -15.67
HMD2 HEC T . -6.74 12.79 -14.30
HMD3 HEC T . -7.17 11.66 -15.35
HAD1 HEC T . -5.66 13.52 -19.30
HAD2 HEC T . -6.93 13.32 -18.37
HBD1 HEC T . -6.66 10.99 -18.54
HBD2 HEC T . -5.44 11.23 -19.54
FE HEC U . 8.19 0.36 -45.95
CHA HEC U . 7.20 3.44 -46.65
CHB HEC U . 5.74 -0.92 -47.89
CHC HEC U . 9.55 -2.79 -45.70
CHD HEC U . 10.28 1.48 -43.55
NA HEC U . 6.74 1.08 -47.03
C1A HEC U . 6.44 2.41 -47.12
C2A HEC U . 5.23 2.55 -47.89
C3A HEC U . 4.80 1.35 -48.22
C4A HEC U . 5.77 0.42 -47.72
CMA HEC U . 3.53 1.02 -49.01
CAA HEC U . 4.52 3.87 -48.16
CBA HEC U . 4.30 4.72 -46.91
CGA HEC U . 3.05 4.33 -46.17
O1A HEC U . 3.01 4.50 -44.91
O2A HEC U . 2.05 3.98 -46.85
NB HEC U . 7.76 -1.49 -46.65
C1B HEC U . 6.74 -1.76 -47.52
C2B HEC U . 6.86 -3.10 -48.02
C3B HEC U . 7.91 -3.67 -47.41
C4B HEC U . 8.48 -2.66 -46.54
CMB HEC U . 5.79 -3.64 -48.99
CAB HEC U . 8.46 -5.11 -47.54
CBB HEC U . 7.89 -5.88 -48.74
NC HEC U . 9.63 -0.48 -44.91
C1C HEC U . 10.02 -1.79 -44.89
C2C HEC U . 11.26 -1.87 -44.14
C3C HEC U . 11.29 -0.80 -43.36
C4C HEC U . 10.37 0.16 -43.93
CMC HEC U . 11.82 -3.26 -43.76
CAC HEC U . 12.33 -0.31 -42.33
CBC HEC U . 13.54 -1.20 -41.97
ND HEC U . 8.68 2.19 -45.21
C1D HEC U . 9.58 2.45 -44.19
C2D HEC U . 9.62 3.88 -43.95
C3D HEC U . 8.69 4.49 -45.01
C4D HEC U . 8.14 3.36 -45.68
CMD HEC U . 10.55 4.56 -42.93
CAD HEC U . 8.27 5.94 -45.28
CBD HEC U . 8.03 6.80 -44.06
CGD HEC U . 6.61 7.32 -44.16
O1D HEC U . 6.43 8.25 -44.99
O2D HEC U . 5.69 6.85 -43.45
HHA HEC U . 7.04 4.32 -47.05
HHB HEC U . 4.95 -1.31 -48.30
HHC HEC U . 10.00 -3.66 -45.66
HHD HEC U . 10.78 1.75 -42.74
HMA1 HEC U . 3.73 0.37 -49.71
HMA2 HEC U . 3.18 1.85 -49.43
HMA3 HEC U . 2.85 0.66 -48.41
HAA1 HEC U . 3.65 3.68 -48.56
HAA2 HEC U . 5.04 4.39 -48.79
HBA1 HEC U . 4.24 5.64 -47.17
HBA2 HEC U . 5.07 4.59 -46.32
HMB1 HEC U . 5.18 -4.21 -48.51
HMB2 HEC U . 6.23 -4.15 -49.70
HMB3 HEC U . 5.30 -2.89 -49.37
HAB HEC U . 9.41 -5.05 -47.66
HBB1 HEC U . 8.39 -6.71 -48.85
HBB2 HEC U . 7.98 -5.33 -49.53
HBB3 HEC U . 6.96 -6.08 -48.58
HMC1 HEC U . 11.89 -3.33 -42.79
HMC2 HEC U . 12.70 -3.37 -44.15
HMC3 HEC U . 11.22 -3.95 -44.10
HAC HEC U . 12.72 0.48 -42.74
HBC1 HEC U . 14.33 -0.66 -41.95
HBC2 HEC U . 13.62 -1.90 -42.65
HBC3 HEC U . 13.38 -1.60 -41.11
HMD1 HEC U . 11.17 5.16 -43.40
HMD2 HEC U . 11.06 3.89 -42.44
HMD3 HEC U . 10.01 5.09 -42.30
HAD1 HEC U . 7.45 5.92 -45.81
HAD2 HEC U . 8.97 6.36 -45.81
HBD1 HEC U . 8.64 7.55 -44.04
HBD2 HEC U . 8.13 6.26 -43.26
FE HEC V . 0.25 1.22 -54.68
CHA HEC V . 1.58 4.44 -54.73
CHB HEC V . 2.92 0.30 -52.75
CHC HEC V . -1.10 -1.96 -54.33
CHD HEC V . -2.22 2.03 -56.69
NA HEC V . 1.98 2.21 -53.90
C1A HEC V . 2.31 3.55 -53.98
C2A HEC V . 3.55 3.81 -53.28
C3A HEC V . 3.90 2.65 -52.71
C4A HEC V . 2.93 1.63 -53.09
CMA HEC V . 5.12 2.41 -51.81
CAA HEC V . 4.27 5.18 -53.13
CBA HEC V . 4.18 5.95 -51.81
CGA HEC V . 2.89 6.68 -51.59
O1A HEC V . 2.21 6.34 -50.58
O2A HEC V . 2.56 7.59 -52.39
NB HEC V . 0.78 -0.45 -53.79
C1B HEC V . 1.91 -0.61 -53.02
C2B HEC V . 1.92 -1.97 -52.52
C3B HEC V . 0.79 -2.57 -52.88
C4B HEC V . 0.09 -1.64 -53.73
CMB HEC V . 3.01 -2.55 -51.60
CAB HEC V . 0.32 -4.03 -52.72
CBB HEC V . 1.08 -4.80 -51.63
NC HEC V . -1.35 0.19 -55.37
C1C HEC V . -1.79 -1.09 -55.12
C2C HEC V . -3.00 -1.34 -55.88
C3C HEC V . -3.34 -0.19 -56.44
C4C HEC V . -2.27 0.75 -56.19
CMC HEC V . -3.87 -2.60 -55.75
CAC HEC V . -4.56 0.17 -57.33
CBC HEC V . -5.87 -0.52 -56.97
ND HEC V . -0.24 2.91 -55.54
C1D HEC V . -1.33 3.01 -56.38
C2D HEC V . -1.41 4.34 -56.91
C3D HEC V . -0.22 5.08 -56.29
C4D HEC V . 0.44 4.13 -55.46
CMD HEC V . -2.45 4.89 -57.88
CAD HEC V . 0.19 6.54 -56.52
CBD HEC V . 0.97 6.70 -57.82
CGD HEC V . 2.34 6.05 -57.74
O1D HEC V . 3.09 6.38 -56.79
O2D HEC V . 2.63 5.11 -58.53
HHA HEC V . 1.89 5.38 -54.76
HHB HEC V . 3.71 -0.03 -52.27
HHC HEC V . -1.47 -2.86 -54.19
HHD HEC V . -2.91 2.26 -57.36
HMA1 HEC V . 5.62 1.64 -52.14
HMA2 HEC V . 4.83 2.26 -50.90
HMA3 HEC V . 5.70 3.21 -51.85
HAA1 HEC V . 3.92 5.76 -53.82
HAA2 HEC V . 5.21 5.02 -53.28
HBA1 HEC V . 4.90 6.61 -51.79
HBA2 HEC V . 4.30 5.33 -51.08
HMB1 HEC V . 2.62 -2.76 -50.73
HMB2 HEC V . 3.72 -1.91 -51.49
HMB3 HEC V . 3.37 -3.37 -51.99
HAB HEC V . -0.61 -4.01 -52.47
HBB1 HEC V . 1.06 -4.34 -50.79
HBB2 HEC V . 0.72 -5.70 -51.56
HMC1 HEC V . -4.04 -2.97 -56.63
HMC2 HEC V . -4.72 -2.36 -55.34
HMC3 HEC V . -3.42 -3.25 -55.20
HAC HEC V . -4.69 1.11 -57.22
HBC1 HEC V . -5.76 -1.48 -57.03
HBC2 HEC V . -6.56 -0.22 -57.58
HBC3 HEC V . -6.12 -0.28 -56.05
HMD1 HEC V . -2.93 5.64 -57.46
HMD2 HEC V . -3.10 4.19 -58.11
HMD3 HEC V . -2.01 5.20 -58.70
HAD1 HEC V . 0.75 6.81 -55.78
HAD2 HEC V . -0.60 7.08 -56.56
HBD1 HEC V . 1.08 7.64 -58.01
HBD2 HEC V . 0.47 6.29 -58.54
FE HEC W . 14.44 -4.94 -54.43
CHA HEC W . 12.62 -6.49 -56.77
CHB HEC W . 17.27 -5.27 -56.23
CHC HEC W . 16.23 -3.36 -51.95
CHD HEC W . 11.61 -4.52 -52.50
NA HEC W . 14.88 -5.70 -56.11
C1A HEC W . 13.96 -6.33 -56.91
C2A HEC W . 14.66 -6.97 -57.96
C3A HEC W . 15.96 -6.63 -57.87
C4A HEC W . 16.12 -5.82 -56.70
CMA HEC W . 17.08 -7.08 -58.83
CAA HEC W . 14.11 -7.81 -59.11
CBA HEC W . 14.39 -9.27 -58.73
CGA HEC W . 13.30 -9.98 -57.95
O1A HEC W . 12.15 -9.84 -58.44
O2A HEC W . 13.58 -10.68 -56.95
NB HEC W . 16.34 -4.40 -54.15
C1B HEC W . 17.37 -4.64 -55.02
C2B HEC W . 18.59 -4.13 -54.44
C3B HEC W . 18.30 -3.60 -53.26
C4B HEC W . 16.89 -3.77 -53.06
CMB HEC W . 19.95 -4.23 -55.15
CAB HEC W . 19.20 -2.96 -52.19
CBB HEC W . 20.45 -2.25 -52.75
NC HEC W . 14.02 -4.10 -52.60
C1C HEC W . 14.90 -3.52 -51.73
C2C HEC W . 14.25 -3.31 -50.46
C3C HEC W . 12.94 -3.38 -50.73
C4C HEC W . 12.79 -4.04 -51.99
CMC HEC W . 14.97 -2.40 -49.44
CAC HEC W . 11.70 -3.26 -49.83
CBC HEC W . 11.90 -2.34 -48.62
ND HEC W . 12.45 -5.45 -54.62
C1D HEC W . 11.44 -5.13 -53.72
C2D HEC W . 10.17 -5.50 -54.31
C3D HEC W . 10.48 -6.19 -55.64
C4D HEC W . 11.90 -6.04 -55.74
CMD HEC W . 8.78 -5.35 -53.66
CAD HEC W . 9.53 -6.71 -56.74
CBD HEC W . 9.05 -8.15 -56.59
CGD HEC W . 8.14 -8.54 -57.76
O1D HEC W . 7.28 -9.44 -57.62
O2D HEC W . 8.19 -7.90 -58.84
HHA HEC W . 12.14 -6.95 -57.48
HHB HEC W . 18.08 -5.33 -56.79
HHC HEC W . 16.75 -2.93 -51.25
HHD HEC W . 10.82 -4.43 -51.95
HMA1 HEC W . 17.74 -7.62 -58.34
HMA2 HEC W . 17.52 -6.29 -59.22
HMA3 HEC W . 16.70 -7.63 -59.55
HAA1 HEC W . 14.54 -7.58 -59.94
HAA2 HEC W . 13.15 -7.66 -59.19
HBA1 HEC W . 15.20 -9.29 -58.20
HBA2 HEC W . 14.53 -9.76 -59.55
HMB1 HEC W . 20.29 -3.34 -55.33
HMB2 HEC W . 19.86 -4.72 -55.97
HMB3 HEC W . 20.58 -4.69 -54.56
HAB HEC W . 18.68 -2.28 -51.75
HBB1 HEC W . 21.02 -2.92 -53.15
HBB2 HEC W . 20.91 -1.81 -52.03
HBB3 HEC W . 20.17 -1.61 -53.42
HMC1 HEC W . 14.44 -1.61 -49.29
HMC2 HEC W . 15.84 -2.15 -49.78
HMC3 HEC W . 15.08 -2.88 -48.60
HAC HEC W . 11.00 -2.88 -50.36
HBC1 HEC W . 11.81 -1.41 -48.91
HBC2 HEC W . 12.79 -2.48 -48.26
HBC3 HEC W . 11.23 -2.55 -47.94
HMD1 HEC W . 8.29 -6.18 -53.76
HMD2 HEC W . 8.29 -4.62 -54.09
HMD3 HEC W . 8.90 -5.15 -52.70
HAD1 HEC W . 10.00 -6.64 -57.59
HAD2 HEC W . 8.75 -6.13 -56.76
HBD1 HEC W . 8.56 -8.25 -55.76
HBD2 HEC W . 9.82 -8.75 -56.58
FE HEC X . 23.18 -0.03 -56.23
CHA HEC X . 26.22 1.33 -54.64
CHB HEC X . 25.23 -1.52 -58.40
CHC HEC X . 20.46 -1.20 -57.57
CHD HEC X . 21.38 1.73 -53.85
NA HEC X . 25.37 -0.07 -56.41
C1A HEC X . 26.41 0.58 -55.77
C2A HEC X . 27.69 0.27 -56.43
C3A HEC X . 27.35 -0.52 -57.45
C4A HEC X . 25.91 -0.74 -57.48
CMA HEC X . 28.31 -1.12 -58.49
CAA HEC X . 29.10 0.79 -55.96
CBA HEC X . 29.35 2.29 -55.76
CGA HEC X . 30.28 2.97 -56.75
O1A HEC X . 30.36 4.23 -56.75
O2A HEC X . 30.93 2.26 -57.58
NB HEC X . 22.90 -1.13 -57.72
C1B HEC X . 23.85 -1.68 -58.53
C2B HEC X . 23.15 -2.45 -59.54
C3B HEC X . 21.83 -2.29 -59.37
C4B HEC X . 21.66 -1.53 -58.16
CMB HEC X . 23.83 -3.17 -60.72
CAB HEC X . 20.61 -2.92 -60.10
CBB HEC X . 20.77 -4.34 -60.65
NC HEC X . 21.29 0.22 -55.76
C1C HEC X . 20.30 -0.40 -56.47
C2C HEC X . 19.04 -0.06 -55.87
C3C HEC X . 19.28 0.77 -54.84
C4C HEC X . 20.71 0.96 -54.76
CMC HEC X . 17.71 -0.62 -56.45
CAC HEC X . 18.30 1.44 -53.84
CBC HEC X . 17.06 0.56 -53.61
ND HEC X . 23.73 1.25 -54.50
C1D HEC X . 22.75 1.92 -53.75
C2D HEC X . 23.38 2.85 -52.84
C3D HEC X . 24.89 2.68 -53.06
C4D HEC X . 25.00 1.71 -54.13
CMD HEC X . 22.68 3.75 -51.81
CAD HEC X . 26.06 3.45 -52.37
CBD HEC X . 26.13 4.94 -52.75
CGD HEC X . 26.55 5.26 -54.19
O1D HEC X . 25.66 5.68 -54.97
O2D HEC X . 27.69 4.94 -54.60
HHA HEC X . 27.02 1.60 -54.14
HHB HEC X . 25.78 -2.01 -59.04
HHC HEC X . 19.66 -1.58 -57.98
HHD HEC X . 20.83 2.21 -53.18
HMA1 HEC X . 28.35 -2.08 -58.38
HMA2 HEC X . 29.21 -0.74 -58.37
HMA3 HEC X . 27.98 -0.91 -59.39
HAA1 HEC X . 29.73 0.49 -56.63
HAA2 HEC X . 29.30 0.35 -55.11
HBA1 HEC X . 29.74 2.40 -54.88
HBA2 HEC X . 28.49 2.74 -55.80
HMB1 HEC X . 23.64 -4.12 -60.67
HMB2 HEC X . 24.79 -3.03 -60.68
HMB3 HEC X . 23.48 -2.83 -61.55
HAB HEC X . 19.91 -2.97 -59.42
HBB1 HEC X . 21.50 -4.35 -61.29
HBB2 HEC X . 19.95 -4.60 -61.09
HBB3 HEC X . 20.97 -4.94 -59.92
HMC1 HEC X . 17.44 -1.38 -55.92
HMC2 HEC X . 17.85 -0.90 -57.36
HMC3 HEC X . 17.03 0.06 -56.40
HAC HEC X . 18.75 1.53 -53.01
HBC1 HEC X . 16.82 0.60 -52.67
HBC2 HEC X . 17.26 -0.35 -53.87
HBC3 HEC X . 16.33 0.91 -54.15
HMD1 HEC X . 22.90 4.69 -51.99
HMD2 HEC X . 22.98 3.52 -50.91
HMD3 HEC X . 21.71 3.63 -51.87
HAD1 HEC X . 26.90 3.03 -52.62
HAD2 HEC X . 25.95 3.38 -51.41
HBD1 HEC X . 26.77 5.37 -52.16
HBD2 HEC X . 25.25 5.33 -52.60
FE HEC Y . 27.67 -1.81 -64.31
CHA HEC Y . 29.04 0.16 -61.73
CHB HEC Y . 24.68 -0.65 -63.59
CHC HEC Y . 26.55 -3.45 -67.10
CHD HEC Y . 30.74 -3.28 -64.73
NA HEC Y . 27.02 -0.50 -62.89
C1A HEC Y . 27.72 0.24 -61.95
C2A HEC Y . 26.83 1.02 -61.16
C3A HEC Y . 25.59 0.80 -61.67
C4A HEC Y . 25.70 -0.16 -62.78
CMA HEC Y . 24.23 1.40 -61.21
CAA HEC Y . 27.12 1.98 -59.96
CBA HEC Y . 27.29 3.49 -60.13
CGA HEC Y . 28.44 4.24 -59.47
O1A HEC Y . 29.65 3.92 -59.53
O2A HEC Y . 28.06 5.27 -58.84
NB HEC Y . 25.99 -2.00 -65.21
C1B HEC Y . 24.82 -1.41 -64.75
C2B HEC Y . 23.79 -1.72 -65.71
C3B HEC Y . 24.30 -2.50 -66.69
C4B HEC Y . 25.69 -2.69 -66.36
CMB HEC Y . 22.33 -1.26 -65.55
CAB HEC Y . 23.66 -3.18 -67.93
CBB HEC Y . 22.30 -2.62 -68.37
NC HEC Y . 28.48 -3.13 -65.68
C1C HEC Y . 27.85 -3.67 -66.77
C2C HEC Y . 28.79 -4.52 -67.48
C3C HEC Y . 29.97 -4.42 -66.85
C4C HEC Y . 29.78 -3.58 -65.68
CMC HEC Y . 28.43 -5.20 -68.82
CAC HEC Y . 31.37 -5.06 -67.14
CBC HEC Y . 31.71 -5.49 -68.58
ND HEC Y . 29.55 -1.62 -63.35
C1D HEC Y . 30.66 -2.33 -63.75
C2D HEC Y . 31.78 -1.94 -62.91
C3D HEC Y . 31.25 -0.87 -61.96
C4D HEC Y . 29.87 -0.72 -62.33
CMD HEC Y . 33.22 -2.46 -62.93
CAD HEC Y . 32.05 -0.12 -60.86
CBD HEC Y . 32.14 1.37 -61.16
CGD HEC Y . 32.88 1.61 -62.46
O1D HEC Y . 34.09 1.25 -62.56
O2D HEC Y . 32.25 2.17 -63.39
HHA HEC Y . 29.43 0.78 -61.08
HHB HEC Y . 23.77 -0.44 -63.31
HHC HEC Y . 26.22 -3.84 -67.93
HHD HEC Y . 31.55 -3.81 -64.77
HMA1 HEC Y . 23.76 1.75 -61.98
HMA2 HEC Y . 24.41 2.13 -60.57
HMA3 HEC Y . 23.69 0.71 -60.78
HAA1 HEC Y . 27.94 1.66 -59.56
HAA2 HEC Y . 26.38 1.86 -59.33
HBA1 HEC Y . 26.48 3.91 -59.81
HBA2 HEC Y . 27.38 3.65 -61.09
HMB1 HEC Y . 22.06 -0.77 -66.35
HMB2 HEC Y . 22.26 -0.67 -64.78
HMB3 HEC Y . 21.75 -2.03 -65.43
HAB HEC Y . 24.27 -3.01 -68.66
HBB1 HEC Y . 22.42 -1.71 -68.70
HBB2 HEC Y . 21.95 -3.18 -69.09
HBB3 HEC Y . 21.69 -2.62 -67.61
HMC1 HEC Y . 29.10 -4.97 -69.48
HMC2 HEC Y . 27.56 -4.88 -69.12
HMC3 HEC Y . 28.40 -6.16 -68.70
HAC HEC Y . 32.01 -4.37 -66.93
HBC1 HEC Y . 30.97 -6.01 -68.93
HBC2 HEC Y . 32.52 -6.03 -68.56
HBC3 HEC Y . 31.85 -4.70 -69.12
HMD1 HEC Y . 33.43 -2.85 -62.05
HMD2 HEC Y . 33.83 -1.73 -63.11
HMD3 HEC Y . 33.30 -3.15 -63.62
HAD1 HEC Y . 32.95 -0.49 -60.82
HAD2 HEC Y . 31.61 -0.25 -60.01
HBD1 HEC Y . 32.61 1.81 -60.44
HBD2 HEC Y . 31.25 1.73 -61.24
CA CA Z . -6.88 -17.62 -50.93
CA CA AA . 3.69 6.04 -63.24
#